data_3F5B
# 
_entry.id   3F5B 
# 
_audit_conform.dict_name       mmcif_pdbx.dic 
_audit_conform.dict_version    5.397 
_audit_conform.dict_location   http://mmcif.pdb.org/dictionaries/ascii/mmcif_pdbx.dic 
# 
loop_
_database_2.database_id 
_database_2.database_code 
_database_2.pdbx_database_accession 
_database_2.pdbx_DOI 
PDB   3F5B         pdb_00003f5b 10.2210/pdb3f5b/pdb 
RCSB  RCSB050164   ?            ?                   
WWPDB D_1000050164 ?            ?                   
# 
loop_
_pdbx_audit_revision_history.ordinal 
_pdbx_audit_revision_history.data_content_type 
_pdbx_audit_revision_history.major_revision 
_pdbx_audit_revision_history.minor_revision 
_pdbx_audit_revision_history.revision_date 
1 'Structure model' 1 0 2008-11-18 
2 'Structure model' 1 1 2011-07-13 
3 'Structure model' 1 2 2023-12-27 
4 'Structure model' 1 3 2024-10-30 
# 
_pdbx_audit_revision_details.ordinal             1 
_pdbx_audit_revision_details.revision_ordinal    1 
_pdbx_audit_revision_details.data_content_type   'Structure model' 
_pdbx_audit_revision_details.provider            repository 
_pdbx_audit_revision_details.type                'Initial release' 
_pdbx_audit_revision_details.description         ? 
_pdbx_audit_revision_details.details             ? 
# 
loop_
_pdbx_audit_revision_group.ordinal 
_pdbx_audit_revision_group.revision_ordinal 
_pdbx_audit_revision_group.data_content_type 
_pdbx_audit_revision_group.group 
1 2 'Structure model' Advisory                    
2 2 'Structure model' 'Refinement description'    
3 2 'Structure model' 'Source and taxonomy'       
4 2 'Structure model' 'Version format compliance' 
5 3 'Structure model' 'Data collection'           
6 3 'Structure model' 'Database references'       
7 3 'Structure model' 'Derived calculations'      
8 4 'Structure model' 'Structure summary'         
# 
loop_
_pdbx_audit_revision_category.ordinal 
_pdbx_audit_revision_category.revision_ordinal 
_pdbx_audit_revision_category.data_content_type 
_pdbx_audit_revision_category.category 
1 3 'Structure model' chem_comp_atom            
2 3 'Structure model' chem_comp_bond            
3 3 'Structure model' database_2                
4 3 'Structure model' struct_conn               
5 3 'Structure model' struct_site               
6 4 'Structure model' pdbx_entry_details        
7 4 'Structure model' pdbx_modification_feature 
# 
loop_
_pdbx_audit_revision_item.ordinal 
_pdbx_audit_revision_item.revision_ordinal 
_pdbx_audit_revision_item.data_content_type 
_pdbx_audit_revision_item.item 
1 3 'Structure model' '_database_2.pdbx_DOI'                
2 3 'Structure model' '_database_2.pdbx_database_accession' 
3 3 'Structure model' '_struct_conn.pdbx_leaving_atom_flag' 
4 3 'Structure model' '_struct_site.pdbx_auth_asym_id'      
5 3 'Structure model' '_struct_site.pdbx_auth_comp_id'      
6 3 'Structure model' '_struct_site.pdbx_auth_seq_id'       
# 
_pdbx_database_status.status_code                     REL 
_pdbx_database_status.entry_id                        3F5B 
_pdbx_database_status.recvd_initial_deposition_date   2008-11-03 
_pdbx_database_status.deposit_site                    RCSB 
_pdbx_database_status.process_site                    RCSB 
_pdbx_database_status.status_code_sf                  REL 
_pdbx_database_status.status_code_mr                  ? 
_pdbx_database_status.SG_entry                        Y 
_pdbx_database_status.pdb_format_compatible           Y 
_pdbx_database_status.status_code_cs                  ? 
_pdbx_database_status.status_code_nmr_data            ? 
_pdbx_database_status.methods_development_category    ? 
# 
_pdbx_database_related.db_name        TargetDB 
_pdbx_database_related.db_id          APC60744 
_pdbx_database_related.details        . 
_pdbx_database_related.content_type   unspecified 
# 
loop_
_audit_author.name 
_audit_author.pdbx_ordinal 
'Tan, K.'                                       1 
'Wu, R.'                                        2 
'Perez, V.'                                     3 
'Jedrzejczak, R.'                               4 
'Joachimiak, A.'                                5 
'Midwest Center for Structural Genomics (MCSG)' 6 
# 
_citation.id                        primary 
_citation.title                     
;The crystal structure of aminoglycoside N(6')acetyltransferase from Legionella pneumophila subsp. pneumophila str. Philadelphia 1.
;
_citation.journal_abbrev            'To be Published' 
_citation.journal_volume            ? 
_citation.page_first                ? 
_citation.page_last                 ? 
_citation.year                      ? 
_citation.journal_id_ASTM           ? 
_citation.country                   ? 
_citation.journal_id_ISSN           ? 
_citation.journal_id_CSD            0353 
_citation.book_publisher            ? 
_citation.pdbx_database_id_PubMed   ? 
_citation.pdbx_database_id_DOI      ? 
# 
loop_
_citation_author.citation_id 
_citation_author.name 
_citation_author.ordinal 
_citation_author.identifier_ORCID 
primary 'Tan, K.'         1 ? 
primary 'Wu, R.'          2 ? 
primary 'Perez, V.'       3 ? 
primary 'Jedrzejczak, R.' 4 ? 
primary 'Joachimiak, A.'  5 ? 
# 
loop_
_entity.id 
_entity.type 
_entity.src_method 
_entity.pdbx_description 
_entity.formula_weight 
_entity.pdbx_number_of_molecules 
_entity.pdbx_ec 
_entity.pdbx_mutation 
_entity.pdbx_fragment 
_entity.details 
1 polymer     man 
;Aminoglycoside N(6')acetyltransferase
;
21396.748 1  ? ? ? ? 
2 non-polymer syn 'PHOSPHATE ION'                         94.971    1  ? ? ? ? 
3 non-polymer syn 'ACETATE ION'                           59.044    1  ? ? ? ? 
4 non-polymer syn CYCLOHEXANE                             84.159    1  ? ? ? ? 
5 non-polymer syn 'FORMIC ACID'                           46.025    4  ? ? ? ? 
6 non-polymer syn 1,2-ETHANEDIOL                          62.068    1  ? ? ? ? 
7 water       nat water                                   18.015    90 ? ? ? ? 
# 
_entity_poly.entity_id                      1 
_entity_poly.type                           'polypeptide(L)' 
_entity_poly.nstd_linkage                   no 
_entity_poly.nstd_monomer                   yes 
_entity_poly.pdbx_seq_one_letter_code       
;SNA(MSE)(MSE)IKASTNEFRFCFKQ(MSE)NKSQHELVLGWIHQPHINEWLHGDGLSNTIKDLHEFLNDGKPWATHWI
AYDNEIPFAYLITSEIEKSEEYPDGAVTLDLFICRLDYIGKGLSVQ(MSE)IHEFILSQFSDTKIVLINPEISNERAVHV
YKKAGFEIIGEFIASWHPVPHYK(MSE)KLCIEDLKKQRLSA
;
_entity_poly.pdbx_seq_one_letter_code_can   
;SNAMMIKASTNEFRFCFKQMNKSQHELVLGWIHQPHINEWLHGDGLSNTIKDLHEFLNDGKPWATHWIAYDNEIPFAYLI
TSEIEKSEEYPDGAVTLDLFICRLDYIGKGLSVQMIHEFILSQFSDTKIVLINPEISNERAVHVYKKAGFEIIGEFIASW
HPVPHYKMKLCIEDLKKQRLSA
;
_entity_poly.pdbx_strand_id                 A 
_entity_poly.pdbx_target_identifier         APC60744 
# 
loop_
_pdbx_entity_nonpoly.entity_id 
_pdbx_entity_nonpoly.name 
_pdbx_entity_nonpoly.comp_id 
2 'PHOSPHATE ION' PO4 
3 'ACETATE ION'   ACT 
4 CYCLOHEXANE     CHX 
5 'FORMIC ACID'   FMT 
6 1,2-ETHANEDIOL  EDO 
7 water           HOH 
# 
loop_
_entity_poly_seq.entity_id 
_entity_poly_seq.num 
_entity_poly_seq.mon_id 
_entity_poly_seq.hetero 
1 1   SER n 
1 2   ASN n 
1 3   ALA n 
1 4   MSE n 
1 5   MSE n 
1 6   ILE n 
1 7   LYS n 
1 8   ALA n 
1 9   SER n 
1 10  THR n 
1 11  ASN n 
1 12  GLU n 
1 13  PHE n 
1 14  ARG n 
1 15  PHE n 
1 16  CYS n 
1 17  PHE n 
1 18  LYS n 
1 19  GLN n 
1 20  MSE n 
1 21  ASN n 
1 22  LYS n 
1 23  SER n 
1 24  GLN n 
1 25  HIS n 
1 26  GLU n 
1 27  LEU n 
1 28  VAL n 
1 29  LEU n 
1 30  GLY n 
1 31  TRP n 
1 32  ILE n 
1 33  HIS n 
1 34  GLN n 
1 35  PRO n 
1 36  HIS n 
1 37  ILE n 
1 38  ASN n 
1 39  GLU n 
1 40  TRP n 
1 41  LEU n 
1 42  HIS n 
1 43  GLY n 
1 44  ASP n 
1 45  GLY n 
1 46  LEU n 
1 47  SER n 
1 48  ASN n 
1 49  THR n 
1 50  ILE n 
1 51  LYS n 
1 52  ASP n 
1 53  LEU n 
1 54  HIS n 
1 55  GLU n 
1 56  PHE n 
1 57  LEU n 
1 58  ASN n 
1 59  ASP n 
1 60  GLY n 
1 61  LYS n 
1 62  PRO n 
1 63  TRP n 
1 64  ALA n 
1 65  THR n 
1 66  HIS n 
1 67  TRP n 
1 68  ILE n 
1 69  ALA n 
1 70  TYR n 
1 71  ASP n 
1 72  ASN n 
1 73  GLU n 
1 74  ILE n 
1 75  PRO n 
1 76  PHE n 
1 77  ALA n 
1 78  TYR n 
1 79  LEU n 
1 80  ILE n 
1 81  THR n 
1 82  SER n 
1 83  GLU n 
1 84  ILE n 
1 85  GLU n 
1 86  LYS n 
1 87  SER n 
1 88  GLU n 
1 89  GLU n 
1 90  TYR n 
1 91  PRO n 
1 92  ASP n 
1 93  GLY n 
1 94  ALA n 
1 95  VAL n 
1 96  THR n 
1 97  LEU n 
1 98  ASP n 
1 99  LEU n 
1 100 PHE n 
1 101 ILE n 
1 102 CYS n 
1 103 ARG n 
1 104 LEU n 
1 105 ASP n 
1 106 TYR n 
1 107 ILE n 
1 108 GLY n 
1 109 LYS n 
1 110 GLY n 
1 111 LEU n 
1 112 SER n 
1 113 VAL n 
1 114 GLN n 
1 115 MSE n 
1 116 ILE n 
1 117 HIS n 
1 118 GLU n 
1 119 PHE n 
1 120 ILE n 
1 121 LEU n 
1 122 SER n 
1 123 GLN n 
1 124 PHE n 
1 125 SER n 
1 126 ASP n 
1 127 THR n 
1 128 LYS n 
1 129 ILE n 
1 130 VAL n 
1 131 LEU n 
1 132 ILE n 
1 133 ASN n 
1 134 PRO n 
1 135 GLU n 
1 136 ILE n 
1 137 SER n 
1 138 ASN n 
1 139 GLU n 
1 140 ARG n 
1 141 ALA n 
1 142 VAL n 
1 143 HIS n 
1 144 VAL n 
1 145 TYR n 
1 146 LYS n 
1 147 LYS n 
1 148 ALA n 
1 149 GLY n 
1 150 PHE n 
1 151 GLU n 
1 152 ILE n 
1 153 ILE n 
1 154 GLY n 
1 155 GLU n 
1 156 PHE n 
1 157 ILE n 
1 158 ALA n 
1 159 SER n 
1 160 TRP n 
1 161 HIS n 
1 162 PRO n 
1 163 VAL n 
1 164 PRO n 
1 165 HIS n 
1 166 TYR n 
1 167 LYS n 
1 168 MSE n 
1 169 LYS n 
1 170 LEU n 
1 171 CYS n 
1 172 ILE n 
1 173 GLU n 
1 174 ASP n 
1 175 LEU n 
1 176 LYS n 
1 177 LYS n 
1 178 GLN n 
1 179 ARG n 
1 180 LEU n 
1 181 SER n 
1 182 ALA n 
# 
_entity_src_gen.entity_id                          1 
_entity_src_gen.pdbx_src_id                        1 
_entity_src_gen.pdbx_alt_source_flag               sample 
_entity_src_gen.pdbx_seq_type                      ? 
_entity_src_gen.pdbx_beg_seq_num                   ? 
_entity_src_gen.pdbx_end_seq_num                   ? 
_entity_src_gen.gene_src_common_name               ? 
_entity_src_gen.gene_src_genus                     ? 
_entity_src_gen.pdbx_gene_src_gene                 'aacA4, Legionella pneumophila subsp. pneumophila, lpg0979' 
_entity_src_gen.gene_src_species                   ? 
_entity_src_gen.gene_src_strain                    'str. Philadelphia 1' 
_entity_src_gen.gene_src_tissue                    ? 
_entity_src_gen.gene_src_tissue_fraction           ? 
_entity_src_gen.gene_src_details                   ? 
_entity_src_gen.pdbx_gene_src_fragment             ? 
_entity_src_gen.pdbx_gene_src_scientific_name      'Legionella pneumophila subsp. pneumophila' 
_entity_src_gen.pdbx_gene_src_ncbi_taxonomy_id     272624 
_entity_src_gen.pdbx_gene_src_variant              ? 
_entity_src_gen.pdbx_gene_src_cell_line            ? 
_entity_src_gen.pdbx_gene_src_atcc                 ? 
_entity_src_gen.pdbx_gene_src_organ                ? 
_entity_src_gen.pdbx_gene_src_organelle            ? 
_entity_src_gen.pdbx_gene_src_cell                 ? 
_entity_src_gen.pdbx_gene_src_cellular_location    ? 
_entity_src_gen.host_org_common_name               ? 
_entity_src_gen.pdbx_host_org_scientific_name      'Escherichia coli' 
_entity_src_gen.pdbx_host_org_ncbi_taxonomy_id     ? 
_entity_src_gen.host_org_genus                     ? 
_entity_src_gen.pdbx_host_org_gene                 ? 
_entity_src_gen.pdbx_host_org_organ                ? 
_entity_src_gen.host_org_species                   ? 
_entity_src_gen.pdbx_host_org_tissue               ? 
_entity_src_gen.pdbx_host_org_tissue_fraction      ? 
_entity_src_gen.pdbx_host_org_strain               BL21 
_entity_src_gen.pdbx_host_org_variant              ? 
_entity_src_gen.pdbx_host_org_cell_line            ? 
_entity_src_gen.pdbx_host_org_atcc                 ? 
_entity_src_gen.pdbx_host_org_culture_collection   ? 
_entity_src_gen.pdbx_host_org_cell                 ? 
_entity_src_gen.pdbx_host_org_organelle            ? 
_entity_src_gen.pdbx_host_org_cellular_location    ? 
_entity_src_gen.pdbx_host_org_vector_type          plasmid 
_entity_src_gen.pdbx_host_org_vector               ? 
_entity_src_gen.host_org_details                   ? 
_entity_src_gen.expression_system_id               ? 
_entity_src_gen.plasmid_name                       pMCSG19 
_entity_src_gen.plasmid_details                    ? 
_entity_src_gen.pdbx_description                   ? 
# 
loop_
_chem_comp.id 
_chem_comp.type 
_chem_comp.mon_nstd_flag 
_chem_comp.name 
_chem_comp.pdbx_synonyms 
_chem_comp.formula 
_chem_comp.formula_weight 
ACT non-polymer         . 'ACETATE ION'    ?                 'C2 H3 O2 -1'    59.044  
ALA 'L-peptide linking' y ALANINE          ?                 'C3 H7 N O2'     89.093  
ARG 'L-peptide linking' y ARGININE         ?                 'C6 H15 N4 O2 1' 175.209 
ASN 'L-peptide linking' y ASPARAGINE       ?                 'C4 H8 N2 O3'    132.118 
ASP 'L-peptide linking' y 'ASPARTIC ACID'  ?                 'C4 H7 N O4'     133.103 
CHX non-polymer         . CYCLOHEXANE      ?                 'C6 H12'         84.159  
CYS 'L-peptide linking' y CYSTEINE         ?                 'C3 H7 N O2 S'   121.158 
EDO non-polymer         . 1,2-ETHANEDIOL   'ETHYLENE GLYCOL' 'C2 H6 O2'       62.068  
FMT non-polymer         . 'FORMIC ACID'    ?                 'C H2 O2'        46.025  
GLN 'L-peptide linking' y GLUTAMINE        ?                 'C5 H10 N2 O3'   146.144 
GLU 'L-peptide linking' y 'GLUTAMIC ACID'  ?                 'C5 H9 N O4'     147.129 
GLY 'peptide linking'   y GLYCINE          ?                 'C2 H5 N O2'     75.067  
HIS 'L-peptide linking' y HISTIDINE        ?                 'C6 H10 N3 O2 1' 156.162 
HOH non-polymer         . WATER            ?                 'H2 O'           18.015  
ILE 'L-peptide linking' y ISOLEUCINE       ?                 'C6 H13 N O2'    131.173 
LEU 'L-peptide linking' y LEUCINE          ?                 'C6 H13 N O2'    131.173 
LYS 'L-peptide linking' y LYSINE           ?                 'C6 H15 N2 O2 1' 147.195 
MSE 'L-peptide linking' n SELENOMETHIONINE ?                 'C5 H11 N O2 Se' 196.106 
PHE 'L-peptide linking' y PHENYLALANINE    ?                 'C9 H11 N O2'    165.189 
PO4 non-polymer         . 'PHOSPHATE ION'  ?                 'O4 P -3'        94.971  
PRO 'L-peptide linking' y PROLINE          ?                 'C5 H9 N O2'     115.130 
SER 'L-peptide linking' y SERINE           ?                 'C3 H7 N O3'     105.093 
THR 'L-peptide linking' y THREONINE        ?                 'C4 H9 N O3'     119.119 
TRP 'L-peptide linking' y TRYPTOPHAN       ?                 'C11 H12 N2 O2'  204.225 
TYR 'L-peptide linking' y TYROSINE         ?                 'C9 H11 N O3'    181.189 
VAL 'L-peptide linking' y VALINE           ?                 'C5 H11 N O2'    117.146 
# 
loop_
_pdbx_poly_seq_scheme.asym_id 
_pdbx_poly_seq_scheme.entity_id 
_pdbx_poly_seq_scheme.seq_id 
_pdbx_poly_seq_scheme.mon_id 
_pdbx_poly_seq_scheme.ndb_seq_num 
_pdbx_poly_seq_scheme.pdb_seq_num 
_pdbx_poly_seq_scheme.auth_seq_num 
_pdbx_poly_seq_scheme.pdb_mon_id 
_pdbx_poly_seq_scheme.auth_mon_id 
_pdbx_poly_seq_scheme.pdb_strand_id 
_pdbx_poly_seq_scheme.pdb_ins_code 
_pdbx_poly_seq_scheme.hetero 
A 1 1   SER 1   -2  ?   ?   ?   A . n 
A 1 2   ASN 2   -1  -1  ASN ASN A . n 
A 1 3   ALA 3   0   0   ALA ALA A . n 
A 1 4   MSE 4   1   1   MSE MSE A . n 
A 1 5   MSE 5   2   2   MSE MSE A . n 
A 1 6   ILE 6   3   ?   ?   ?   A . n 
A 1 7   LYS 7   4   ?   ?   ?   A . n 
A 1 8   ALA 8   5   ?   ?   ?   A . n 
A 1 9   SER 9   6   ?   ?   ?   A . n 
A 1 10  THR 10  7   ?   ?   ?   A . n 
A 1 11  ASN 11  8   ?   ?   ?   A . n 
A 1 12  GLU 12  9   9   GLU GLU A . n 
A 1 13  PHE 13  10  10  PHE PHE A . n 
A 1 14  ARG 14  11  11  ARG ARG A . n 
A 1 15  PHE 15  12  12  PHE PHE A . n 
A 1 16  CYS 16  13  13  CYS CYS A . n 
A 1 17  PHE 17  14  14  PHE PHE A . n 
A 1 18  LYS 18  15  15  LYS LYS A . n 
A 1 19  GLN 19  16  16  GLN GLN A . n 
A 1 20  MSE 20  17  17  MSE MSE A . n 
A 1 21  ASN 21  18  18  ASN ASN A . n 
A 1 22  LYS 22  19  19  LYS LYS A . n 
A 1 23  SER 23  20  20  SER SER A . n 
A 1 24  GLN 24  21  21  GLN GLN A . n 
A 1 25  HIS 25  22  22  HIS HIS A . n 
A 1 26  GLU 26  23  23  GLU GLU A . n 
A 1 27  LEU 27  24  24  LEU LEU A . n 
A 1 28  VAL 28  25  25  VAL VAL A . n 
A 1 29  LEU 29  26  26  LEU LEU A . n 
A 1 30  GLY 30  27  27  GLY GLY A . n 
A 1 31  TRP 31  28  28  TRP TRP A . n 
A 1 32  ILE 32  29  29  ILE ILE A . n 
A 1 33  HIS 33  30  30  HIS HIS A . n 
A 1 34  GLN 34  31  31  GLN GLN A . n 
A 1 35  PRO 35  32  32  PRO PRO A . n 
A 1 36  HIS 36  33  33  HIS HIS A . n 
A 1 37  ILE 37  34  34  ILE ILE A . n 
A 1 38  ASN 38  35  35  ASN ASN A . n 
A 1 39  GLU 39  36  36  GLU GLU A . n 
A 1 40  TRP 40  37  37  TRP TRP A . n 
A 1 41  LEU 41  38  38  LEU LEU A . n 
A 1 42  HIS 42  39  39  HIS HIS A . n 
A 1 43  GLY 43  40  40  GLY GLY A . n 
A 1 44  ASP 44  41  41  ASP ASP A . n 
A 1 45  GLY 45  42  42  GLY GLY A . n 
A 1 46  LEU 46  43  43  LEU LEU A . n 
A 1 47  SER 47  44  44  SER SER A . n 
A 1 48  ASN 48  45  45  ASN ASN A . n 
A 1 49  THR 49  46  46  THR THR A . n 
A 1 50  ILE 50  47  47  ILE ILE A . n 
A 1 51  LYS 51  48  48  LYS LYS A . n 
A 1 52  ASP 52  49  49  ASP ASP A . n 
A 1 53  LEU 53  50  50  LEU LEU A . n 
A 1 54  HIS 54  51  51  HIS HIS A . n 
A 1 55  GLU 55  52  52  GLU GLU A . n 
A 1 56  PHE 56  53  53  PHE PHE A . n 
A 1 57  LEU 57  54  54  LEU LEU A . n 
A 1 58  ASN 58  55  55  ASN ASN A . n 
A 1 59  ASP 59  56  56  ASP ASP A . n 
A 1 60  GLY 60  57  57  GLY GLY A . n 
A 1 61  LYS 61  58  58  LYS LYS A . n 
A 1 62  PRO 62  59  59  PRO PRO A . n 
A 1 63  TRP 63  60  60  TRP TRP A . n 
A 1 64  ALA 64  61  61  ALA ALA A . n 
A 1 65  THR 65  62  62  THR THR A . n 
A 1 66  HIS 66  63  63  HIS HIS A . n 
A 1 67  TRP 67  64  64  TRP TRP A . n 
A 1 68  ILE 68  65  65  ILE ILE A . n 
A 1 69  ALA 69  66  66  ALA ALA A . n 
A 1 70  TYR 70  67  67  TYR TYR A . n 
A 1 71  ASP 71  68  68  ASP ASP A . n 
A 1 72  ASN 72  69  69  ASN ASN A . n 
A 1 73  GLU 73  70  70  GLU GLU A . n 
A 1 74  ILE 74  71  71  ILE ILE A . n 
A 1 75  PRO 75  72  72  PRO PRO A . n 
A 1 76  PHE 76  73  73  PHE PHE A . n 
A 1 77  ALA 77  74  74  ALA ALA A . n 
A 1 78  TYR 78  75  75  TYR TYR A . n 
A 1 79  LEU 79  76  76  LEU LEU A . n 
A 1 80  ILE 80  77  77  ILE ILE A . n 
A 1 81  THR 81  78  78  THR THR A . n 
A 1 82  SER 82  79  79  SER SER A . n 
A 1 83  GLU 83  80  80  GLU GLU A . n 
A 1 84  ILE 84  81  81  ILE ILE A . n 
A 1 85  GLU 85  82  82  GLU GLU A . n 
A 1 86  LYS 86  83  83  LYS LYS A . n 
A 1 87  SER 87  84  84  SER SER A . n 
A 1 88  GLU 88  85  85  GLU GLU A . n 
A 1 89  GLU 89  86  86  GLU GLU A . n 
A 1 90  TYR 90  87  87  TYR TYR A . n 
A 1 91  PRO 91  88  88  PRO PRO A . n 
A 1 92  ASP 92  89  89  ASP ASP A . n 
A 1 93  GLY 93  90  90  GLY GLY A . n 
A 1 94  ALA 94  91  91  ALA ALA A . n 
A 1 95  VAL 95  92  92  VAL VAL A . n 
A 1 96  THR 96  93  93  THR THR A . n 
A 1 97  LEU 97  94  94  LEU LEU A . n 
A 1 98  ASP 98  95  95  ASP ASP A . n 
A 1 99  LEU 99  96  96  LEU LEU A . n 
A 1 100 PHE 100 97  97  PHE PHE A . n 
A 1 101 ILE 101 98  98  ILE ILE A . n 
A 1 102 CYS 102 99  99  CYS CYS A . n 
A 1 103 ARG 103 100 100 ARG ARG A . n 
A 1 104 LEU 104 101 101 LEU LEU A . n 
A 1 105 ASP 105 102 102 ASP ASP A . n 
A 1 106 TYR 106 103 103 TYR TYR A . n 
A 1 107 ILE 107 104 104 ILE ILE A . n 
A 1 108 GLY 108 105 105 GLY GLY A . n 
A 1 109 LYS 109 106 106 LYS LYS A . n 
A 1 110 GLY 110 107 107 GLY GLY A . n 
A 1 111 LEU 111 108 108 LEU LEU A . n 
A 1 112 SER 112 109 109 SER SER A . n 
A 1 113 VAL 113 110 110 VAL VAL A . n 
A 1 114 GLN 114 111 111 GLN GLN A . n 
A 1 115 MSE 115 112 112 MSE MSE A . n 
A 1 116 ILE 116 113 113 ILE ILE A . n 
A 1 117 HIS 117 114 114 HIS HIS A . n 
A 1 118 GLU 118 115 115 GLU GLU A . n 
A 1 119 PHE 119 116 116 PHE PHE A . n 
A 1 120 ILE 120 117 117 ILE ILE A . n 
A 1 121 LEU 121 118 118 LEU LEU A . n 
A 1 122 SER 122 119 119 SER SER A . n 
A 1 123 GLN 123 120 120 GLN GLN A . n 
A 1 124 PHE 124 121 121 PHE PHE A . n 
A 1 125 SER 125 122 122 SER SER A . n 
A 1 126 ASP 126 123 123 ASP ASP A . n 
A 1 127 THR 127 124 124 THR THR A . n 
A 1 128 LYS 128 125 125 LYS LYS A . n 
A 1 129 ILE 129 126 126 ILE ILE A . n 
A 1 130 VAL 130 127 127 VAL VAL A . n 
A 1 131 LEU 131 128 128 LEU LEU A . n 
A 1 132 ILE 132 129 129 ILE ILE A . n 
A 1 133 ASN 133 130 130 ASN ASN A . n 
A 1 134 PRO 134 131 131 PRO PRO A . n 
A 1 135 GLU 135 132 132 GLU GLU A . n 
A 1 136 ILE 136 133 133 ILE ILE A . n 
A 1 137 SER 137 134 134 SER SER A . n 
A 1 138 ASN 138 135 135 ASN ASN A . n 
A 1 139 GLU 139 136 136 GLU GLU A . n 
A 1 140 ARG 140 137 137 ARG ARG A . n 
A 1 141 ALA 141 138 138 ALA ALA A . n 
A 1 142 VAL 142 139 139 VAL VAL A . n 
A 1 143 HIS 143 140 140 HIS HIS A . n 
A 1 144 VAL 144 141 141 VAL VAL A . n 
A 1 145 TYR 145 142 142 TYR TYR A . n 
A 1 146 LYS 146 143 143 LYS LYS A . n 
A 1 147 LYS 147 144 144 LYS LYS A . n 
A 1 148 ALA 148 145 145 ALA ALA A . n 
A 1 149 GLY 149 146 146 GLY GLY A . n 
A 1 150 PHE 150 147 147 PHE PHE A . n 
A 1 151 GLU 151 148 148 GLU GLU A . n 
A 1 152 ILE 152 149 149 ILE ILE A . n 
A 1 153 ILE 153 150 150 ILE ILE A . n 
A 1 154 GLY 154 151 151 GLY GLY A . n 
A 1 155 GLU 155 152 152 GLU GLU A . n 
A 1 156 PHE 156 153 153 PHE PHE A . n 
A 1 157 ILE 157 154 154 ILE ILE A . n 
A 1 158 ALA 158 155 155 ALA ALA A . n 
A 1 159 SER 159 156 156 SER SER A . n 
A 1 160 TRP 160 157 157 TRP TRP A . n 
A 1 161 HIS 161 158 158 HIS HIS A . n 
A 1 162 PRO 162 159 159 PRO PRO A . n 
A 1 163 VAL 163 160 160 VAL VAL A . n 
A 1 164 PRO 164 161 161 PRO PRO A . n 
A 1 165 HIS 165 162 162 HIS HIS A . n 
A 1 166 TYR 166 163 163 TYR TYR A . n 
A 1 167 LYS 167 164 164 LYS LYS A . n 
A 1 168 MSE 168 165 165 MSE MSE A . n 
A 1 169 LYS 169 166 166 LYS LYS A . n 
A 1 170 LEU 170 167 167 LEU LEU A . n 
A 1 171 CYS 171 168 168 CYS CYS A . n 
A 1 172 ILE 172 169 169 ILE ILE A . n 
A 1 173 GLU 173 170 170 GLU GLU A . n 
A 1 174 ASP 174 171 171 ASP ASP A . n 
A 1 175 LEU 175 172 172 LEU LEU A . n 
A 1 176 LYS 176 173 173 LYS LYS A . n 
A 1 177 LYS 177 174 174 LYS LYS A . n 
A 1 178 GLN 178 175 175 GLN GLN A . n 
A 1 179 ARG 179 176 176 ARG ARG A . n 
A 1 180 LEU 180 177 ?   ?   ?   A . n 
A 1 181 SER 181 178 ?   ?   ?   A . n 
A 1 182 ALA 182 179 ?   ?   ?   A . n 
# 
loop_
_pdbx_nonpoly_scheme.asym_id 
_pdbx_nonpoly_scheme.entity_id 
_pdbx_nonpoly_scheme.mon_id 
_pdbx_nonpoly_scheme.ndb_seq_num 
_pdbx_nonpoly_scheme.pdb_seq_num 
_pdbx_nonpoly_scheme.auth_seq_num 
_pdbx_nonpoly_scheme.pdb_mon_id 
_pdbx_nonpoly_scheme.auth_mon_id 
_pdbx_nonpoly_scheme.pdb_strand_id 
_pdbx_nonpoly_scheme.pdb_ins_code 
B 2 PO4 1  180 1  PO4 PO4 A . 
C 3 ACT 1  181 1  ACT ACT A . 
D 4 CHX 1  182 1  CHX CHX A . 
E 5 FMT 1  183 1  FMT FMT A . 
F 5 FMT 1  184 2  FMT FMT A . 
G 5 FMT 1  185 3  FMT FMT A . 
H 5 FMT 1  186 4  FMT FMT A . 
I 6 EDO 1  187 1  EDO EDO A . 
J 7 HOH 1  188 1  HOH HOH A . 
J 7 HOH 2  189 2  HOH HOH A . 
J 7 HOH 3  190 3  HOH HOH A . 
J 7 HOH 4  191 4  HOH HOH A . 
J 7 HOH 5  192 5  HOH HOH A . 
J 7 HOH 6  193 6  HOH HOH A . 
J 7 HOH 7  194 7  HOH HOH A . 
J 7 HOH 8  195 8  HOH HOH A . 
J 7 HOH 9  196 9  HOH HOH A . 
J 7 HOH 10 197 10 HOH HOH A . 
J 7 HOH 11 198 11 HOH HOH A . 
J 7 HOH 12 199 12 HOH HOH A . 
J 7 HOH 13 200 13 HOH HOH A . 
J 7 HOH 14 201 14 HOH HOH A . 
J 7 HOH 15 202 15 HOH HOH A . 
J 7 HOH 16 203 16 HOH HOH A . 
J 7 HOH 17 204 17 HOH HOH A . 
J 7 HOH 18 205 18 HOH HOH A . 
J 7 HOH 19 206 19 HOH HOH A . 
J 7 HOH 20 207 20 HOH HOH A . 
J 7 HOH 21 208 21 HOH HOH A . 
J 7 HOH 22 209 22 HOH HOH A . 
J 7 HOH 23 210 23 HOH HOH A . 
J 7 HOH 24 211 24 HOH HOH A . 
J 7 HOH 25 212 25 HOH HOH A . 
J 7 HOH 26 213 26 HOH HOH A . 
J 7 HOH 27 214 27 HOH HOH A . 
J 7 HOH 28 215 28 HOH HOH A . 
J 7 HOH 29 216 29 HOH HOH A . 
J 7 HOH 30 217 30 HOH HOH A . 
J 7 HOH 31 218 31 HOH HOH A . 
J 7 HOH 32 219 32 HOH HOH A . 
J 7 HOH 33 220 33 HOH HOH A . 
J 7 HOH 34 221 34 HOH HOH A . 
J 7 HOH 35 222 35 HOH HOH A . 
J 7 HOH 36 223 36 HOH HOH A . 
J 7 HOH 37 224 37 HOH HOH A . 
J 7 HOH 38 225 38 HOH HOH A . 
J 7 HOH 39 226 39 HOH HOH A . 
J 7 HOH 40 227 40 HOH HOH A . 
J 7 HOH 41 228 41 HOH HOH A . 
J 7 HOH 42 229 42 HOH HOH A . 
J 7 HOH 43 230 43 HOH HOH A . 
J 7 HOH 44 231 44 HOH HOH A . 
J 7 HOH 45 232 45 HOH HOH A . 
J 7 HOH 46 233 46 HOH HOH A . 
J 7 HOH 47 234 47 HOH HOH A . 
J 7 HOH 48 235 48 HOH HOH A . 
J 7 HOH 49 236 49 HOH HOH A . 
J 7 HOH 50 237 50 HOH HOH A . 
J 7 HOH 51 238 51 HOH HOH A . 
J 7 HOH 52 239 52 HOH HOH A . 
J 7 HOH 53 240 53 HOH HOH A . 
J 7 HOH 54 241 54 HOH HOH A . 
J 7 HOH 55 242 55 HOH HOH A . 
J 7 HOH 56 243 56 HOH HOH A . 
J 7 HOH 57 244 57 HOH HOH A . 
J 7 HOH 58 245 58 HOH HOH A . 
J 7 HOH 59 246 59 HOH HOH A . 
J 7 HOH 60 247 60 HOH HOH A . 
J 7 HOH 61 248 61 HOH HOH A . 
J 7 HOH 62 249 62 HOH HOH A . 
J 7 HOH 63 250 63 HOH HOH A . 
J 7 HOH 64 251 64 HOH HOH A . 
J 7 HOH 65 252 65 HOH HOH A . 
J 7 HOH 66 253 66 HOH HOH A . 
J 7 HOH 67 254 67 HOH HOH A . 
J 7 HOH 68 255 68 HOH HOH A . 
J 7 HOH 69 256 69 HOH HOH A . 
J 7 HOH 70 257 70 HOH HOH A . 
J 7 HOH 71 258 71 HOH HOH A . 
J 7 HOH 72 259 72 HOH HOH A . 
J 7 HOH 73 260 73 HOH HOH A . 
J 7 HOH 74 261 74 HOH HOH A . 
J 7 HOH 75 262 75 HOH HOH A . 
J 7 HOH 76 263 76 HOH HOH A . 
J 7 HOH 77 264 77 HOH HOH A . 
J 7 HOH 78 265 78 HOH HOH A . 
J 7 HOH 79 266 79 HOH HOH A . 
J 7 HOH 80 267 80 HOH HOH A . 
J 7 HOH 81 268 81 HOH HOH A . 
J 7 HOH 82 269 82 HOH HOH A . 
J 7 HOH 83 270 83 HOH HOH A . 
J 7 HOH 84 271 84 HOH HOH A . 
J 7 HOH 85 272 85 HOH HOH A . 
J 7 HOH 86 273 86 HOH HOH A . 
J 7 HOH 87 274 87 HOH HOH A . 
J 7 HOH 88 275 88 HOH HOH A . 
J 7 HOH 89 276 89 HOH HOH A . 
J 7 HOH 90 277 90 HOH HOH A . 
# 
loop_
_software.name 
_software.classification 
_software.version 
_software.citation_id 
_software.pdbx_ordinal 
SBC-Collect 'data collection' .        ? 1  
SHELXD      phasing           .        ? 2  
MLPHARE     phasing           .        ? 3  
DM          'model building'  .        ? 4  
RESOLVE     'model building'  .        ? 5  
HKL-3000    phasing           .        ? 6  
REFMAC      refinement        5.5.0054 ? 7  
HKL-3000    'data reduction'  .        ? 8  
HKL-3000    'data scaling'    .        ? 9  
DM          phasing           .        ? 10 
RESOLVE     phasing           .        ? 11 
# 
_cell.entry_id           3F5B 
_cell.length_a           77.504 
_cell.length_b           77.504 
_cell.length_c           73.178 
_cell.angle_alpha        90.00 
_cell.angle_beta         90.00 
_cell.angle_gamma        90.00 
_cell.Z_PDB              8 
_cell.pdbx_unique_axis   ? 
_cell.length_a_esd       ? 
_cell.length_b_esd       ? 
_cell.length_c_esd       ? 
_cell.angle_alpha_esd    ? 
_cell.angle_beta_esd     ? 
_cell.angle_gamma_esd    ? 
# 
_symmetry.entry_id                         3F5B 
_symmetry.space_group_name_H-M             'P 41 21 2' 
_symmetry.pdbx_full_space_group_name_H-M   ? 
_symmetry.cell_setting                     ? 
_symmetry.Int_Tables_number                92 
_symmetry.space_group_name_Hall            ? 
# 
_exptl.entry_id          3F5B 
_exptl.method            'X-RAY DIFFRACTION' 
_exptl.crystals_number   1 
# 
_exptl_crystal.id                    1 
_exptl_crystal.density_meas          ? 
_exptl_crystal.density_Matthews      2.57 
_exptl_crystal.density_percent_sol   52.10 
_exptl_crystal.description           ? 
_exptl_crystal.F_000                 ? 
_exptl_crystal.preparation           ? 
# 
_exptl_crystal_grow.crystal_id      1 
_exptl_crystal_grow.method          'VAPOR DIFFUSION, SITTING DROP' 
_exptl_crystal_grow.temp            289 
_exptl_crystal_grow.temp_details    ? 
_exptl_crystal_grow.pH              8.2 
_exptl_crystal_grow.pdbx_details    
;0.056M sodium dihydrogen phosphate,  
1.344M di-sodium, hydrogen phosphate, pH 8.2, VAPOR DIFFUSION, SITTING DROP, temperature 289K
;
_exptl_crystal_grow.pdbx_pH_range   ? 
# 
_diffrn.id                     1 
_diffrn.ambient_temp           100 
_diffrn.ambient_temp_details   ? 
_diffrn.crystal_id             1 
# 
_diffrn_detector.diffrn_id              1 
_diffrn_detector.detector               CCD 
_diffrn_detector.type                   SBC-3 
_diffrn_detector.pdbx_collection_date   2008-06-26 
_diffrn_detector.details                Mirror 
# 
_diffrn_radiation.diffrn_id                        1 
_diffrn_radiation.wavelength_id                    1 
_diffrn_radiation.pdbx_monochromatic_or_laue_m_l   M 
_diffrn_radiation.monochromator                    'Si 111 crystal' 
_diffrn_radiation.pdbx_diffrn_protocol             'SINGLE WAVELENGTH' 
_diffrn_radiation.pdbx_scattering_type             x-ray 
# 
_diffrn_radiation_wavelength.id           1 
_diffrn_radiation_wavelength.wavelength   0.97926 
_diffrn_radiation_wavelength.wt           1.0 
# 
_diffrn_source.diffrn_id                   1 
_diffrn_source.source                      SYNCHROTRON 
_diffrn_source.type                        'APS BEAMLINE 19-BM' 
_diffrn_source.pdbx_synchrotron_site       APS 
_diffrn_source.pdbx_synchrotron_beamline   19-BM 
_diffrn_source.pdbx_wavelength             ? 
_diffrn_source.pdbx_wavelength_list        0.97926 
# 
_reflns.entry_id                     3F5B 
_reflns.observed_criterion_sigma_I   0 
_reflns.observed_criterion_sigma_F   0 
_reflns.d_resolution_low             54.8 
_reflns.d_resolution_high            2.0 
_reflns.number_obs                   14948 
_reflns.number_all                   14948 
_reflns.percent_possible_obs         95.4 
_reflns.pdbx_Rmerge_I_obs            0.101 
_reflns.pdbx_Rsym_value              ? 
_reflns.pdbx_netI_over_sigmaI        29.0 
_reflns.B_iso_Wilson_estimate        ? 
_reflns.pdbx_redundancy              8.7 
_reflns.R_free_details               ? 
_reflns.limit_h_max                  ? 
_reflns.limit_h_min                  ? 
_reflns.limit_k_max                  ? 
_reflns.limit_k_min                  ? 
_reflns.limit_l_max                  ? 
_reflns.limit_l_min                  ? 
_reflns.observed_criterion_F_max     ? 
_reflns.observed_criterion_F_min     ? 
_reflns.pdbx_chi_squared             ? 
_reflns.pdbx_scaling_rejects         ? 
_reflns.pdbx_ordinal                 1 
_reflns.pdbx_diffrn_id               1 
# 
_reflns_shell.d_res_high             2.0 
_reflns_shell.d_res_low              2.03 
_reflns_shell.percent_possible_all   95.7 
_reflns_shell.Rmerge_I_obs           0.644 
_reflns_shell.pdbx_Rsym_value        ? 
_reflns_shell.meanI_over_sigI_obs    2.88 
_reflns_shell.pdbx_redundancy        6.0 
_reflns_shell.percent_possible_obs   ? 
_reflns_shell.number_unique_all      732 
_reflns_shell.number_measured_all    ? 
_reflns_shell.number_measured_obs    ? 
_reflns_shell.number_unique_obs      ? 
_reflns_shell.pdbx_chi_squared       ? 
_reflns_shell.pdbx_ordinal           1 
_reflns_shell.pdbx_diffrn_id         1 
# 
_refine.entry_id                                 3F5B 
_refine.ls_number_reflns_obs                     13949 
_refine.ls_number_reflns_all                     13949 
_refine.pdbx_ls_sigma_I                          0 
_refine.pdbx_ls_sigma_F                          0 
_refine.pdbx_data_cutoff_high_absF               ? 
_refine.pdbx_data_cutoff_low_absF                ? 
_refine.pdbx_data_cutoff_high_rms_absF           ? 
_refine.ls_d_res_low                             54.80 
_refine.ls_d_res_high                            2.00 
_refine.ls_percent_reflns_obs                    93.94 
_refine.ls_R_factor_obs                          0.21391 
_refine.ls_R_factor_all                          0.21391 
_refine.ls_R_factor_R_work                       0.21241 
_refine.ls_R_factor_R_free                       0.24399 
_refine.ls_R_factor_R_free_error                 ? 
_refine.ls_R_factor_R_free_error_details         ? 
_refine.ls_percent_reflns_R_free                 5.0 
_refine.ls_number_reflns_R_free                  736 
_refine.ls_number_parameters                     ? 
_refine.ls_number_restraints                     ? 
_refine.occupancy_min                            ? 
_refine.occupancy_max                            ? 
_refine.correlation_coeff_Fo_to_Fc               0.947 
_refine.correlation_coeff_Fo_to_Fc_free          0.935 
_refine.B_iso_mean                               33.225 
_refine.aniso_B[1][1]                            0.44 
_refine.aniso_B[2][2]                            0.44 
_refine.aniso_B[3][3]                            -0.88 
_refine.aniso_B[1][2]                            0.00 
_refine.aniso_B[1][3]                            0.00 
_refine.aniso_B[2][3]                            0.00 
_refine.solvent_model_details                    MASK 
_refine.solvent_model_param_ksol                 ? 
_refine.solvent_model_param_bsol                 ? 
_refine.pdbx_solvent_vdw_probe_radii             1.20 
_refine.pdbx_solvent_ion_probe_radii             0.80 
_refine.pdbx_solvent_shrinkage_radii             0.80 
_refine.pdbx_ls_cross_valid_method               THROUGHOUT 
_refine.details                                  'HYDROGENS HAVE BEEN ADDED IN THE RIDING POSITIONS' 
_refine.pdbx_starting_model                      ? 
_refine.pdbx_method_to_determine_struct          SAD 
_refine.pdbx_isotropic_thermal_model             ? 
_refine.pdbx_stereochemistry_target_values       'MAXIMUM LIKELIHOOD' 
_refine.pdbx_stereochem_target_val_spec_case     ? 
_refine.pdbx_R_Free_selection_details            RANDOM 
_refine.pdbx_overall_ESU_R                       0.200 
_refine.pdbx_overall_ESU_R_Free                  0.170 
_refine.overall_SU_ML                            0.104 
_refine.overall_SU_B                             7.958 
_refine.ls_redundancy_reflns_obs                 ? 
_refine.B_iso_min                                ? 
_refine.B_iso_max                                ? 
_refine.overall_SU_R_Cruickshank_DPI             ? 
_refine.overall_SU_R_free                        ? 
_refine.ls_wR_factor_R_free                      ? 
_refine.ls_wR_factor_R_work                      ? 
_refine.overall_FOM_free_R_set                   ? 
_refine.overall_FOM_work_R_set                   ? 
_refine.pdbx_overall_phase_error                 ? 
_refine.pdbx_refine_id                           'X-RAY DIFFRACTION' 
_refine.pdbx_TLS_residual_ADP_flag               'LIKELY RESIDUAL' 
_refine.pdbx_diffrn_id                           1 
_refine.pdbx_overall_SU_R_free_Cruickshank_DPI   ? 
_refine.pdbx_overall_SU_R_Blow_DPI               ? 
_refine.pdbx_overall_SU_R_free_Blow_DPI          ? 
# 
_refine_hist.pdbx_refine_id                   'X-RAY DIFFRACTION' 
_refine_hist.cycle_id                         LAST 
_refine_hist.pdbx_number_atoms_protein        1423 
_refine_hist.pdbx_number_atoms_nucleic_acid   0 
_refine_hist.pdbx_number_atoms_ligand         31 
_refine_hist.number_atoms_solvent             90 
_refine_hist.number_atoms_total               1544 
_refine_hist.d_res_high                       2.00 
_refine_hist.d_res_low                        54.80 
# 
loop_
_refine_ls_restr.type 
_refine_ls_restr.dev_ideal 
_refine_ls_restr.dev_ideal_target 
_refine_ls_restr.weight 
_refine_ls_restr.number 
_refine_ls_restr.pdbx_refine_id 
_refine_ls_restr.pdbx_restraint_function 
r_bond_refined_d             0.014  0.022  ? 1514 'X-RAY DIFFRACTION' ? 
r_bond_other_d               ?      ?      ? ?    'X-RAY DIFFRACTION' ? 
r_angle_refined_deg          1.434  1.943  ? 2043 'X-RAY DIFFRACTION' ? 
r_angle_other_deg            ?      ?      ? ?    'X-RAY DIFFRACTION' ? 
r_dihedral_angle_1_deg       6.113  5.000  ? 178  'X-RAY DIFFRACTION' ? 
r_dihedral_angle_2_deg       42.659 24.730 ? 74   'X-RAY DIFFRACTION' ? 
r_dihedral_angle_3_deg       16.648 15.000 ? 267  'X-RAY DIFFRACTION' ? 
r_dihedral_angle_4_deg       17.708 15.000 ? 4    'X-RAY DIFFRACTION' ? 
r_chiral_restr               0.107  0.200  ? 214  'X-RAY DIFFRACTION' ? 
r_gen_planes_refined         0.006  0.021  ? 1136 'X-RAY DIFFRACTION' ? 
r_gen_planes_other           ?      ?      ? ?    'X-RAY DIFFRACTION' ? 
r_nbd_refined                ?      ?      ? ?    'X-RAY DIFFRACTION' ? 
r_nbd_other                  ?      ?      ? ?    'X-RAY DIFFRACTION' ? 
r_nbtor_refined              ?      ?      ? ?    'X-RAY DIFFRACTION' ? 
r_nbtor_other                ?      ?      ? ?    'X-RAY DIFFRACTION' ? 
r_xyhbond_nbd_refined        ?      ?      ? ?    'X-RAY DIFFRACTION' ? 
r_xyhbond_nbd_other          ?      ?      ? ?    'X-RAY DIFFRACTION' ? 
r_metal_ion_refined          ?      ?      ? ?    'X-RAY DIFFRACTION' ? 
r_metal_ion_other            ?      ?      ? ?    'X-RAY DIFFRACTION' ? 
r_symmetry_vdw_refined       ?      ?      ? ?    'X-RAY DIFFRACTION' ? 
r_symmetry_vdw_other         ?      ?      ? ?    'X-RAY DIFFRACTION' ? 
r_symmetry_hbond_refined     ?      ?      ? ?    'X-RAY DIFFRACTION' ? 
r_symmetry_hbond_other       ?      ?      ? ?    'X-RAY DIFFRACTION' ? 
r_symmetry_metal_ion_refined ?      ?      ? ?    'X-RAY DIFFRACTION' ? 
r_symmetry_metal_ion_other   ?      ?      ? ?    'X-RAY DIFFRACTION' ? 
r_mcbond_it                  1.231  2.000  ? 882  'X-RAY DIFFRACTION' ? 
r_mcbond_other               ?      ?      ? ?    'X-RAY DIFFRACTION' ? 
r_mcangle_it                 2.061  3.000  ? 1418 'X-RAY DIFFRACTION' ? 
r_scbond_it                  1.493  2.000  ? 632  'X-RAY DIFFRACTION' ? 
r_scangle_it                 2.093  3.000  ? 620  'X-RAY DIFFRACTION' ? 
r_rigid_bond_restr           ?      ?      ? ?    'X-RAY DIFFRACTION' ? 
r_sphericity_free            ?      ?      ? ?    'X-RAY DIFFRACTION' ? 
r_sphericity_bonded          ?      ?      ? ?    'X-RAY DIFFRACTION' ? 
# 
_refine_ls_shell.pdbx_total_number_of_bins_used   20 
_refine_ls_shell.d_res_high                       1.999 
_refine_ls_shell.d_res_low                        2.051 
_refine_ls_shell.number_reflns_R_work             1025 
_refine_ls_shell.R_factor_R_work                  0.249 
_refine_ls_shell.percent_reflns_obs               96.44 
_refine_ls_shell.R_factor_R_free                  0.285 
_refine_ls_shell.R_factor_R_free_error            ? 
_refine_ls_shell.percent_reflns_R_free            ? 
_refine_ls_shell.number_reflns_R_free             60 
_refine_ls_shell.number_reflns_all                ? 
_refine_ls_shell.R_factor_all                     ? 
_refine_ls_shell.number_reflns_obs                1085 
_refine_ls_shell.redundancy_reflns_obs            ? 
_refine_ls_shell.pdbx_refine_id                   'X-RAY DIFFRACTION' 
# 
_struct.entry_id                  3F5B 
_struct.title                     
;The crystal structure of aminoglycoside N(6')acetyltransferase from Legionella pneumophila subsp. pneumophila str. Philadelphia 1.
;
_struct.pdbx_model_details        ? 
_struct.pdbx_CASP_flag            ? 
_struct.pdbx_model_type_details   ? 
# 
_struct_keywords.entry_id        3F5B 
_struct_keywords.pdbx_keywords   TRANSFERASE 
_struct_keywords.text            
;APC60744, aminoglycoside N(6')acetyltransferase, Legionella pneumophila subsp. pneumophila, structural genomics, PSI-2, protein structure initiative, midwest center for structural genomics, MCSG str. Philadelphia 1, Transferase
;
# 
loop_
_struct_asym.id 
_struct_asym.pdbx_blank_PDB_chainid_flag 
_struct_asym.pdbx_modified 
_struct_asym.entity_id 
_struct_asym.details 
A N N 1 ? 
B N N 2 ? 
C N N 3 ? 
D N N 4 ? 
E N N 5 ? 
F N N 5 ? 
G N N 5 ? 
H N N 5 ? 
I N N 6 ? 
J N N 7 ? 
# 
_struct_ref.id                         1 
_struct_ref.db_name                    UNP 
_struct_ref.db_code                    Q5ZWV6_LEGPH 
_struct_ref.pdbx_db_accession          Q5ZWV6 
_struct_ref.entity_id                  1 
_struct_ref.pdbx_seq_one_letter_code   
;MMIKASTNEFRFCFKQMNKSQHELVLGWIHQPHINEWLHGDGLSNTIKDLHEFLNDGKPWATHWIAYDNEIPFAYLITSE
IEKSEEYPDGAVTLDLFICRLDYIGKGLSVQMIHEFILSQFSDTKIVLINPEISNERAVHVYKKAGFEIIGEFIASWHPV
PHYKMKLCIEDLKKQRLSA
;
_struct_ref.pdbx_align_begin           1 
_struct_ref.pdbx_db_isoform            ? 
# 
_struct_ref_seq.align_id                      1 
_struct_ref_seq.ref_id                        1 
_struct_ref_seq.pdbx_PDB_id_code              3F5B 
_struct_ref_seq.pdbx_strand_id                A 
_struct_ref_seq.seq_align_beg                 4 
_struct_ref_seq.pdbx_seq_align_beg_ins_code   ? 
_struct_ref_seq.seq_align_end                 182 
_struct_ref_seq.pdbx_seq_align_end_ins_code   ? 
_struct_ref_seq.pdbx_db_accession             Q5ZWV6 
_struct_ref_seq.db_align_beg                  1 
_struct_ref_seq.pdbx_db_align_beg_ins_code    ? 
_struct_ref_seq.db_align_end                  179 
_struct_ref_seq.pdbx_db_align_end_ins_code    ? 
_struct_ref_seq.pdbx_auth_seq_align_beg       1 
_struct_ref_seq.pdbx_auth_seq_align_end       179 
# 
loop_
_struct_ref_seq_dif.align_id 
_struct_ref_seq_dif.pdbx_pdb_id_code 
_struct_ref_seq_dif.mon_id 
_struct_ref_seq_dif.pdbx_pdb_strand_id 
_struct_ref_seq_dif.seq_num 
_struct_ref_seq_dif.pdbx_pdb_ins_code 
_struct_ref_seq_dif.pdbx_seq_db_name 
_struct_ref_seq_dif.pdbx_seq_db_accession_code 
_struct_ref_seq_dif.db_mon_id 
_struct_ref_seq_dif.pdbx_seq_db_seq_num 
_struct_ref_seq_dif.details 
_struct_ref_seq_dif.pdbx_auth_seq_num 
_struct_ref_seq_dif.pdbx_ordinal 
1 3F5B SER A 1 ? UNP Q5ZWV6 ? ? 'expression tag' -2 1 
1 3F5B ASN A 2 ? UNP Q5ZWV6 ? ? 'expression tag' -1 2 
1 3F5B ALA A 3 ? UNP Q5ZWV6 ? ? 'expression tag' 0  3 
# 
_pdbx_struct_assembly.id                   1 
_pdbx_struct_assembly.details              software_defined_assembly 
_pdbx_struct_assembly.method_details       PISA 
_pdbx_struct_assembly.oligomeric_details   monomeric 
_pdbx_struct_assembly.oligomeric_count     1 
# 
_pdbx_struct_assembly_gen.assembly_id       1 
_pdbx_struct_assembly_gen.oper_expression   1 
_pdbx_struct_assembly_gen.asym_id_list      A,B,C,D,E,F,G,H,I,J 
# 
_pdbx_struct_oper_list.id                   1 
_pdbx_struct_oper_list.type                 'identity operation' 
_pdbx_struct_oper_list.name                 1_555 
_pdbx_struct_oper_list.symmetry_operation   x,y,z 
_pdbx_struct_oper_list.matrix[1][1]         1.0000000000 
_pdbx_struct_oper_list.matrix[1][2]         0.0000000000 
_pdbx_struct_oper_list.matrix[1][3]         0.0000000000 
_pdbx_struct_oper_list.vector[1]            0.0000000000 
_pdbx_struct_oper_list.matrix[2][1]         0.0000000000 
_pdbx_struct_oper_list.matrix[2][2]         1.0000000000 
_pdbx_struct_oper_list.matrix[2][3]         0.0000000000 
_pdbx_struct_oper_list.vector[2]            0.0000000000 
_pdbx_struct_oper_list.matrix[3][1]         0.0000000000 
_pdbx_struct_oper_list.matrix[3][2]         0.0000000000 
_pdbx_struct_oper_list.matrix[3][3]         1.0000000000 
_pdbx_struct_oper_list.vector[3]            0.0000000000 
# 
_struct_biol.id        1 
_struct_biol.details   'Experimentally unknown.  It is predicted to be a monomer.' 
# 
loop_
_struct_conf.conf_type_id 
_struct_conf.id 
_struct_conf.pdbx_PDB_helix_id 
_struct_conf.beg_label_comp_id 
_struct_conf.beg_label_asym_id 
_struct_conf.beg_label_seq_id 
_struct_conf.pdbx_beg_PDB_ins_code 
_struct_conf.end_label_comp_id 
_struct_conf.end_label_asym_id 
_struct_conf.end_label_seq_id 
_struct_conf.pdbx_end_PDB_ins_code 
_struct_conf.beg_auth_comp_id 
_struct_conf.beg_auth_asym_id 
_struct_conf.beg_auth_seq_id 
_struct_conf.end_auth_comp_id 
_struct_conf.end_auth_asym_id 
_struct_conf.end_auth_seq_id 
_struct_conf.pdbx_PDB_helix_class 
_struct_conf.details 
_struct_conf.pdbx_PDB_helix_length 
HELX_P HELX_P1 1 ASN A 21  ? SER A 23  ? ASN A 18  SER A 20  5 ? 3  
HELX_P HELX_P2 2 GLN A 24  ? ILE A 32  ? GLN A 21  ILE A 29  1 ? 9  
HELX_P HELX_P3 3 GLN A 34  ? GLU A 39  ? GLN A 31  GLU A 36  1 ? 6  
HELX_P HELX_P4 4 HIS A 42  ? ASN A 58  ? HIS A 39  ASN A 55  1 ? 17 
HELX_P HELX_P5 5 ARG A 103 ? ILE A 107 ? ARG A 100 ILE A 104 5 ? 5  
HELX_P HELX_P6 6 GLY A 108 ? PHE A 124 ? GLY A 105 PHE A 121 1 ? 17 
HELX_P HELX_P7 7 ASN A 138 ? GLY A 149 ? ASN A 135 GLY A 146 1 ? 12 
HELX_P HELX_P8 8 ILE A 172 ? ARG A 179 ? ILE A 169 ARG A 176 1 ? 8  
# 
_struct_conf_type.id          HELX_P 
_struct_conf_type.criteria    ? 
_struct_conf_type.reference   ? 
# 
loop_
_struct_conn.id 
_struct_conn.conn_type_id 
_struct_conn.pdbx_leaving_atom_flag 
_struct_conn.pdbx_PDB_id 
_struct_conn.ptnr1_label_asym_id 
_struct_conn.ptnr1_label_comp_id 
_struct_conn.ptnr1_label_seq_id 
_struct_conn.ptnr1_label_atom_id 
_struct_conn.pdbx_ptnr1_label_alt_id 
_struct_conn.pdbx_ptnr1_PDB_ins_code 
_struct_conn.pdbx_ptnr1_standard_comp_id 
_struct_conn.ptnr1_symmetry 
_struct_conn.ptnr2_label_asym_id 
_struct_conn.ptnr2_label_comp_id 
_struct_conn.ptnr2_label_seq_id 
_struct_conn.ptnr2_label_atom_id 
_struct_conn.pdbx_ptnr2_label_alt_id 
_struct_conn.pdbx_ptnr2_PDB_ins_code 
_struct_conn.ptnr1_auth_asym_id 
_struct_conn.ptnr1_auth_comp_id 
_struct_conn.ptnr1_auth_seq_id 
_struct_conn.ptnr2_auth_asym_id 
_struct_conn.ptnr2_auth_comp_id 
_struct_conn.ptnr2_auth_seq_id 
_struct_conn.ptnr2_symmetry 
_struct_conn.pdbx_ptnr3_label_atom_id 
_struct_conn.pdbx_ptnr3_label_seq_id 
_struct_conn.pdbx_ptnr3_label_comp_id 
_struct_conn.pdbx_ptnr3_label_asym_id 
_struct_conn.pdbx_ptnr3_label_alt_id 
_struct_conn.pdbx_ptnr3_PDB_ins_code 
_struct_conn.details 
_struct_conn.pdbx_dist_value 
_struct_conn.pdbx_value_order 
_struct_conn.pdbx_role 
disulf1 disulf ?    ? A CYS 16  SG ? ? ? 1_555 A CYS 16  SG ? ? A CYS 13  A CYS 13  7_555 ? ? ? ? ? ? ? 2.832 ? ? 
covale1 covale both ? A ALA 3   C  ? ? ? 1_555 A MSE 4   N  ? ? A ALA 0   A MSE 1   1_555 ? ? ? ? ? ? ? 1.332 ? ? 
covale2 covale both ? A MSE 4   C  ? ? ? 1_555 A MSE 5   N  ? ? A MSE 1   A MSE 2   1_555 ? ? ? ? ? ? ? 1.334 ? ? 
covale3 covale both ? A GLN 19  C  ? ? ? 1_555 A MSE 20  N  ? ? A GLN 16  A MSE 17  1_555 ? ? ? ? ? ? ? 1.320 ? ? 
covale4 covale both ? A MSE 20  C  ? ? ? 1_555 A ASN 21  N  ? ? A MSE 17  A ASN 18  1_555 ? ? ? ? ? ? ? 1.329 ? ? 
covale5 covale both ? A GLN 114 C  ? ? ? 1_555 A MSE 115 N  ? ? A GLN 111 A MSE 112 1_555 ? ? ? ? ? ? ? 1.316 ? ? 
covale6 covale both ? A MSE 115 C  ? ? ? 1_555 A ILE 116 N  ? ? A MSE 112 A ILE 113 1_555 ? ? ? ? ? ? ? 1.338 ? ? 
covale7 covale both ? A LYS 167 C  ? ? ? 1_555 A MSE 168 N  ? ? A LYS 164 A MSE 165 1_555 ? ? ? ? ? ? ? 1.337 ? ? 
covale8 covale both ? A MSE 168 C  ? ? ? 1_555 A LYS 169 N  ? ? A MSE 165 A LYS 166 1_555 ? ? ? ? ? ? ? 1.328 ? ? 
# 
loop_
_struct_conn_type.id 
_struct_conn_type.criteria 
_struct_conn_type.reference 
disulf ? ? 
covale ? ? 
# 
loop_
_pdbx_modification_feature.ordinal 
_pdbx_modification_feature.label_comp_id 
_pdbx_modification_feature.label_asym_id 
_pdbx_modification_feature.label_seq_id 
_pdbx_modification_feature.label_alt_id 
_pdbx_modification_feature.modified_residue_label_comp_id 
_pdbx_modification_feature.modified_residue_label_asym_id 
_pdbx_modification_feature.modified_residue_label_seq_id 
_pdbx_modification_feature.modified_residue_label_alt_id 
_pdbx_modification_feature.auth_comp_id 
_pdbx_modification_feature.auth_asym_id 
_pdbx_modification_feature.auth_seq_id 
_pdbx_modification_feature.PDB_ins_code 
_pdbx_modification_feature.symmetry 
_pdbx_modification_feature.modified_residue_auth_comp_id 
_pdbx_modification_feature.modified_residue_auth_asym_id 
_pdbx_modification_feature.modified_residue_auth_seq_id 
_pdbx_modification_feature.modified_residue_PDB_ins_code 
_pdbx_modification_feature.modified_residue_symmetry 
_pdbx_modification_feature.comp_id_linking_atom 
_pdbx_modification_feature.modified_residue_id_linking_atom 
_pdbx_modification_feature.modified_residue_id 
_pdbx_modification_feature.ref_pcm_id 
_pdbx_modification_feature.ref_comp_id 
_pdbx_modification_feature.type 
_pdbx_modification_feature.category 
1 MSE A 4   ? .   . .  . MSE A 1   ? 1_555 .   . .  . .     .  .  MET 1 MSE Selenomethionine 'Named protein modification' 
2 MSE A 5   ? .   . .  . MSE A 2   ? 1_555 .   . .  . .     .  .  MET 1 MSE Selenomethionine 'Named protein modification' 
3 MSE A 20  ? .   . .  . MSE A 17  ? 1_555 .   . .  . .     .  .  MET 1 MSE Selenomethionine 'Named protein modification' 
4 MSE A 115 ? .   . .  . MSE A 112 ? 1_555 .   . .  . .     .  .  MET 1 MSE Selenomethionine 'Named protein modification' 
5 MSE A 168 ? .   . .  . MSE A 165 ? 1_555 .   . .  . .     .  .  MET 1 MSE Selenomethionine 'Named protein modification' 
6 CYS A 16  ? CYS A 16 ? CYS A 13  ? 1_555 CYS A 13 ? 7_555 SG SG .   . .   None             'Disulfide bridge'           
# 
_struct_sheet.id               A 
_struct_sheet.type             ? 
_struct_sheet.number_strands   7 
_struct_sheet.details          ? 
# 
loop_
_struct_sheet_order.sheet_id 
_struct_sheet_order.range_id_1 
_struct_sheet_order.range_id_2 
_struct_sheet_order.offset 
_struct_sheet_order.sense 
A 1 2 ? anti-parallel 
A 2 3 ? anti-parallel 
A 3 4 ? anti-parallel 
A 4 5 ? parallel      
A 5 6 ? anti-parallel 
A 6 7 ? anti-parallel 
# 
loop_
_struct_sheet_range.sheet_id 
_struct_sheet_range.id 
_struct_sheet_range.beg_label_comp_id 
_struct_sheet_range.beg_label_asym_id 
_struct_sheet_range.beg_label_seq_id 
_struct_sheet_range.pdbx_beg_PDB_ins_code 
_struct_sheet_range.end_label_comp_id 
_struct_sheet_range.end_label_asym_id 
_struct_sheet_range.end_label_seq_id 
_struct_sheet_range.pdbx_end_PDB_ins_code 
_struct_sheet_range.beg_auth_comp_id 
_struct_sheet_range.beg_auth_asym_id 
_struct_sheet_range.beg_auth_seq_id 
_struct_sheet_range.end_auth_comp_id 
_struct_sheet_range.end_auth_asym_id 
_struct_sheet_range.end_auth_seq_id 
A 1 PHE A 15  ? GLN A 19  ? PHE A 12  GLN A 16  
A 2 THR A 65  ? ASP A 71  ? THR A 62  ASP A 68  
A 3 ILE A 74  ? ILE A 84  ? ILE A 71  ILE A 81  
A 4 ALA A 94  ? ILE A 101 ? ALA A 91  ILE A 98  
A 5 ILE A 129 ? ILE A 132 ? ILE A 126 ILE A 129 
A 6 HIS A 161 ? CYS A 171 ? HIS A 158 CYS A 168 
A 7 GLU A 151 ? ALA A 158 ? GLU A 148 ALA A 155 
# 
loop_
_pdbx_struct_sheet_hbond.sheet_id 
_pdbx_struct_sheet_hbond.range_id_1 
_pdbx_struct_sheet_hbond.range_id_2 
_pdbx_struct_sheet_hbond.range_1_label_atom_id 
_pdbx_struct_sheet_hbond.range_1_label_comp_id 
_pdbx_struct_sheet_hbond.range_1_label_asym_id 
_pdbx_struct_sheet_hbond.range_1_label_seq_id 
_pdbx_struct_sheet_hbond.range_1_PDB_ins_code 
_pdbx_struct_sheet_hbond.range_1_auth_atom_id 
_pdbx_struct_sheet_hbond.range_1_auth_comp_id 
_pdbx_struct_sheet_hbond.range_1_auth_asym_id 
_pdbx_struct_sheet_hbond.range_1_auth_seq_id 
_pdbx_struct_sheet_hbond.range_2_label_atom_id 
_pdbx_struct_sheet_hbond.range_2_label_comp_id 
_pdbx_struct_sheet_hbond.range_2_label_asym_id 
_pdbx_struct_sheet_hbond.range_2_label_seq_id 
_pdbx_struct_sheet_hbond.range_2_PDB_ins_code 
_pdbx_struct_sheet_hbond.range_2_auth_atom_id 
_pdbx_struct_sheet_hbond.range_2_auth_comp_id 
_pdbx_struct_sheet_hbond.range_2_auth_asym_id 
_pdbx_struct_sheet_hbond.range_2_auth_seq_id 
A 1 2 N CYS A 16  ? N CYS A 13  O TYR A 70  ? O TYR A 67  
A 2 3 N TRP A 67  ? N TRP A 64  O LEU A 79  ? O LEU A 76  
A 3 4 N SER A 82  ? N SER A 79  O THR A 96  ? O THR A 93  
A 4 5 N LEU A 97  ? N LEU A 94  O LEU A 131 ? O LEU A 128 
A 5 6 N VAL A 130 ? N VAL A 127 O LEU A 170 ? O LEU A 167 
A 6 7 O LYS A 167 ? O LYS A 164 N ILE A 153 ? N ILE A 150 
# 
loop_
_struct_site.id 
_struct_site.pdbx_evidence_code 
_struct_site.pdbx_auth_asym_id 
_struct_site.pdbx_auth_comp_id 
_struct_site.pdbx_auth_seq_id 
_struct_site.pdbx_auth_ins_code 
_struct_site.pdbx_num_residues 
_struct_site.details 
AC1 Software A PO4 180 ? 6 'BINDING SITE FOR RESIDUE PO4 A 180' 
AC2 Software A ACT 181 ? 7 'BINDING SITE FOR RESIDUE ACT A 181' 
AC3 Software A CHX 182 ? 5 'BINDING SITE FOR RESIDUE CHX A 182' 
AC4 Software A FMT 183 ? 5 'BINDING SITE FOR RESIDUE FMT A 183' 
AC5 Software A FMT 184 ? 4 'BINDING SITE FOR RESIDUE FMT A 184' 
AC6 Software A FMT 185 ? 1 'BINDING SITE FOR RESIDUE FMT A 185' 
AC7 Software A FMT 186 ? 4 'BINDING SITE FOR RESIDUE FMT A 186' 
AC8 Software A EDO 187 ? 5 'BINDING SITE FOR RESIDUE EDO A 187' 
# 
loop_
_struct_site_gen.id 
_struct_site_gen.site_id 
_struct_site_gen.pdbx_num_res 
_struct_site_gen.label_comp_id 
_struct_site_gen.label_asym_id 
_struct_site_gen.label_seq_id 
_struct_site_gen.pdbx_auth_ins_code 
_struct_site_gen.auth_comp_id 
_struct_site_gen.auth_asym_id 
_struct_site_gen.auth_seq_id 
_struct_site_gen.label_atom_id 
_struct_site_gen.label_alt_id 
_struct_site_gen.symmetry 
_struct_site_gen.details 
1  AC1 6 ARG A 14  ? ARG A 11  . ? 1_555 ? 
2  AC1 6 LYS A 109 ? LYS A 106 . ? 8_665 ? 
3  AC1 6 GLY A 110 ? GLY A 107 . ? 8_665 ? 
4  AC1 6 ACT C .   ? ACT A 181 . ? 1_555 ? 
5  AC1 6 HOH J .   ? HOH A 189 . ? 8_665 ? 
6  AC1 6 HOH J .   ? HOH A 230 . ? 1_555 ? 
7  AC2 7 ARG A 14  ? ARG A 11  . ? 1_555 ? 
8  AC2 7 ASP A 105 ? ASP A 102 . ? 1_555 ? 
9  AC2 7 LYS A 109 ? LYS A 106 . ? 8_665 ? 
10 AC2 7 LEU A 111 ? LEU A 108 . ? 1_555 ? 
11 AC2 7 ARG A 140 ? ARG A 137 . ? 8_665 ? 
12 AC2 7 PO4 B .   ? PO4 A 180 . ? 1_555 ? 
13 AC2 7 HOH J .   ? HOH A 263 . ? 1_555 ? 
14 AC3 5 ASP A 98  ? ASP A 95  . ? 1_555 ? 
15 AC3 5 LEU A 99  ? LEU A 96  . ? 1_555 ? 
16 AC3 5 PHE A 100 ? PHE A 97  . ? 1_555 ? 
17 AC3 5 TYR A 145 ? TYR A 142 . ? 1_555 ? 
18 AC3 5 HOH J .   ? HOH A 197 . ? 1_555 ? 
19 AC4 5 HIS A 42  ? HIS A 39  . ? 1_555 ? 
20 AC4 5 GLY A 43  ? GLY A 40  . ? 1_555 ? 
21 AC4 5 ASP A 44  ? ASP A 41  . ? 1_555 ? 
22 AC4 5 TRP A 160 ? TRP A 157 . ? 1_555 ? 
23 AC4 5 HOH J .   ? HOH A 202 . ? 1_555 ? 
24 AC5 4 GLU A 12  ? GLU A 9   . ? 1_555 ? 
25 AC5 4 PHE A 13  ? PHE A 10  . ? 1_555 ? 
26 AC5 4 PHE A 15  ? PHE A 12  . ? 1_555 ? 
27 AC5 4 LYS A 18  ? LYS A 15  . ? 7_555 ? 
28 AC6 1 GLY A 30  ? GLY A 27  . ? 1_555 ? 
29 AC7 4 GLY A 110 ? GLY A 107 . ? 1_555 ? 
30 AC7 4 LEU A 111 ? LEU A 108 . ? 1_555 ? 
31 AC7 4 HOH J .   ? HOH A 189 . ? 1_555 ? 
32 AC7 4 HOH J .   ? HOH A 246 . ? 1_555 ? 
33 AC8 5 ARG A 140 ? ARG A 137 . ? 1_555 ? 
34 AC8 5 ALA A 141 ? ALA A 138 . ? 1_555 ? 
35 AC8 5 TYR A 145 ? TYR A 142 . ? 1_555 ? 
36 AC8 5 HOH J .   ? HOH A 217 . ? 1_555 ? 
37 AC8 5 HOH J .   ? HOH A 253 . ? 1_555 ? 
# 
_pdbx_entry_details.entry_id                   3F5B 
_pdbx_entry_details.compound_details           ? 
_pdbx_entry_details.source_details             ? 
_pdbx_entry_details.nonpolymer_details         ? 
_pdbx_entry_details.sequence_details           ? 
_pdbx_entry_details.has_ligand_of_interest     ? 
_pdbx_entry_details.has_protein_modification   Y 
# 
loop_
_pdbx_validate_torsion.id 
_pdbx_validate_torsion.PDB_model_num 
_pdbx_validate_torsion.auth_comp_id 
_pdbx_validate_torsion.auth_asym_id 
_pdbx_validate_torsion.auth_seq_id 
_pdbx_validate_torsion.PDB_ins_code 
_pdbx_validate_torsion.label_alt_id 
_pdbx_validate_torsion.phi 
_pdbx_validate_torsion.psi 
1 1 ASN A 69  ? ? 53.06   -120.26 
2 1 PHE A 73  ? ? -147.33 -13.58  
3 1 SER A 84  ? ? 164.34  -149.11 
4 1 GLU A 85  ? ? 15.71   -126.91 
5 1 PHE A 121 ? ? -141.33 32.12   
6 1 HIS A 158 ? ? -159.24 82.04   
# 
_pdbx_SG_project.id                    1 
_pdbx_SG_project.project_name          'PSI, Protein Structure Initiative' 
_pdbx_SG_project.full_name_of_center   'Midwest Center for Structural Genomics' 
_pdbx_SG_project.initial_of_center     MCSG 
# 
loop_
_pdbx_struct_mod_residue.id 
_pdbx_struct_mod_residue.label_asym_id 
_pdbx_struct_mod_residue.label_comp_id 
_pdbx_struct_mod_residue.label_seq_id 
_pdbx_struct_mod_residue.auth_asym_id 
_pdbx_struct_mod_residue.auth_comp_id 
_pdbx_struct_mod_residue.auth_seq_id 
_pdbx_struct_mod_residue.PDB_ins_code 
_pdbx_struct_mod_residue.parent_comp_id 
_pdbx_struct_mod_residue.details 
1 A MSE 4   A MSE 1   ? MET SELENOMETHIONINE 
2 A MSE 5   A MSE 2   ? MET SELENOMETHIONINE 
3 A MSE 20  A MSE 17  ? MET SELENOMETHIONINE 
4 A MSE 115 A MSE 112 ? MET SELENOMETHIONINE 
5 A MSE 168 A MSE 165 ? MET SELENOMETHIONINE 
# 
loop_
_pdbx_refine_tls.pdbx_refine_id 
_pdbx_refine_tls.id 
_pdbx_refine_tls.details 
_pdbx_refine_tls.method 
_pdbx_refine_tls.origin_x 
_pdbx_refine_tls.origin_y 
_pdbx_refine_tls.origin_z 
_pdbx_refine_tls.T[1][1] 
_pdbx_refine_tls.T[2][2] 
_pdbx_refine_tls.T[3][3] 
_pdbx_refine_tls.T[1][2] 
_pdbx_refine_tls.T[1][3] 
_pdbx_refine_tls.T[2][3] 
_pdbx_refine_tls.L[1][1] 
_pdbx_refine_tls.L[2][2] 
_pdbx_refine_tls.L[3][3] 
_pdbx_refine_tls.L[1][2] 
_pdbx_refine_tls.L[1][3] 
_pdbx_refine_tls.L[2][3] 
_pdbx_refine_tls.S[1][1] 
_pdbx_refine_tls.S[2][2] 
_pdbx_refine_tls.S[3][3] 
_pdbx_refine_tls.S[1][2] 
_pdbx_refine_tls.S[1][3] 
_pdbx_refine_tls.S[2][3] 
_pdbx_refine_tls.S[2][1] 
_pdbx_refine_tls.S[3][1] 
_pdbx_refine_tls.S[3][2] 
'X-RAY DIFFRACTION' 1 ? refined -20.9577 26.4930 -0.7433 0.0606 0.0382 0.0480 0.0114 -0.0164 -0.0013 4.5461 1.1713 1.2816 -2.2745 2.0520  -0.9180 -0.0953 0.0129  0.0824 -0.0160 0.0052 0.0194  0.0342  -0.0926 0.0071 
'X-RAY DIFFRACTION' 2 ? refined 0.2600   -1.1204 0.2895  0.0024 0.0013 0.0082 0.0000 -0.0003 0.0030  1.4705 1.1665 2.0649 -0.2546 -0.1724 0.2012  -0.0023 -0.0198 0.0221 0.0399  0.0847 -0.0670 -0.0233 -0.0665 0.0004 
# 
loop_
_pdbx_refine_tls_group.pdbx_refine_id 
_pdbx_refine_tls_group.id 
_pdbx_refine_tls_group.refine_tls_id 
_pdbx_refine_tls_group.beg_auth_asym_id 
_pdbx_refine_tls_group.beg_auth_seq_id 
_pdbx_refine_tls_group.end_auth_asym_id 
_pdbx_refine_tls_group.end_auth_seq_id 
_pdbx_refine_tls_group.selection_details 
_pdbx_refine_tls_group.beg_label_asym_id 
_pdbx_refine_tls_group.beg_label_seq_id 
_pdbx_refine_tls_group.end_label_asym_id 
_pdbx_refine_tls_group.end_label_seq_id 
_pdbx_refine_tls_group.selection 
'X-RAY DIFFRACTION' 1 1 A -1 A 2   ? . . . . ? 
'X-RAY DIFFRACTION' 2 2 A 9  A 176 ? . . . . ? 
# 
loop_
_pdbx_unobs_or_zero_occ_residues.id 
_pdbx_unobs_or_zero_occ_residues.PDB_model_num 
_pdbx_unobs_or_zero_occ_residues.polymer_flag 
_pdbx_unobs_or_zero_occ_residues.occupancy_flag 
_pdbx_unobs_or_zero_occ_residues.auth_asym_id 
_pdbx_unobs_or_zero_occ_residues.auth_comp_id 
_pdbx_unobs_or_zero_occ_residues.auth_seq_id 
_pdbx_unobs_or_zero_occ_residues.PDB_ins_code 
_pdbx_unobs_or_zero_occ_residues.label_asym_id 
_pdbx_unobs_or_zero_occ_residues.label_comp_id 
_pdbx_unobs_or_zero_occ_residues.label_seq_id 
1  1 Y 1 A SER -2  ? A SER 1   
2  1 Y 1 A ILE 3   ? A ILE 6   
3  1 Y 1 A LYS 4   ? A LYS 7   
4  1 Y 1 A ALA 5   ? A ALA 8   
5  1 Y 1 A SER 6   ? A SER 9   
6  1 Y 1 A THR 7   ? A THR 10  
7  1 Y 1 A ASN 8   ? A ASN 11  
8  1 Y 1 A LEU 177 ? A LEU 180 
9  1 Y 1 A SER 178 ? A SER 181 
10 1 Y 1 A ALA 179 ? A ALA 182 
# 
loop_
_chem_comp_atom.comp_id 
_chem_comp_atom.atom_id 
_chem_comp_atom.type_symbol 
_chem_comp_atom.pdbx_aromatic_flag 
_chem_comp_atom.pdbx_stereo_config 
_chem_comp_atom.pdbx_ordinal 
ACT C    C  N N 1   
ACT O    O  N N 2   
ACT OXT  O  N N 3   
ACT CH3  C  N N 4   
ACT H1   H  N N 5   
ACT H2   H  N N 6   
ACT H3   H  N N 7   
ALA N    N  N N 8   
ALA CA   C  N S 9   
ALA C    C  N N 10  
ALA O    O  N N 11  
ALA CB   C  N N 12  
ALA OXT  O  N N 13  
ALA H    H  N N 14  
ALA H2   H  N N 15  
ALA HA   H  N N 16  
ALA HB1  H  N N 17  
ALA HB2  H  N N 18  
ALA HB3  H  N N 19  
ALA HXT  H  N N 20  
ARG N    N  N N 21  
ARG CA   C  N S 22  
ARG C    C  N N 23  
ARG O    O  N N 24  
ARG CB   C  N N 25  
ARG CG   C  N N 26  
ARG CD   C  N N 27  
ARG NE   N  N N 28  
ARG CZ   C  N N 29  
ARG NH1  N  N N 30  
ARG NH2  N  N N 31  
ARG OXT  O  N N 32  
ARG H    H  N N 33  
ARG H2   H  N N 34  
ARG HA   H  N N 35  
ARG HB2  H  N N 36  
ARG HB3  H  N N 37  
ARG HG2  H  N N 38  
ARG HG3  H  N N 39  
ARG HD2  H  N N 40  
ARG HD3  H  N N 41  
ARG HE   H  N N 42  
ARG HH11 H  N N 43  
ARG HH12 H  N N 44  
ARG HH21 H  N N 45  
ARG HH22 H  N N 46  
ARG HXT  H  N N 47  
ASN N    N  N N 48  
ASN CA   C  N S 49  
ASN C    C  N N 50  
ASN O    O  N N 51  
ASN CB   C  N N 52  
ASN CG   C  N N 53  
ASN OD1  O  N N 54  
ASN ND2  N  N N 55  
ASN OXT  O  N N 56  
ASN H    H  N N 57  
ASN H2   H  N N 58  
ASN HA   H  N N 59  
ASN HB2  H  N N 60  
ASN HB3  H  N N 61  
ASN HD21 H  N N 62  
ASN HD22 H  N N 63  
ASN HXT  H  N N 64  
ASP N    N  N N 65  
ASP CA   C  N S 66  
ASP C    C  N N 67  
ASP O    O  N N 68  
ASP CB   C  N N 69  
ASP CG   C  N N 70  
ASP OD1  O  N N 71  
ASP OD2  O  N N 72  
ASP OXT  O  N N 73  
ASP H    H  N N 74  
ASP H2   H  N N 75  
ASP HA   H  N N 76  
ASP HB2  H  N N 77  
ASP HB3  H  N N 78  
ASP HD2  H  N N 79  
ASP HXT  H  N N 80  
CHX C1   C  N N 81  
CHX C2   C  N N 82  
CHX C3   C  N N 83  
CHX C4   C  N N 84  
CHX C5   C  N N 85  
CHX C6   C  N N 86  
CHX H11  H  N N 87  
CHX H12  H  N N 88  
CHX H21  H  N N 89  
CHX H22  H  N N 90  
CHX H31  H  N N 91  
CHX H32  H  N N 92  
CHX H41  H  N N 93  
CHX H42  H  N N 94  
CHX H51  H  N N 95  
CHX H52  H  N N 96  
CHX H61  H  N N 97  
CHX H62  H  N N 98  
CYS N    N  N N 99  
CYS CA   C  N R 100 
CYS C    C  N N 101 
CYS O    O  N N 102 
CYS CB   C  N N 103 
CYS SG   S  N N 104 
CYS OXT  O  N N 105 
CYS H    H  N N 106 
CYS H2   H  N N 107 
CYS HA   H  N N 108 
CYS HB2  H  N N 109 
CYS HB3  H  N N 110 
CYS HG   H  N N 111 
CYS HXT  H  N N 112 
EDO C1   C  N N 113 
EDO O1   O  N N 114 
EDO C2   C  N N 115 
EDO O2   O  N N 116 
EDO H11  H  N N 117 
EDO H12  H  N N 118 
EDO HO1  H  N N 119 
EDO H21  H  N N 120 
EDO H22  H  N N 121 
EDO HO2  H  N N 122 
FMT C    C  N N 123 
FMT O1   O  N N 124 
FMT O2   O  N N 125 
FMT H    H  N N 126 
FMT HO2  H  N N 127 
GLN N    N  N N 128 
GLN CA   C  N S 129 
GLN C    C  N N 130 
GLN O    O  N N 131 
GLN CB   C  N N 132 
GLN CG   C  N N 133 
GLN CD   C  N N 134 
GLN OE1  O  N N 135 
GLN NE2  N  N N 136 
GLN OXT  O  N N 137 
GLN H    H  N N 138 
GLN H2   H  N N 139 
GLN HA   H  N N 140 
GLN HB2  H  N N 141 
GLN HB3  H  N N 142 
GLN HG2  H  N N 143 
GLN HG3  H  N N 144 
GLN HE21 H  N N 145 
GLN HE22 H  N N 146 
GLN HXT  H  N N 147 
GLU N    N  N N 148 
GLU CA   C  N S 149 
GLU C    C  N N 150 
GLU O    O  N N 151 
GLU CB   C  N N 152 
GLU CG   C  N N 153 
GLU CD   C  N N 154 
GLU OE1  O  N N 155 
GLU OE2  O  N N 156 
GLU OXT  O  N N 157 
GLU H    H  N N 158 
GLU H2   H  N N 159 
GLU HA   H  N N 160 
GLU HB2  H  N N 161 
GLU HB3  H  N N 162 
GLU HG2  H  N N 163 
GLU HG3  H  N N 164 
GLU HE2  H  N N 165 
GLU HXT  H  N N 166 
GLY N    N  N N 167 
GLY CA   C  N N 168 
GLY C    C  N N 169 
GLY O    O  N N 170 
GLY OXT  O  N N 171 
GLY H    H  N N 172 
GLY H2   H  N N 173 
GLY HA2  H  N N 174 
GLY HA3  H  N N 175 
GLY HXT  H  N N 176 
HIS N    N  N N 177 
HIS CA   C  N S 178 
HIS C    C  N N 179 
HIS O    O  N N 180 
HIS CB   C  N N 181 
HIS CG   C  Y N 182 
HIS ND1  N  Y N 183 
HIS CD2  C  Y N 184 
HIS CE1  C  Y N 185 
HIS NE2  N  Y N 186 
HIS OXT  O  N N 187 
HIS H    H  N N 188 
HIS H2   H  N N 189 
HIS HA   H  N N 190 
HIS HB2  H  N N 191 
HIS HB3  H  N N 192 
HIS HD1  H  N N 193 
HIS HD2  H  N N 194 
HIS HE1  H  N N 195 
HIS HE2  H  N N 196 
HIS HXT  H  N N 197 
HOH O    O  N N 198 
HOH H1   H  N N 199 
HOH H2   H  N N 200 
ILE N    N  N N 201 
ILE CA   C  N S 202 
ILE C    C  N N 203 
ILE O    O  N N 204 
ILE CB   C  N S 205 
ILE CG1  C  N N 206 
ILE CG2  C  N N 207 
ILE CD1  C  N N 208 
ILE OXT  O  N N 209 
ILE H    H  N N 210 
ILE H2   H  N N 211 
ILE HA   H  N N 212 
ILE HB   H  N N 213 
ILE HG12 H  N N 214 
ILE HG13 H  N N 215 
ILE HG21 H  N N 216 
ILE HG22 H  N N 217 
ILE HG23 H  N N 218 
ILE HD11 H  N N 219 
ILE HD12 H  N N 220 
ILE HD13 H  N N 221 
ILE HXT  H  N N 222 
LEU N    N  N N 223 
LEU CA   C  N S 224 
LEU C    C  N N 225 
LEU O    O  N N 226 
LEU CB   C  N N 227 
LEU CG   C  N N 228 
LEU CD1  C  N N 229 
LEU CD2  C  N N 230 
LEU OXT  O  N N 231 
LEU H    H  N N 232 
LEU H2   H  N N 233 
LEU HA   H  N N 234 
LEU HB2  H  N N 235 
LEU HB3  H  N N 236 
LEU HG   H  N N 237 
LEU HD11 H  N N 238 
LEU HD12 H  N N 239 
LEU HD13 H  N N 240 
LEU HD21 H  N N 241 
LEU HD22 H  N N 242 
LEU HD23 H  N N 243 
LEU HXT  H  N N 244 
LYS N    N  N N 245 
LYS CA   C  N S 246 
LYS C    C  N N 247 
LYS O    O  N N 248 
LYS CB   C  N N 249 
LYS CG   C  N N 250 
LYS CD   C  N N 251 
LYS CE   C  N N 252 
LYS NZ   N  N N 253 
LYS OXT  O  N N 254 
LYS H    H  N N 255 
LYS H2   H  N N 256 
LYS HA   H  N N 257 
LYS HB2  H  N N 258 
LYS HB3  H  N N 259 
LYS HG2  H  N N 260 
LYS HG3  H  N N 261 
LYS HD2  H  N N 262 
LYS HD3  H  N N 263 
LYS HE2  H  N N 264 
LYS HE3  H  N N 265 
LYS HZ1  H  N N 266 
LYS HZ2  H  N N 267 
LYS HZ3  H  N N 268 
LYS HXT  H  N N 269 
MSE N    N  N N 270 
MSE CA   C  N S 271 
MSE C    C  N N 272 
MSE O    O  N N 273 
MSE OXT  O  N N 274 
MSE CB   C  N N 275 
MSE CG   C  N N 276 
MSE SE   SE N N 277 
MSE CE   C  N N 278 
MSE H    H  N N 279 
MSE H2   H  N N 280 
MSE HA   H  N N 281 
MSE HXT  H  N N 282 
MSE HB2  H  N N 283 
MSE HB3  H  N N 284 
MSE HG2  H  N N 285 
MSE HG3  H  N N 286 
MSE HE1  H  N N 287 
MSE HE2  H  N N 288 
MSE HE3  H  N N 289 
PHE N    N  N N 290 
PHE CA   C  N S 291 
PHE C    C  N N 292 
PHE O    O  N N 293 
PHE CB   C  N N 294 
PHE CG   C  Y N 295 
PHE CD1  C  Y N 296 
PHE CD2  C  Y N 297 
PHE CE1  C  Y N 298 
PHE CE2  C  Y N 299 
PHE CZ   C  Y N 300 
PHE OXT  O  N N 301 
PHE H    H  N N 302 
PHE H2   H  N N 303 
PHE HA   H  N N 304 
PHE HB2  H  N N 305 
PHE HB3  H  N N 306 
PHE HD1  H  N N 307 
PHE HD2  H  N N 308 
PHE HE1  H  N N 309 
PHE HE2  H  N N 310 
PHE HZ   H  N N 311 
PHE HXT  H  N N 312 
PO4 P    P  N N 313 
PO4 O1   O  N N 314 
PO4 O2   O  N N 315 
PO4 O3   O  N N 316 
PO4 O4   O  N N 317 
PRO N    N  N N 318 
PRO CA   C  N S 319 
PRO C    C  N N 320 
PRO O    O  N N 321 
PRO CB   C  N N 322 
PRO CG   C  N N 323 
PRO CD   C  N N 324 
PRO OXT  O  N N 325 
PRO H    H  N N 326 
PRO HA   H  N N 327 
PRO HB2  H  N N 328 
PRO HB3  H  N N 329 
PRO HG2  H  N N 330 
PRO HG3  H  N N 331 
PRO HD2  H  N N 332 
PRO HD3  H  N N 333 
PRO HXT  H  N N 334 
SER N    N  N N 335 
SER CA   C  N S 336 
SER C    C  N N 337 
SER O    O  N N 338 
SER CB   C  N N 339 
SER OG   O  N N 340 
SER OXT  O  N N 341 
SER H    H  N N 342 
SER H2   H  N N 343 
SER HA   H  N N 344 
SER HB2  H  N N 345 
SER HB3  H  N N 346 
SER HG   H  N N 347 
SER HXT  H  N N 348 
THR N    N  N N 349 
THR CA   C  N S 350 
THR C    C  N N 351 
THR O    O  N N 352 
THR CB   C  N R 353 
THR OG1  O  N N 354 
THR CG2  C  N N 355 
THR OXT  O  N N 356 
THR H    H  N N 357 
THR H2   H  N N 358 
THR HA   H  N N 359 
THR HB   H  N N 360 
THR HG1  H  N N 361 
THR HG21 H  N N 362 
THR HG22 H  N N 363 
THR HG23 H  N N 364 
THR HXT  H  N N 365 
TRP N    N  N N 366 
TRP CA   C  N S 367 
TRP C    C  N N 368 
TRP O    O  N N 369 
TRP CB   C  N N 370 
TRP CG   C  Y N 371 
TRP CD1  C  Y N 372 
TRP CD2  C  Y N 373 
TRP NE1  N  Y N 374 
TRP CE2  C  Y N 375 
TRP CE3  C  Y N 376 
TRP CZ2  C  Y N 377 
TRP CZ3  C  Y N 378 
TRP CH2  C  Y N 379 
TRP OXT  O  N N 380 
TRP H    H  N N 381 
TRP H2   H  N N 382 
TRP HA   H  N N 383 
TRP HB2  H  N N 384 
TRP HB3  H  N N 385 
TRP HD1  H  N N 386 
TRP HE1  H  N N 387 
TRP HE3  H  N N 388 
TRP HZ2  H  N N 389 
TRP HZ3  H  N N 390 
TRP HH2  H  N N 391 
TRP HXT  H  N N 392 
TYR N    N  N N 393 
TYR CA   C  N S 394 
TYR C    C  N N 395 
TYR O    O  N N 396 
TYR CB   C  N N 397 
TYR CG   C  Y N 398 
TYR CD1  C  Y N 399 
TYR CD2  C  Y N 400 
TYR CE1  C  Y N 401 
TYR CE2  C  Y N 402 
TYR CZ   C  Y N 403 
TYR OH   O  N N 404 
TYR OXT  O  N N 405 
TYR H    H  N N 406 
TYR H2   H  N N 407 
TYR HA   H  N N 408 
TYR HB2  H  N N 409 
TYR HB3  H  N N 410 
TYR HD1  H  N N 411 
TYR HD2  H  N N 412 
TYR HE1  H  N N 413 
TYR HE2  H  N N 414 
TYR HH   H  N N 415 
TYR HXT  H  N N 416 
VAL N    N  N N 417 
VAL CA   C  N S 418 
VAL C    C  N N 419 
VAL O    O  N N 420 
VAL CB   C  N N 421 
VAL CG1  C  N N 422 
VAL CG2  C  N N 423 
VAL OXT  O  N N 424 
VAL H    H  N N 425 
VAL H2   H  N N 426 
VAL HA   H  N N 427 
VAL HB   H  N N 428 
VAL HG11 H  N N 429 
VAL HG12 H  N N 430 
VAL HG13 H  N N 431 
VAL HG21 H  N N 432 
VAL HG22 H  N N 433 
VAL HG23 H  N N 434 
VAL HXT  H  N N 435 
# 
loop_
_chem_comp_bond.comp_id 
_chem_comp_bond.atom_id_1 
_chem_comp_bond.atom_id_2 
_chem_comp_bond.value_order 
_chem_comp_bond.pdbx_aromatic_flag 
_chem_comp_bond.pdbx_stereo_config 
_chem_comp_bond.pdbx_ordinal 
ACT C   O    doub N N 1   
ACT C   OXT  sing N N 2   
ACT C   CH3  sing N N 3   
ACT CH3 H1   sing N N 4   
ACT CH3 H2   sing N N 5   
ACT CH3 H3   sing N N 6   
ALA N   CA   sing N N 7   
ALA N   H    sing N N 8   
ALA N   H2   sing N N 9   
ALA CA  C    sing N N 10  
ALA CA  CB   sing N N 11  
ALA CA  HA   sing N N 12  
ALA C   O    doub N N 13  
ALA C   OXT  sing N N 14  
ALA CB  HB1  sing N N 15  
ALA CB  HB2  sing N N 16  
ALA CB  HB3  sing N N 17  
ALA OXT HXT  sing N N 18  
ARG N   CA   sing N N 19  
ARG N   H    sing N N 20  
ARG N   H2   sing N N 21  
ARG CA  C    sing N N 22  
ARG CA  CB   sing N N 23  
ARG CA  HA   sing N N 24  
ARG C   O    doub N N 25  
ARG C   OXT  sing N N 26  
ARG CB  CG   sing N N 27  
ARG CB  HB2  sing N N 28  
ARG CB  HB3  sing N N 29  
ARG CG  CD   sing N N 30  
ARG CG  HG2  sing N N 31  
ARG CG  HG3  sing N N 32  
ARG CD  NE   sing N N 33  
ARG CD  HD2  sing N N 34  
ARG CD  HD3  sing N N 35  
ARG NE  CZ   sing N N 36  
ARG NE  HE   sing N N 37  
ARG CZ  NH1  sing N N 38  
ARG CZ  NH2  doub N N 39  
ARG NH1 HH11 sing N N 40  
ARG NH1 HH12 sing N N 41  
ARG NH2 HH21 sing N N 42  
ARG NH2 HH22 sing N N 43  
ARG OXT HXT  sing N N 44  
ASN N   CA   sing N N 45  
ASN N   H    sing N N 46  
ASN N   H2   sing N N 47  
ASN CA  C    sing N N 48  
ASN CA  CB   sing N N 49  
ASN CA  HA   sing N N 50  
ASN C   O    doub N N 51  
ASN C   OXT  sing N N 52  
ASN CB  CG   sing N N 53  
ASN CB  HB2  sing N N 54  
ASN CB  HB3  sing N N 55  
ASN CG  OD1  doub N N 56  
ASN CG  ND2  sing N N 57  
ASN ND2 HD21 sing N N 58  
ASN ND2 HD22 sing N N 59  
ASN OXT HXT  sing N N 60  
ASP N   CA   sing N N 61  
ASP N   H    sing N N 62  
ASP N   H2   sing N N 63  
ASP CA  C    sing N N 64  
ASP CA  CB   sing N N 65  
ASP CA  HA   sing N N 66  
ASP C   O    doub N N 67  
ASP C   OXT  sing N N 68  
ASP CB  CG   sing N N 69  
ASP CB  HB2  sing N N 70  
ASP CB  HB3  sing N N 71  
ASP CG  OD1  doub N N 72  
ASP CG  OD2  sing N N 73  
ASP OD2 HD2  sing N N 74  
ASP OXT HXT  sing N N 75  
CHX C1  C2   sing N N 76  
CHX C1  C6   sing N N 77  
CHX C1  H11  sing N N 78  
CHX C1  H12  sing N N 79  
CHX C2  C3   sing N N 80  
CHX C2  H21  sing N N 81  
CHX C2  H22  sing N N 82  
CHX C3  C4   sing N N 83  
CHX C3  H31  sing N N 84  
CHX C3  H32  sing N N 85  
CHX C4  C5   sing N N 86  
CHX C4  H41  sing N N 87  
CHX C4  H42  sing N N 88  
CHX C5  C6   sing N N 89  
CHX C5  H51  sing N N 90  
CHX C5  H52  sing N N 91  
CHX C6  H61  sing N N 92  
CHX C6  H62  sing N N 93  
CYS N   CA   sing N N 94  
CYS N   H    sing N N 95  
CYS N   H2   sing N N 96  
CYS CA  C    sing N N 97  
CYS CA  CB   sing N N 98  
CYS CA  HA   sing N N 99  
CYS C   O    doub N N 100 
CYS C   OXT  sing N N 101 
CYS CB  SG   sing N N 102 
CYS CB  HB2  sing N N 103 
CYS CB  HB3  sing N N 104 
CYS SG  HG   sing N N 105 
CYS OXT HXT  sing N N 106 
EDO C1  O1   sing N N 107 
EDO C1  C2   sing N N 108 
EDO C1  H11  sing N N 109 
EDO C1  H12  sing N N 110 
EDO O1  HO1  sing N N 111 
EDO C2  O2   sing N N 112 
EDO C2  H21  sing N N 113 
EDO C2  H22  sing N N 114 
EDO O2  HO2  sing N N 115 
FMT C   O1   doub N N 116 
FMT C   O2   sing N N 117 
FMT C   H    sing N N 118 
FMT O2  HO2  sing N N 119 
GLN N   CA   sing N N 120 
GLN N   H    sing N N 121 
GLN N   H2   sing N N 122 
GLN CA  C    sing N N 123 
GLN CA  CB   sing N N 124 
GLN CA  HA   sing N N 125 
GLN C   O    doub N N 126 
GLN C   OXT  sing N N 127 
GLN CB  CG   sing N N 128 
GLN CB  HB2  sing N N 129 
GLN CB  HB3  sing N N 130 
GLN CG  CD   sing N N 131 
GLN CG  HG2  sing N N 132 
GLN CG  HG3  sing N N 133 
GLN CD  OE1  doub N N 134 
GLN CD  NE2  sing N N 135 
GLN NE2 HE21 sing N N 136 
GLN NE2 HE22 sing N N 137 
GLN OXT HXT  sing N N 138 
GLU N   CA   sing N N 139 
GLU N   H    sing N N 140 
GLU N   H2   sing N N 141 
GLU CA  C    sing N N 142 
GLU CA  CB   sing N N 143 
GLU CA  HA   sing N N 144 
GLU C   O    doub N N 145 
GLU C   OXT  sing N N 146 
GLU CB  CG   sing N N 147 
GLU CB  HB2  sing N N 148 
GLU CB  HB3  sing N N 149 
GLU CG  CD   sing N N 150 
GLU CG  HG2  sing N N 151 
GLU CG  HG3  sing N N 152 
GLU CD  OE1  doub N N 153 
GLU CD  OE2  sing N N 154 
GLU OE2 HE2  sing N N 155 
GLU OXT HXT  sing N N 156 
GLY N   CA   sing N N 157 
GLY N   H    sing N N 158 
GLY N   H2   sing N N 159 
GLY CA  C    sing N N 160 
GLY CA  HA2  sing N N 161 
GLY CA  HA3  sing N N 162 
GLY C   O    doub N N 163 
GLY C   OXT  sing N N 164 
GLY OXT HXT  sing N N 165 
HIS N   CA   sing N N 166 
HIS N   H    sing N N 167 
HIS N   H2   sing N N 168 
HIS CA  C    sing N N 169 
HIS CA  CB   sing N N 170 
HIS CA  HA   sing N N 171 
HIS C   O    doub N N 172 
HIS C   OXT  sing N N 173 
HIS CB  CG   sing N N 174 
HIS CB  HB2  sing N N 175 
HIS CB  HB3  sing N N 176 
HIS CG  ND1  sing Y N 177 
HIS CG  CD2  doub Y N 178 
HIS ND1 CE1  doub Y N 179 
HIS ND1 HD1  sing N N 180 
HIS CD2 NE2  sing Y N 181 
HIS CD2 HD2  sing N N 182 
HIS CE1 NE2  sing Y N 183 
HIS CE1 HE1  sing N N 184 
HIS NE2 HE2  sing N N 185 
HIS OXT HXT  sing N N 186 
HOH O   H1   sing N N 187 
HOH O   H2   sing N N 188 
ILE N   CA   sing N N 189 
ILE N   H    sing N N 190 
ILE N   H2   sing N N 191 
ILE CA  C    sing N N 192 
ILE CA  CB   sing N N 193 
ILE CA  HA   sing N N 194 
ILE C   O    doub N N 195 
ILE C   OXT  sing N N 196 
ILE CB  CG1  sing N N 197 
ILE CB  CG2  sing N N 198 
ILE CB  HB   sing N N 199 
ILE CG1 CD1  sing N N 200 
ILE CG1 HG12 sing N N 201 
ILE CG1 HG13 sing N N 202 
ILE CG2 HG21 sing N N 203 
ILE CG2 HG22 sing N N 204 
ILE CG2 HG23 sing N N 205 
ILE CD1 HD11 sing N N 206 
ILE CD1 HD12 sing N N 207 
ILE CD1 HD13 sing N N 208 
ILE OXT HXT  sing N N 209 
LEU N   CA   sing N N 210 
LEU N   H    sing N N 211 
LEU N   H2   sing N N 212 
LEU CA  C    sing N N 213 
LEU CA  CB   sing N N 214 
LEU CA  HA   sing N N 215 
LEU C   O    doub N N 216 
LEU C   OXT  sing N N 217 
LEU CB  CG   sing N N 218 
LEU CB  HB2  sing N N 219 
LEU CB  HB3  sing N N 220 
LEU CG  CD1  sing N N 221 
LEU CG  CD2  sing N N 222 
LEU CG  HG   sing N N 223 
LEU CD1 HD11 sing N N 224 
LEU CD1 HD12 sing N N 225 
LEU CD1 HD13 sing N N 226 
LEU CD2 HD21 sing N N 227 
LEU CD2 HD22 sing N N 228 
LEU CD2 HD23 sing N N 229 
LEU OXT HXT  sing N N 230 
LYS N   CA   sing N N 231 
LYS N   H    sing N N 232 
LYS N   H2   sing N N 233 
LYS CA  C    sing N N 234 
LYS CA  CB   sing N N 235 
LYS CA  HA   sing N N 236 
LYS C   O    doub N N 237 
LYS C   OXT  sing N N 238 
LYS CB  CG   sing N N 239 
LYS CB  HB2  sing N N 240 
LYS CB  HB3  sing N N 241 
LYS CG  CD   sing N N 242 
LYS CG  HG2  sing N N 243 
LYS CG  HG3  sing N N 244 
LYS CD  CE   sing N N 245 
LYS CD  HD2  sing N N 246 
LYS CD  HD3  sing N N 247 
LYS CE  NZ   sing N N 248 
LYS CE  HE2  sing N N 249 
LYS CE  HE3  sing N N 250 
LYS NZ  HZ1  sing N N 251 
LYS NZ  HZ2  sing N N 252 
LYS NZ  HZ3  sing N N 253 
LYS OXT HXT  sing N N 254 
MSE N   CA   sing N N 255 
MSE N   H    sing N N 256 
MSE N   H2   sing N N 257 
MSE CA  C    sing N N 258 
MSE CA  CB   sing N N 259 
MSE CA  HA   sing N N 260 
MSE C   O    doub N N 261 
MSE C   OXT  sing N N 262 
MSE OXT HXT  sing N N 263 
MSE CB  CG   sing N N 264 
MSE CB  HB2  sing N N 265 
MSE CB  HB3  sing N N 266 
MSE CG  SE   sing N N 267 
MSE CG  HG2  sing N N 268 
MSE CG  HG3  sing N N 269 
MSE SE  CE   sing N N 270 
MSE CE  HE1  sing N N 271 
MSE CE  HE2  sing N N 272 
MSE CE  HE3  sing N N 273 
PHE N   CA   sing N N 274 
PHE N   H    sing N N 275 
PHE N   H2   sing N N 276 
PHE CA  C    sing N N 277 
PHE CA  CB   sing N N 278 
PHE CA  HA   sing N N 279 
PHE C   O    doub N N 280 
PHE C   OXT  sing N N 281 
PHE CB  CG   sing N N 282 
PHE CB  HB2  sing N N 283 
PHE CB  HB3  sing N N 284 
PHE CG  CD1  doub Y N 285 
PHE CG  CD2  sing Y N 286 
PHE CD1 CE1  sing Y N 287 
PHE CD1 HD1  sing N N 288 
PHE CD2 CE2  doub Y N 289 
PHE CD2 HD2  sing N N 290 
PHE CE1 CZ   doub Y N 291 
PHE CE1 HE1  sing N N 292 
PHE CE2 CZ   sing Y N 293 
PHE CE2 HE2  sing N N 294 
PHE CZ  HZ   sing N N 295 
PHE OXT HXT  sing N N 296 
PO4 P   O1   doub N N 297 
PO4 P   O2   sing N N 298 
PO4 P   O3   sing N N 299 
PO4 P   O4   sing N N 300 
PRO N   CA   sing N N 301 
PRO N   CD   sing N N 302 
PRO N   H    sing N N 303 
PRO CA  C    sing N N 304 
PRO CA  CB   sing N N 305 
PRO CA  HA   sing N N 306 
PRO C   O    doub N N 307 
PRO C   OXT  sing N N 308 
PRO CB  CG   sing N N 309 
PRO CB  HB2  sing N N 310 
PRO CB  HB3  sing N N 311 
PRO CG  CD   sing N N 312 
PRO CG  HG2  sing N N 313 
PRO CG  HG3  sing N N 314 
PRO CD  HD2  sing N N 315 
PRO CD  HD3  sing N N 316 
PRO OXT HXT  sing N N 317 
SER N   CA   sing N N 318 
SER N   H    sing N N 319 
SER N   H2   sing N N 320 
SER CA  C    sing N N 321 
SER CA  CB   sing N N 322 
SER CA  HA   sing N N 323 
SER C   O    doub N N 324 
SER C   OXT  sing N N 325 
SER CB  OG   sing N N 326 
SER CB  HB2  sing N N 327 
SER CB  HB3  sing N N 328 
SER OG  HG   sing N N 329 
SER OXT HXT  sing N N 330 
THR N   CA   sing N N 331 
THR N   H    sing N N 332 
THR N   H2   sing N N 333 
THR CA  C    sing N N 334 
THR CA  CB   sing N N 335 
THR CA  HA   sing N N 336 
THR C   O    doub N N 337 
THR C   OXT  sing N N 338 
THR CB  OG1  sing N N 339 
THR CB  CG2  sing N N 340 
THR CB  HB   sing N N 341 
THR OG1 HG1  sing N N 342 
THR CG2 HG21 sing N N 343 
THR CG2 HG22 sing N N 344 
THR CG2 HG23 sing N N 345 
THR OXT HXT  sing N N 346 
TRP N   CA   sing N N 347 
TRP N   H    sing N N 348 
TRP N   H2   sing N N 349 
TRP CA  C    sing N N 350 
TRP CA  CB   sing N N 351 
TRP CA  HA   sing N N 352 
TRP C   O    doub N N 353 
TRP C   OXT  sing N N 354 
TRP CB  CG   sing N N 355 
TRP CB  HB2  sing N N 356 
TRP CB  HB3  sing N N 357 
TRP CG  CD1  doub Y N 358 
TRP CG  CD2  sing Y N 359 
TRP CD1 NE1  sing Y N 360 
TRP CD1 HD1  sing N N 361 
TRP CD2 CE2  doub Y N 362 
TRP CD2 CE3  sing Y N 363 
TRP NE1 CE2  sing Y N 364 
TRP NE1 HE1  sing N N 365 
TRP CE2 CZ2  sing Y N 366 
TRP CE3 CZ3  doub Y N 367 
TRP CE3 HE3  sing N N 368 
TRP CZ2 CH2  doub Y N 369 
TRP CZ2 HZ2  sing N N 370 
TRP CZ3 CH2  sing Y N 371 
TRP CZ3 HZ3  sing N N 372 
TRP CH2 HH2  sing N N 373 
TRP OXT HXT  sing N N 374 
TYR N   CA   sing N N 375 
TYR N   H    sing N N 376 
TYR N   H2   sing N N 377 
TYR CA  C    sing N N 378 
TYR CA  CB   sing N N 379 
TYR CA  HA   sing N N 380 
TYR C   O    doub N N 381 
TYR C   OXT  sing N N 382 
TYR CB  CG   sing N N 383 
TYR CB  HB2  sing N N 384 
TYR CB  HB3  sing N N 385 
TYR CG  CD1  doub Y N 386 
TYR CG  CD2  sing Y N 387 
TYR CD1 CE1  sing Y N 388 
TYR CD1 HD1  sing N N 389 
TYR CD2 CE2  doub Y N 390 
TYR CD2 HD2  sing N N 391 
TYR CE1 CZ   doub Y N 392 
TYR CE1 HE1  sing N N 393 
TYR CE2 CZ   sing Y N 394 
TYR CE2 HE2  sing N N 395 
TYR CZ  OH   sing N N 396 
TYR OH  HH   sing N N 397 
TYR OXT HXT  sing N N 398 
VAL N   CA   sing N N 399 
VAL N   H    sing N N 400 
VAL N   H2   sing N N 401 
VAL CA  C    sing N N 402 
VAL CA  CB   sing N N 403 
VAL CA  HA   sing N N 404 
VAL C   O    doub N N 405 
VAL C   OXT  sing N N 406 
VAL CB  CG1  sing N N 407 
VAL CB  CG2  sing N N 408 
VAL CB  HB   sing N N 409 
VAL CG1 HG11 sing N N 410 
VAL CG1 HG12 sing N N 411 
VAL CG1 HG13 sing N N 412 
VAL CG2 HG21 sing N N 413 
VAL CG2 HG22 sing N N 414 
VAL CG2 HG23 sing N N 415 
VAL OXT HXT  sing N N 416 
# 
_atom_sites.entry_id                    3F5B 
_atom_sites.fract_transf_matrix[1][1]   -0.00355057 
_atom_sites.fract_transf_matrix[1][2]   -0.01103138 
_atom_sites.fract_transf_matrix[1][3]   0.00567357 
_atom_sites.fract_transf_matrix[2][1]   -0.01230789 
_atom_sites.fract_transf_matrix[2][2]   0.00386924 
_atom_sites.fract_transf_matrix[2][3]   -0.00017924 
_atom_sites.fract_transf_matrix[3][1]   -0.00163952 
_atom_sites.fract_transf_matrix[3][2]   -0.00578374 
_atom_sites.fract_transf_matrix[3][3]   -0.01227161 
_atom_sites.fract_transf_vector[1]      0.375959 
_atom_sites.fract_transf_vector[2]      0.298485 
_atom_sites.fract_transf_vector[3]      0.175540 
# 
loop_
_atom_type.symbol 
C  
N  
O  
P  
S  
SE 
# 
loop_
_atom_site.group_PDB 
_atom_site.id 
_atom_site.type_symbol 
_atom_site.label_atom_id 
_atom_site.label_alt_id 
_atom_site.label_comp_id 
_atom_site.label_asym_id 
_atom_site.label_entity_id 
_atom_site.label_seq_id 
_atom_site.pdbx_PDB_ins_code 
_atom_site.Cartn_x 
_atom_site.Cartn_y 
_atom_site.Cartn_z 
_atom_site.occupancy 
_atom_site.B_iso_or_equiv 
_atom_site.pdbx_formal_charge 
_atom_site.auth_seq_id 
_atom_site.auth_comp_id 
_atom_site.auth_asym_id 
_atom_site.auth_atom_id 
_atom_site.pdbx_PDB_model_num 
ATOM   1    N  N   . ASN A 1 2   ? -22.021 27.234  2.715   1.00 61.45 ? -1  ASN A N   1 
ATOM   2    C  CA  . ASN A 1 2   ? -22.990 27.857  1.764   1.00 60.48 ? -1  ASN A CA  1 
ATOM   3    C  C   . ASN A 1 2   ? -23.258 26.888  0.605   1.00 60.50 ? -1  ASN A C   1 
ATOM   4    O  O   . ASN A 1 2   ? -22.913 25.693  0.713   1.00 60.05 ? -1  ASN A O   1 
ATOM   5    C  CB  . ASN A 1 2   ? -22.544 29.276  1.319   1.00 60.37 ? -1  ASN A CB  1 
ATOM   6    C  CG  . ASN A 1 2   ? -21.335 29.283  0.370   1.00 60.05 ? -1  ASN A CG  1 
ATOM   7    O  OD1 . ASN A 1 2   ? -20.750 28.250  0.057   1.00 60.67 ? -1  ASN A OD1 1 
ATOM   8    N  ND2 . ASN A 1 2   ? -20.968 30.475  -0.093  1.00 60.38 ? -1  ASN A ND2 1 
ATOM   9    N  N   . ALA A 1 3   ? -23.870 27.383  -0.478  1.00 59.11 ? 0   ALA A N   1 
ATOM   10   C  CA  . ALA A 1 3   ? -24.293 26.522  -1.584  1.00 58.53 ? 0   ALA A CA  1 
ATOM   11   C  C   . ALA A 1 3   ? -23.155 25.930  -2.424  1.00 59.11 ? 0   ALA A C   1 
ATOM   12   O  O   . ALA A 1 3   ? -23.375 24.968  -3.162  1.00 59.29 ? 0   ALA A O   1 
ATOM   13   C  CB  . ALA A 1 3   ? -25.341 27.216  -2.480  1.00 57.11 ? 0   ALA A CB  1 
HETATM 14   N  N   . MSE A 1 4   ? -21.940 26.469  -2.323  1.00 59.15 ? 1   MSE A N   1 
HETATM 15   C  CA  . MSE A 1 4   ? -20.832 25.849  -3.057  1.00 59.41 ? 1   MSE A CA  1 
HETATM 16   C  C   . MSE A 1 4   ? -19.726 25.289  -2.139  1.00 58.94 ? 1   MSE A C   1 
HETATM 17   O  O   . MSE A 1 4   ? -18.596 25.100  -2.573  1.00 58.56 ? 1   MSE A O   1 
HETATM 18   C  CB  . MSE A 1 4   ? -20.301 26.770  -4.173  1.00 60.05 ? 1   MSE A CB  1 
HETATM 19   C  CG  . MSE A 1 4   ? -19.403 27.866  -3.699  1.00 60.91 ? 1   MSE A CG  1 
HETATM 20   SE SE  . MSE A 1 4   ? -19.863 29.564  -4.492  0.50 62.53 ? 1   MSE A SE  1 
HETATM 21   C  CE  . MSE A 1 4   ? -19.280 30.675  -3.006  1.00 62.23 ? 1   MSE A CE  1 
HETATM 22   N  N   . MSE A 1 5   ? -20.069 25.031  -0.876  1.00 58.98 ? 2   MSE A N   1 
HETATM 23   C  CA  . MSE A 1 5   ? -19.200 24.280  0.041   1.00 58.83 ? 2   MSE A CA  1 
HETATM 24   C  C   . MSE A 1 5   ? -19.864 22.938  0.340   1.00 58.68 ? 2   MSE A C   1 
HETATM 25   O  O   . MSE A 1 5   ? -19.232 22.029  0.868   1.00 59.42 ? 2   MSE A O   1 
HETATM 26   C  CB  . MSE A 1 5   ? -18.960 25.040  1.352   1.00 58.39 ? 2   MSE A CB  1 
HETATM 27   C  CG  . MSE A 1 5   ? -18.405 26.453  1.190   1.00 57.93 ? 2   MSE A CG  1 
HETATM 28   SE SE  . MSE A 1 5   ? -16.537 26.535  0.609   0.50 57.53 ? 2   MSE A SE  1 
HETATM 29   C  CE  . MSE A 1 5   ? -15.720 25.364  1.942   1.00 57.38 ? 2   MSE A CE  1 
ATOM   30   N  N   . GLU A 1 12  ? -18.623 9.966   5.823   1.00 41.17 ? 9   GLU A N   1 
ATOM   31   C  CA  . GLU A 1 12  ? -17.203 10.066  6.117   1.00 41.09 ? 9   GLU A CA  1 
ATOM   32   C  C   . GLU A 1 12  ? -16.519 8.696   6.011   1.00 39.55 ? 9   GLU A C   1 
ATOM   33   O  O   . GLU A 1 12  ? -17.087 7.766   5.433   1.00 40.34 ? 9   GLU A O   1 
ATOM   34   C  CB  . GLU A 1 12  ? -16.988 10.689  7.493   1.00 41.60 ? 9   GLU A CB  1 
ATOM   35   C  CG  . GLU A 1 12  ? -17.847 10.110  8.591   1.00 43.72 ? 9   GLU A CG  1 
ATOM   36   C  CD  . GLU A 1 12  ? -17.524 10.719  9.964   1.00 44.86 ? 9   GLU A CD  1 
ATOM   37   O  OE1 . GLU A 1 12  ? -17.492 9.947   10.952  1.00 45.45 ? 9   GLU A OE1 1 
ATOM   38   O  OE2 . GLU A 1 12  ? -17.301 11.954  10.056  1.00 44.74 ? 9   GLU A OE2 1 
ATOM   39   N  N   . PHE A 1 13  ? -15.322 8.565   6.578   1.00 36.47 ? 10  PHE A N   1 
ATOM   40   C  CA  . PHE A 1 13  ? -14.505 7.377   6.353   1.00 33.75 ? 10  PHE A CA  1 
ATOM   41   C  C   . PHE A 1 13  ? -14.932 6.168   7.180   1.00 32.35 ? 10  PHE A C   1 
ATOM   42   O  O   . PHE A 1 13  ? -15.212 6.292   8.357   1.00 31.86 ? 10  PHE A O   1 
ATOM   43   C  CB  . PHE A 1 13  ? -13.031 7.668   6.636   1.00 34.67 ? 10  PHE A CB  1 
ATOM   44   C  CG  . PHE A 1 13  ? -12.377 8.611   5.653   1.00 35.21 ? 10  PHE A CG  1 
ATOM   45   C  CD1 . PHE A 1 13  ? -13.119 9.270   4.665   1.00 35.66 ? 10  PHE A CD1 1 
ATOM   46   C  CD2 . PHE A 1 13  ? -11.024 8.867   5.749   1.00 34.65 ? 10  PHE A CD2 1 
ATOM   47   C  CE1 . PHE A 1 13  ? -12.504 10.166  3.798   1.00 36.92 ? 10  PHE A CE1 1 
ATOM   48   C  CE2 . PHE A 1 13  ? -10.400 9.747   4.889   1.00 36.49 ? 10  PHE A CE2 1 
ATOM   49   C  CZ  . PHE A 1 13  ? -11.124 10.405  3.918   1.00 36.89 ? 10  PHE A CZ  1 
ATOM   50   N  N   . ARG A 1 14  ? -14.924 4.994   6.560   1.00 29.86 ? 11  ARG A N   1 
ATOM   51   C  CA  . ARG A 1 14  ? -15.260 3.746   7.228   1.00 27.15 ? 11  ARG A CA  1 
ATOM   52   C  C   . ARG A 1 14  ? -14.074 3.158   8.031   1.00 26.03 ? 11  ARG A C   1 
ATOM   53   O  O   . ARG A 1 14  ? -14.260 2.589   9.096   1.00 26.35 ? 11  ARG A O   1 
ATOM   54   C  CB  . ARG A 1 14  ? -15.724 2.715   6.180   1.00 28.29 ? 11  ARG A CB  1 
ATOM   55   C  CG  . ARG A 1 14  ? -16.207 1.390   6.795   1.00 29.16 ? 11  ARG A CG  1 
ATOM   56   C  CD  . ARG A 1 14  ? -16.334 0.307   5.701   1.00 29.69 ? 11  ARG A CD  1 
ATOM   57   N  NE  . ARG A 1 14  ? -16.593 -1.012  6.278   1.00 29.64 ? 11  ARG A NE  1 
ATOM   58   C  CZ  . ARG A 1 14  ? -17.241 -1.987  5.634   1.00 30.07 ? 11  ARG A CZ  1 
ATOM   59   N  NH1 . ARG A 1 14  ? -17.715 -1.766  4.405   1.00 27.39 ? 11  ARG A NH1 1 
ATOM   60   N  NH2 . ARG A 1 14  ? -17.457 -3.155  6.240   1.00 28.78 ? 11  ARG A NH2 1 
ATOM   61   N  N   . PHE A 1 15  ? -12.872 3.273   7.488   1.00 24.71 ? 12  PHE A N   1 
ATOM   62   C  CA  . PHE A 1 15  ? -11.704 2.595   8.016   1.00 26.00 ? 12  PHE A CA  1 
ATOM   63   C  C   . PHE A 1 15  ? -10.767 3.486   8.838   1.00 27.09 ? 12  PHE A C   1 
ATOM   64   O  O   . PHE A 1 15  ? -10.763 4.721   8.690   1.00 25.72 ? 12  PHE A O   1 
ATOM   65   C  CB  . PHE A 1 15  ? -10.889 1.985   6.869   1.00 26.83 ? 12  PHE A CB  1 
ATOM   66   C  CG  . PHE A 1 15  ? -11.697 1.102   5.959   1.00 26.78 ? 12  PHE A CG  1 
ATOM   67   C  CD1 . PHE A 1 15  ? -12.380 0.000   6.472   1.00 25.95 ? 12  PHE A CD1 1 
ATOM   68   C  CD2 . PHE A 1 15  ? -11.751 1.360   4.596   1.00 26.75 ? 12  PHE A CD2 1 
ATOM   69   C  CE1 . PHE A 1 15  ? -13.098 -0.838  5.617   1.00 25.01 ? 12  PHE A CE1 1 
ATOM   70   C  CE2 . PHE A 1 15  ? -12.492 0.546   3.740   1.00 26.78 ? 12  PHE A CE2 1 
ATOM   71   C  CZ  . PHE A 1 15  ? -13.165 -0.542  4.254   1.00 26.41 ? 12  PHE A CZ  1 
ATOM   72   N  N   . CYS A 1 16  ? -9.977  2.821   9.682   1.00 26.62 ? 13  CYS A N   1 
ATOM   73   C  CA  . CYS A 1 16  ? -9.026  3.453   10.583  1.00 29.65 ? 13  CYS A CA  1 
ATOM   74   C  C   . CYS A 1 16  ? -7.661  2.870   10.260  1.00 27.98 ? 13  CYS A C   1 
ATOM   75   O  O   . CYS A 1 16  ? -7.560  1.678   9.952   1.00 28.62 ? 13  CYS A O   1 
ATOM   76   C  CB  . CYS A 1 16  ? -9.396  3.099   12.024  1.00 33.01 ? 13  CYS A CB  1 
ATOM   77   S  SG  . CYS A 1 16  ? -8.307  3.833   13.246  1.00 42.38 ? 13  CYS A SG  1 
ATOM   78   N  N   . PHE A 1 17  ? -6.621  3.690   10.306  1.00 25.77 ? 14  PHE A N   1 
ATOM   79   C  CA  . PHE A 1 17  ? -5.262  3.225   9.977   1.00 25.52 ? 14  PHE A CA  1 
ATOM   80   C  C   . PHE A 1 17  ? -4.296  3.656   11.087  1.00 25.71 ? 14  PHE A C   1 
ATOM   81   O  O   . PHE A 1 17  ? -4.381  4.789   11.596  1.00 26.02 ? 14  PHE A O   1 
ATOM   82   C  CB  . PHE A 1 17  ? -4.794  3.798   8.613   1.00 24.40 ? 14  PHE A CB  1 
ATOM   83   C  CG  . PHE A 1 17  ? -5.765  3.546   7.485   1.00 24.82 ? 14  PHE A CG  1 
ATOM   84   C  CD1 . PHE A 1 17  ? -5.681  2.387   6.735   1.00 23.02 ? 14  PHE A CD1 1 
ATOM   85   C  CD2 . PHE A 1 17  ? -6.777  4.489   7.184   1.00 25.12 ? 14  PHE A CD2 1 
ATOM   86   C  CE1 . PHE A 1 17  ? -6.609  2.144   5.651   1.00 24.49 ? 14  PHE A CE1 1 
ATOM   87   C  CE2 . PHE A 1 17  ? -7.722  4.257   6.140   1.00 24.18 ? 14  PHE A CE2 1 
ATOM   88   C  CZ  . PHE A 1 17  ? -7.653  3.076   5.384   1.00 24.16 ? 14  PHE A CZ  1 
ATOM   89   N  N   . LYS A 1 18  ? -3.394  2.759   11.458  1.00 24.33 ? 15  LYS A N   1 
ATOM   90   C  CA  . LYS A 1 18  ? -2.377  3.078   12.457  1.00 24.49 ? 15  LYS A CA  1 
ATOM   91   C  C   . LYS A 1 18  ? -1.077  2.408   12.130  1.00 24.22 ? 15  LYS A C   1 
ATOM   92   O  O   . LYS A 1 18  ? -1.058  1.354   11.533  1.00 24.48 ? 15  LYS A O   1 
ATOM   93   C  CB  . LYS A 1 18  ? -2.778  2.719   13.913  1.00 27.94 ? 15  LYS A CB  1 
ATOM   94   C  CG  . LYS A 1 18  ? -4.021  1.876   14.153  1.00 30.97 ? 15  LYS A CG  1 
ATOM   95   C  CD  . LYS A 1 18  ? -5.298  2.758   14.288  1.00 32.55 ? 15  LYS A CD  1 
ATOM   96   C  CE  . LYS A 1 18  ? -5.711  3.173   15.772  1.00 33.46 ? 15  LYS A CE  1 
ATOM   97   N  NZ  . LYS A 1 18  ? -5.390  4.632   16.185  1.00 29.16 ? 15  LYS A NZ  1 
ATOM   98   N  N   . GLN A 1 19  ? 0.015   3.017   12.578  1.00 24.15 ? 16  GLN A N   1 
ATOM   99   C  CA  . GLN A 1 19  ? 1.292   2.371   12.511  1.00 24.60 ? 16  GLN A CA  1 
ATOM   100  C  C   . GLN A 1 19  ? 1.233   1.136   13.386  1.00 26.72 ? 16  GLN A C   1 
ATOM   101  O  O   . GLN A 1 19  ? 0.583   1.111   14.430  1.00 26.64 ? 16  GLN A O   1 
ATOM   102  C  CB  . GLN A 1 19  ? 2.413   3.319   12.913  1.00 24.27 ? 16  GLN A CB  1 
ATOM   103  C  CG  . GLN A 1 19  ? 2.623   4.365   11.827  1.00 25.26 ? 16  GLN A CG  1 
ATOM   104  C  CD  . GLN A 1 19  ? 3.537   5.510   12.205  1.00 26.77 ? 16  GLN A CD  1 
ATOM   105  O  OE1 . GLN A 1 19  ? 4.249   5.460   13.204  1.00 26.65 ? 16  GLN A OE1 1 
ATOM   106  N  NE2 . GLN A 1 19  ? 3.494   6.593   11.392  1.00 29.00 ? 16  GLN A NE2 1 
HETATM 107  N  N   . MSE A 1 20  ? 1.902   0.086   12.946  1.00 28.32 ? 17  MSE A N   1 
HETATM 108  C  CA  A MSE A 1 20  ? 1.978   -1.174  13.671  0.50 28.64 ? 17  MSE A CA  1 
HETATM 109  C  CA  B MSE A 1 20  ? 1.861   -1.124  13.739  0.50 28.94 ? 17  MSE A CA  1 
HETATM 110  C  C   . MSE A 1 20  ? 2.629   -1.016  15.034  1.00 29.98 ? 17  MSE A C   1 
HETATM 111  O  O   . MSE A 1 20  ? 3.562   -0.215  15.182  1.00 26.14 ? 17  MSE A O   1 
HETATM 112  C  CB  A MSE A 1 20  ? 2.822   -2.146  12.853  0.50 30.03 ? 17  MSE A CB  1 
HETATM 113  C  CB  B MSE A 1 20  ? 2.353   -2.303  12.943  0.50 31.09 ? 17  MSE A CB  1 
HETATM 114  C  CG  A MSE A 1 20  ? 2.159   -2.600  11.579  0.50 31.46 ? 17  MSE A CG  1 
HETATM 115  C  CG  B MSE A 1 20  ? 1.341   -2.780  11.957  0.50 32.97 ? 17  MSE A CG  1 
HETATM 116  SE SE  A MSE A 1 20  ? 0.934   -4.030  12.009  0.50 32.68 ? 17  MSE A SE  1 
HETATM 117  SE SE  B MSE A 1 20  ? 2.260   -4.102  10.946  0.50 36.41 ? 17  MSE A SE  1 
HETATM 118  C  CE  A MSE A 1 20  ? 2.227   -5.360  12.659  0.50 31.68 ? 17  MSE A CE  1 
HETATM 119  C  CE  B MSE A 1 20  ? 2.981   -5.117  12.434  0.50 34.13 ? 17  MSE A CE  1 
ATOM   120  N  N   . ASN A 1 21  ? 2.166   -1.803  16.001  1.00 30.06 ? 18  ASN A N   1 
ATOM   121  C  CA  A ASN A 1 21  ? 2.875   -1.975  17.264  0.50 30.21 ? 18  ASN A CA  1 
ATOM   122  C  CA  B ASN A 1 21  ? 2.878   -1.957  17.247  0.50 30.34 ? 18  ASN A CA  1 
ATOM   123  C  C   . ASN A 1 21  ? 3.114   -3.459  17.511  1.00 30.20 ? 18  ASN A C   1 
ATOM   124  O  O   . ASN A 1 21  ? 2.558   -4.317  16.800  1.00 28.69 ? 18  ASN A O   1 
ATOM   125  C  CB  A ASN A 1 21  ? 2.177   -1.272  18.445  0.50 31.22 ? 18  ASN A CB  1 
ATOM   126  C  CB  B ASN A 1 21  ? 2.143   -1.191  18.360  0.50 31.61 ? 18  ASN A CB  1 
ATOM   127  C  CG  A ASN A 1 21  ? 0.819   -1.858  18.777  0.50 31.71 ? 18  ASN A CG  1 
ATOM   128  C  CG  B ASN A 1 21  ? 2.182   0.350   18.142  0.50 32.28 ? 18  ASN A CG  1 
ATOM   129  O  OD1 A ASN A 1 21  ? 0.682   -3.057  18.975  0.50 32.08 ? 18  ASN A OD1 1 
ATOM   130  O  OD1 B ASN A 1 21  ? 3.152   1.014   18.523  0.50 32.60 ? 18  ASN A OD1 1 
ATOM   131  N  ND2 A ASN A 1 21  ? -0.191  -1.002  18.862  0.50 31.71 ? 18  ASN A ND2 1 
ATOM   132  N  ND2 B ASN A 1 21  ? 1.136   0.906   17.516  0.50 32.84 ? 18  ASN A ND2 1 
ATOM   133  N  N   . LYS A 1 22  ? 3.970   -3.777  18.475  1.00 31.01 ? 19  LYS A N   1 
ATOM   134  C  CA  . LYS A 1 22  ? 4.376   -5.163  18.726  1.00 32.80 ? 19  LYS A CA  1 
ATOM   135  C  C   . LYS A 1 22  ? 3.227   -6.116  18.957  1.00 32.69 ? 19  LYS A C   1 
ATOM   136  O  O   . LYS A 1 22  ? 3.361   -7.300  18.704  1.00 32.85 ? 19  LYS A O   1 
ATOM   137  C  CB  . LYS A 1 22  ? 5.322   -5.267  19.929  1.00 34.87 ? 19  LYS A CB  1 
ATOM   138  C  CG  . LYS A 1 22  ? 6.754   -4.880  19.655  1.00 37.87 ? 19  LYS A CG  1 
ATOM   139  C  CD  . LYS A 1 22  ? 7.521   -4.783  20.982  1.00 39.65 ? 19  LYS A CD  1 
ATOM   140  C  CE  . LYS A 1 22  ? 9.019   -4.931  20.784  1.00 41.21 ? 19  LYS A CE  1 
ATOM   141  N  NZ  . LYS A 1 22  ? 9.342   -6.239  20.119  1.00 43.11 ? 19  LYS A NZ  1 
ATOM   142  N  N   . SER A 1 23  ? 2.110   -5.618  19.465  1.00 32.78 ? 20  SER A N   1 
ATOM   143  C  CA  . SER A 1 23  ? 1.022   -6.511  19.817  1.00 33.75 ? 20  SER A CA  1 
ATOM   144  C  C   . SER A 1 23  ? 0.337   -7.089  18.582  1.00 33.65 ? 20  SER A C   1 
ATOM   145  O  O   . SER A 1 23  ? -0.420  -8.050  18.692  1.00 32.44 ? 20  SER A O   1 
ATOM   146  C  CB  . SER A 1 23  ? 0.015   -5.817  20.724  1.00 33.86 ? 20  SER A CB  1 
ATOM   147  O  OG  . SER A 1 23  ? -0.624  -4.799  19.999  1.00 37.23 ? 20  SER A OG  1 
ATOM   148  N  N   . GLN A 1 24  ? 0.611   -6.517  17.410  1.00 33.89 ? 21  GLN A N   1 
ATOM   149  C  CA  . GLN A 1 24  ? -0.008  -6.960  16.165  1.00 32.98 ? 21  GLN A CA  1 
ATOM   150  C  C   . GLN A 1 24  ? 0.977   -7.727  15.306  1.00 31.09 ? 21  GLN A C   1 
ATOM   151  O  O   . GLN A 1 24  ? 0.645   -8.131  14.200  1.00 30.89 ? 21  GLN A O   1 
ATOM   152  C  CB  . GLN A 1 24  ? -0.547  -5.758  15.395  1.00 35.03 ? 21  GLN A CB  1 
ATOM   153  C  CG  . GLN A 1 24  ? -1.743  -5.093  16.055  1.00 38.02 ? 21  GLN A CG  1 
ATOM   154  C  CD  . GLN A 1 24  ? -1.680  -3.579  16.024  1.00 41.12 ? 21  GLN A CD  1 
ATOM   155  O  OE1 . GLN A 1 24  ? -0.604  -2.970  15.888  1.00 41.99 ? 21  GLN A OE1 1 
ATOM   156  N  NE2 . GLN A 1 24  ? -2.853  -2.948  16.140  1.00 43.04 ? 21  GLN A NE2 1 
ATOM   157  N  N   . HIS A 1 25  ? 2.195   -7.905  15.809  1.00 29.67 ? 22  HIS A N   1 
ATOM   158  C  CA  . HIS A 1 25  ? 3.260   -8.544  15.053  1.00 29.56 ? 22  HIS A CA  1 
ATOM   159  C  C   . HIS A 1 25  ? 2.887   -9.960  14.548  1.00 29.32 ? 22  HIS A C   1 
ATOM   160  O  O   . HIS A 1 25  ? 2.969   -10.248 13.338  1.00 27.38 ? 22  HIS A O   1 
ATOM   161  C  CB  . HIS A 1 25  ? 4.545   -8.624  15.896  1.00 28.83 ? 22  HIS A CB  1 
ATOM   162  C  CG  . HIS A 1 25  ? 5.793   -8.812  15.079  1.00 27.65 ? 22  HIS A CG  1 
ATOM   163  N  ND1 . HIS A 1 25  ? 7.055   -8.803  15.636  1.00 26.86 ? 22  HIS A ND1 1 
ATOM   164  C  CD2 . HIS A 1 25  ? 5.972   -9.013  13.748  1.00 27.15 ? 22  HIS A CD2 1 
ATOM   165  C  CE1 . HIS A 1 25  ? 7.956   -8.985  14.687  1.00 27.16 ? 22  HIS A CE1 1 
ATOM   166  N  NE2 . HIS A 1 25  ? 7.326   -9.115  13.531  1.00 27.29 ? 22  HIS A NE2 1 
ATOM   167  N  N   . GLU A 1 26  ? 2.478   -10.831 15.476  1.00 28.76 ? 23  GLU A N   1 
ATOM   168  C  CA  . GLU A 1 26  ? 2.146   -12.195 15.119  1.00 29.31 ? 23  GLU A CA  1 
ATOM   169  C  C   . GLU A 1 26  ? 0.941   -12.267 14.183  1.00 28.45 ? 23  GLU A C   1 
ATOM   170  O  O   . GLU A 1 26  ? 0.945   -13.064 13.246  1.00 27.43 ? 23  GLU A O   1 
ATOM   171  C  CB  . GLU A 1 26  ? 1.995   -13.076 16.368  1.00 31.71 ? 23  GLU A CB  1 
ATOM   172  C  CG  . GLU A 1 26  ? 3.301   -13.075 17.184  1.00 35.88 ? 23  GLU A CG  1 
ATOM   173  C  CD  . GLU A 1 26  ? 3.422   -14.198 18.162  1.00 37.90 ? 23  GLU A CD  1 
ATOM   174  O  OE1 . GLU A 1 26  ? 2.375   -14.731 18.645  1.00 39.12 ? 23  GLU A OE1 1 
ATOM   175  O  OE2 . GLU A 1 26  ? 4.581   -14.542 18.456  1.00 38.65 ? 23  GLU A OE2 1 
ATOM   176  N  N   . LEU A 1 27  ? -0.054  -11.399 14.403  1.00 28.47 ? 24  LEU A N   1 
ATOM   177  C  CA  . LEU A 1 27  ? -1.201  -11.286 13.474  1.00 28.50 ? 24  LEU A CA  1 
ATOM   178  C  C   . LEU A 1 27  ? -0.769  -11.088 12.022  1.00 29.01 ? 24  LEU A C   1 
ATOM   179  O  O   . LEU A 1 27  ? -1.230  -11.805 11.106  1.00 27.61 ? 24  LEU A O   1 
ATOM   180  C  CB  . LEU A 1 27  ? -2.163  -10.163 13.902  1.00 29.32 ? 24  LEU A CB  1 
ATOM   181  C  CG  . LEU A 1 27  ? -3.294  -9.773  12.927  1.00 30.37 ? 24  LEU A CG  1 
ATOM   182  C  CD1 . LEU A 1 27  ? -4.310  -10.874 12.777  1.00 28.99 ? 24  LEU A CD1 1 
ATOM   183  C  CD2 . LEU A 1 27  ? -3.986  -8.475  13.348  1.00 30.61 ? 24  LEU A CD2 1 
ATOM   184  N  N   . VAL A 1 28  ? 0.097   -10.093 11.807  1.00 28.31 ? 25  VAL A N   1 
ATOM   185  C  CA  . VAL A 1 28  ? 0.546   -9.757  10.466  1.00 26.28 ? 25  VAL A CA  1 
ATOM   186  C  C   . VAL A 1 28  ? 1.475   -10.853 9.931   1.00 26.62 ? 25  VAL A C   1 
ATOM   187  O  O   . VAL A 1 28  ? 1.395   -11.229 8.755   1.00 25.85 ? 25  VAL A O   1 
ATOM   188  C  CB  . VAL A 1 28  ? 1.222   -8.368  10.426  1.00 26.89 ? 25  VAL A CB  1 
ATOM   189  C  CG1 . VAL A 1 28  ? 1.925   -8.123  9.093   1.00 27.52 ? 25  VAL A CG1 1 
ATOM   190  C  CG2 . VAL A 1 28  ? 0.164   -7.272  10.705  1.00 27.41 ? 25  VAL A CG2 1 
ATOM   191  N  N   . LEU A 1 29  ? 2.345   -11.388 10.786  1.00 25.97 ? 26  LEU A N   1 
ATOM   192  C  CA  . LEU A 1 29  ? 3.165   -12.530 10.357  1.00 25.58 ? 26  LEU A CA  1 
ATOM   193  C  C   . LEU A 1 29  ? 2.328   -13.725 9.809   1.00 25.43 ? 26  LEU A C   1 
ATOM   194  O  O   . LEU A 1 29  ? 2.672   -14.330 8.771   1.00 24.94 ? 26  LEU A O   1 
ATOM   195  C  CB  . LEU A 1 29  ? 4.138   -12.958 11.464  1.00 25.12 ? 26  LEU A CB  1 
ATOM   196  C  CG  . LEU A 1 29  ? 5.408   -12.093 11.605  1.00 25.15 ? 26  LEU A CG  1 
ATOM   197  C  CD1 . LEU A 1 29  ? 6.147   -12.514 12.870  1.00 25.57 ? 26  LEU A CD1 1 
ATOM   198  C  CD2 . LEU A 1 29  ? 6.339   -12.206 10.390  1.00 24.59 ? 26  LEU A CD2 1 
ATOM   199  N  N   . GLY A 1 30  ? 1.227   -14.044 10.479  1.00 25.47 ? 27  GLY A N   1 
ATOM   200  C  CA  . GLY A 1 30  ? 0.343   -15.105 10.006  1.00 26.09 ? 27  GLY A CA  1 
ATOM   201  C  C   . GLY A 1 30  ? -0.235  -14.699 8.657   1.00 27.44 ? 27  GLY A C   1 
ATOM   202  O  O   . GLY A 1 30  ? -0.223  -15.487 7.699   1.00 27.33 ? 27  GLY A O   1 
ATOM   203  N  N   . TRP A 1 31  ? -0.712  -13.461 8.592   1.00 26.07 ? 28  TRP A N   1 
ATOM   204  C  CA  . TRP A 1 31  ? -1.332  -12.910 7.391   1.00 28.21 ? 28  TRP A CA  1 
ATOM   205  C  C   . TRP A 1 31  ? -0.472  -13.120 6.143   1.00 27.94 ? 28  TRP A C   1 
ATOM   206  O  O   . TRP A 1 31  ? -0.958  -13.558 5.116   1.00 28.09 ? 28  TRP A O   1 
ATOM   207  C  CB  . TRP A 1 31  ? -1.564  -11.412 7.550   1.00 26.76 ? 28  TRP A CB  1 
ATOM   208  C  CG  . TRP A 1 31  ? -2.844  -11.028 8.251   1.00 28.24 ? 28  TRP A CG  1 
ATOM   209  C  CD1 . TRP A 1 31  ? -3.867  -11.863 8.653   1.00 28.42 ? 28  TRP A CD1 1 
ATOM   210  C  CD2 . TRP A 1 31  ? -3.248  -9.709  8.589   1.00 26.62 ? 28  TRP A CD2 1 
ATOM   211  N  NE1 . TRP A 1 31  ? -4.871  -11.129 9.223   1.00 28.00 ? 28  TRP A NE1 1 
ATOM   212  C  CE2 . TRP A 1 31  ? -4.527  -9.799  9.175   1.00 28.49 ? 28  TRP A CE2 1 
ATOM   213  C  CE3 . TRP A 1 31  ? -2.668  -8.443  8.415   1.00 27.82 ? 28  TRP A CE3 1 
ATOM   214  C  CZ2 . TRP A 1 31  ? -5.220  -8.665  9.652   1.00 27.05 ? 28  TRP A CZ2 1 
ATOM   215  C  CZ3 . TRP A 1 31  ? -3.353  -7.323  8.870   1.00 27.83 ? 28  TRP A CZ3 1 
ATOM   216  C  CH2 . TRP A 1 31  ? -4.624  -7.444  9.490   1.00 26.79 ? 28  TRP A CH2 1 
ATOM   217  N  N   . ILE A 1 32  ? 0.815   -12.834 6.249   1.00 26.23 ? 29  ILE A N   1 
ATOM   218  C  CA  . ILE A 1 32  ? 1.650   -12.822 5.057   1.00 27.41 ? 29  ILE A CA  1 
ATOM   219  C  C   . ILE A 1 32  ? 2.249   -14.181 4.756   1.00 28.28 ? 29  ILE A C   1 
ATOM   220  O  O   . ILE A 1 32  ? 3.126   -14.303 3.885   1.00 30.28 ? 29  ILE A O   1 
ATOM   221  C  CB  . ILE A 1 32  ? 2.748   -11.742 5.146   1.00 26.03 ? 29  ILE A CB  1 
ATOM   222  C  CG1 . ILE A 1 32  ? 3.749   -12.067 6.285   1.00 26.45 ? 29  ILE A CG1 1 
ATOM   223  C  CG2 . ILE A 1 32  ? 2.091   -10.358 5.328   1.00 24.80 ? 29  ILE A CG2 1 
ATOM   224  C  CD1 . ILE A 1 32  ? 4.852   -11.050 6.470   1.00 27.68 ? 29  ILE A CD1 1 
ATOM   225  N  N   . HIS A 1 33  ? 1.784   -15.194 5.483   1.00 27.61 ? 30  HIS A N   1 
ATOM   226  C  CA  . HIS A 1 33  ? 2.048   -16.584 5.135   1.00 27.36 ? 30  HIS A CA  1 
ATOM   227  C  C   . HIS A 1 33  ? 0.805   -17.336 4.619   1.00 28.54 ? 30  HIS A C   1 
ATOM   228  O  O   . HIS A 1 33  ? 0.820   -18.570 4.465   1.00 28.96 ? 30  HIS A O   1 
ATOM   229  C  CB  . HIS A 1 33  ? 2.724   -17.298 6.316   1.00 28.39 ? 30  HIS A CB  1 
ATOM   230  C  CG  . HIS A 1 33  ? 4.125   -16.826 6.565   1.00 29.62 ? 30  HIS A CG  1 
ATOM   231  N  ND1 . HIS A 1 33  ? 4.422   -15.749 7.379   1.00 29.05 ? 30  HIS A ND1 1 
ATOM   232  C  CD2 . HIS A 1 33  ? 5.311   -17.265 6.074   1.00 29.47 ? 30  HIS A CD2 1 
ATOM   233  C  CE1 . HIS A 1 33  ? 5.728   -15.552 7.383   1.00 28.80 ? 30  HIS A CE1 1 
ATOM   234  N  NE2 . HIS A 1 33  ? 6.292   -16.461 6.606   1.00 29.58 ? 30  HIS A NE2 1 
ATOM   235  N  N   . GLN A 1 34  ? -0.271  -16.607 4.331   1.00 28.58 ? 31  GLN A N   1 
ATOM   236  C  CA  . GLN A 1 34  ? -1.451  -17.228 3.732   1.00 29.10 ? 31  GLN A CA  1 
ATOM   237  C  C   . GLN A 1 34  ? -1.218  -17.454 2.230   1.00 28.73 ? 31  GLN A C   1 
ATOM   238  O  O   . GLN A 1 34  ? -0.606  -16.602 1.557   1.00 26.23 ? 31  GLN A O   1 
ATOM   239  C  CB  . GLN A 1 34  ? -2.698  -16.370 3.934   1.00 30.75 ? 31  GLN A CB  1 
ATOM   240  C  CG  . GLN A 1 34  ? -3.003  -15.977 5.380   1.00 32.17 ? 31  GLN A CG  1 
ATOM   241  C  CD  . GLN A 1 34  ? -4.185  -15.017 5.440   1.00 34.30 ? 31  GLN A CD  1 
ATOM   242  O  OE1 . GLN A 1 34  ? -5.314  -15.455 5.552   1.00 35.41 ? 31  GLN A OE1 1 
ATOM   243  N  NE2 . GLN A 1 34  ? -3.929  -13.711 5.321   1.00 33.91 ? 31  GLN A NE2 1 
ATOM   244  N  N   . PRO A 1 35  ? -1.724  -18.591 1.686   1.00 28.34 ? 32  PRO A N   1 
ATOM   245  C  CA  . PRO A 1 35  ? -1.503  -18.865 0.264   1.00 27.89 ? 32  PRO A CA  1 
ATOM   246  C  C   . PRO A 1 35  ? -1.941  -17.710 -0.640  1.00 29.19 ? 32  PRO A C   1 
ATOM   247  O  O   . PRO A 1 35  ? -1.210  -17.368 -1.580  1.00 28.29 ? 32  PRO A O   1 
ATOM   248  C  CB  . PRO A 1 35  ? -2.301  -20.163 -0.003  1.00 28.19 ? 32  PRO A CB  1 
ATOM   249  C  CG  . PRO A 1 35  ? -2.426  -20.836 1.332   1.00 29.17 ? 32  PRO A CG  1 
ATOM   250  C  CD  . PRO A 1 35  ? -2.463  -19.679 2.366   1.00 28.88 ? 32  PRO A CD  1 
ATOM   251  N  N   . HIS A 1 36  ? -3.074  -17.055 -0.349  1.00 28.58 ? 33  HIS A N   1 
ATOM   252  C  CA  . HIS A 1 36  ? -3.518  -15.989 -1.271  1.00 30.42 ? 33  HIS A CA  1 
ATOM   253  C  C   . HIS A 1 36  ? -2.558  -14.800 -1.303  1.00 29.86 ? 33  HIS A C   1 
ATOM   254  O  O   . HIS A 1 36  ? -2.467  -14.068 -2.315  1.00 27.70 ? 33  HIS A O   1 
ATOM   255  C  CB  . HIS A 1 36  ? -4.982  -15.540 -1.048  1.00 29.66 ? 33  HIS A CB  1 
ATOM   256  C  CG  . HIS A 1 36  ? -5.162  -14.467 -0.006  1.00 30.45 ? 33  HIS A CG  1 
ATOM   257  N  ND1 . HIS A 1 36  ? -5.370  -14.749 1.332   1.00 30.03 ? 33  HIS A ND1 1 
ATOM   258  C  CD2 . HIS A 1 36  ? -5.237  -13.119 -0.118  1.00 29.88 ? 33  HIS A CD2 1 
ATOM   259  C  CE1 . HIS A 1 36  ? -5.530  -13.624 2.000   1.00 29.00 ? 33  HIS A CE1 1 
ATOM   260  N  NE2 . HIS A 1 36  ? -5.469  -12.622 1.141   1.00 30.41 ? 33  HIS A NE2 1 
ATOM   261  N  N   . ILE A 1 37  ? -1.842  -14.616 -0.195  1.00 28.41 ? 34  ILE A N   1 
ATOM   262  C  CA  . ILE A 1 37  ? -0.871  -13.562 -0.116  1.00 27.48 ? 34  ILE A CA  1 
ATOM   263  C  C   . ILE A 1 37  ? 0.428   -14.062 -0.738  1.00 27.34 ? 34  ILE A C   1 
ATOM   264  O  O   . ILE A 1 37  ? 1.097   -13.306 -1.485  1.00 27.45 ? 34  ILE A O   1 
ATOM   265  C  CB  . ILE A 1 37  ? -0.617  -13.071 1.359   1.00 27.83 ? 34  ILE A CB  1 
ATOM   266  C  CG1 . ILE A 1 37  ? -1.855  -12.347 1.945   1.00 26.41 ? 34  ILE A CG1 1 
ATOM   267  C  CG2 . ILE A 1 37  ? 0.656   -12.162 1.399   1.00 26.67 ? 34  ILE A CG2 1 
ATOM   268  C  CD1 . ILE A 1 37  ? -2.367  -11.108 1.112   1.00 27.21 ? 34  ILE A CD1 1 
ATOM   269  N  N   . ASN A 1 38  ? 0.801   -15.312 -0.430  1.00 26.97 ? 35  ASN A N   1 
ATOM   270  C  CA  . ASN A 1 38  ? 2.035   -15.880 -0.996  1.00 28.40 ? 35  ASN A CA  1 
ATOM   271  C  C   . ASN A 1 38  ? 2.038   -16.106 -2.507  1.00 29.30 ? 35  ASN A C   1 
ATOM   272  O  O   . ASN A 1 38  ? 3.100   -16.344 -3.119  1.00 29.04 ? 35  ASN A O   1 
ATOM   273  C  CB  . ASN A 1 38  ? 2.454   -17.136 -0.245  1.00 28.50 ? 35  ASN A CB  1 
ATOM   274  C  CG  . ASN A 1 38  ? 2.784   -16.835 1.213   1.00 28.66 ? 35  ASN A CG  1 
ATOM   275  O  OD1 . ASN A 1 38  ? 2.400   -17.578 2.085   1.00 29.60 ? 35  ASN A OD1 1 
ATOM   276  N  ND2 . ASN A 1 38  ? 3.502   -15.724 1.470   1.00 29.04 ? 35  ASN A ND2 1 
ATOM   277  N  N   . GLU A 1 39  ? 0.864   -15.983 -3.118  1.00 29.43 ? 36  GLU A N   1 
ATOM   278  C  CA  . GLU A 1 39  ? 0.820   -15.946 -4.566  1.00 30.54 ? 36  GLU A CA  1 
ATOM   279  C  C   . GLU A 1 39  ? 1.669   -14.813 -5.121  1.00 29.48 ? 36  GLU A C   1 
ATOM   280  O  O   . GLU A 1 39  ? 2.243   -14.937 -6.198  1.00 27.96 ? 36  GLU A O   1 
ATOM   281  C  CB  . GLU A 1 39  ? -0.602  -15.835 -5.097  1.00 33.54 ? 36  GLU A CB  1 
ATOM   282  C  CG  . GLU A 1 39  ? -0.620  -16.070 -6.629  1.00 36.45 ? 36  GLU A CG  1 
ATOM   283  C  CD  . GLU A 1 39  ? -2.003  -16.178 -7.208  1.00 38.45 ? 36  GLU A CD  1 
ATOM   284  O  OE1 . GLU A 1 39  ? -2.992  -15.905 -6.481  1.00 38.27 ? 36  GLU A OE1 1 
ATOM   285  O  OE2 . GLU A 1 39  ? -2.087  -16.520 -8.417  1.00 40.12 ? 36  GLU A OE2 1 
ATOM   286  N  N   . TRP A 1 40  ? 1.773   -13.720 -4.369  1.00 27.36 ? 37  TRP A N   1 
ATOM   287  C  CA  . TRP A 1 40  ? 2.375   -12.491 -4.880  1.00 29.25 ? 37  TRP A CA  1 
ATOM   288  C  C   . TRP A 1 40  ? 3.538   -12.045 -3.989  1.00 29.72 ? 37  TRP A C   1 
ATOM   289  O  O   . TRP A 1 40  ? 4.456   -11.334 -4.444  1.00 29.77 ? 37  TRP A O   1 
ATOM   290  C  CB  . TRP A 1 40  ? 1.290   -11.391 -4.958  1.00 29.19 ? 37  TRP A CB  1 
ATOM   291  C  CG  . TRP A 1 40  ? 0.115   -11.860 -5.792  1.00 30.50 ? 37  TRP A CG  1 
ATOM   292  C  CD1 . TRP A 1 40  ? -1.172  -12.065 -5.382  1.00 29.87 ? 37  TRP A CD1 1 
ATOM   293  C  CD2 . TRP A 1 40  ? 0.155   -12.208 -7.183  1.00 31.10 ? 37  TRP A CD2 1 
ATOM   294  N  NE1 . TRP A 1 40  ? -1.941  -12.516 -6.440  1.00 31.07 ? 37  TRP A NE1 1 
ATOM   295  C  CE2 . TRP A 1 40  ? -1.149  -12.610 -7.555  1.00 31.45 ? 37  TRP A CE2 1 
ATOM   296  C  CE3 . TRP A 1 40  ? 1.168   -12.229 -8.151  1.00 31.81 ? 37  TRP A CE3 1 
ATOM   297  C  CZ2 . TRP A 1 40  ? -1.463  -13.011 -8.855  1.00 30.86 ? 37  TRP A CZ2 1 
ATOM   298  C  CZ3 . TRP A 1 40  ? 0.851   -12.619 -9.442  1.00 30.15 ? 37  TRP A CZ3 1 
ATOM   299  C  CH2 . TRP A 1 40  ? -0.452  -13.019 -9.777  1.00 31.34 ? 37  TRP A CH2 1 
ATOM   300  N  N   . LEU A 1 41  ? 3.499   -12.465 -2.728  1.00 28.09 ? 38  LEU A N   1 
ATOM   301  C  CA  . LEU A 1 41  ? 4.575   -12.138 -1.791  1.00 26.72 ? 38  LEU A CA  1 
ATOM   302  C  C   . LEU A 1 41  ? 5.298   -13.385 -1.329  1.00 27.20 ? 38  LEU A C   1 
ATOM   303  O  O   . LEU A 1 41  ? 4.747   -14.229 -0.614  1.00 28.39 ? 38  LEU A O   1 
ATOM   304  C  CB  . LEU A 1 41  ? 4.058   -11.307 -0.592  1.00 26.27 ? 38  LEU A CB  1 
ATOM   305  C  CG  . LEU A 1 41  ? 5.098   -10.907 0.474   1.00 23.30 ? 38  LEU A CG  1 
ATOM   306  C  CD1 . LEU A 1 41  ? 5.996   -9.788  -0.071  1.00 25.30 ? 38  LEU A CD1 1 
ATOM   307  C  CD2 . LEU A 1 41  ? 4.421   -10.411 1.767   1.00 24.89 ? 38  LEU A CD2 1 
ATOM   308  N  N   . HIS A 1 42  ? 6.556   -13.511 -1.727  1.00 28.55 ? 39  HIS A N   1 
ATOM   309  C  CA  . HIS A 1 42  ? 7.285   -14.787 -1.562  1.00 29.33 ? 39  HIS A CA  1 
ATOM   310  C  C   . HIS A 1 42  ? 8.752   -14.513 -1.769  1.00 30.13 ? 39  HIS A C   1 
ATOM   311  O  O   . HIS A 1 42  ? 9.120   -13.417 -2.191  1.00 30.56 ? 39  HIS A O   1 
ATOM   312  C  CB  . HIS A 1 42  ? 6.841   -15.800 -2.631  1.00 29.79 ? 39  HIS A CB  1 
ATOM   313  C  CG  . HIS A 1 42  ? 6.853   -15.228 -4.012  1.00 30.08 ? 39  HIS A CG  1 
ATOM   314  N  ND1 . HIS A 1 42  ? 5.700   -14.923 -4.707  1.00 30.89 ? 39  HIS A ND1 1 
ATOM   315  C  CD2 . HIS A 1 42  ? 7.883   -14.834 -4.799  1.00 28.51 ? 39  HIS A CD2 1 
ATOM   316  C  CE1 . HIS A 1 42  ? 6.021   -14.381 -5.870  1.00 29.01 ? 39  HIS A CE1 1 
ATOM   317  N  NE2 . HIS A 1 42  ? 7.338   -14.319 -5.950  1.00 30.14 ? 39  HIS A NE2 1 
ATOM   318  N  N   . GLY A 1 43  ? 9.588   -15.507 -1.503  1.00 29.36 ? 40  GLY A N   1 
ATOM   319  C  CA  . GLY A 1 43  ? 11.009  -15.389 -1.778  1.00 31.26 ? 40  GLY A CA  1 
ATOM   320  C  C   . GLY A 1 43  ? 11.613  -14.179 -1.092  1.00 31.98 ? 40  GLY A C   1 
ATOM   321  O  O   . GLY A 1 43  ? 11.325  -13.900 0.082   1.00 31.53 ? 40  GLY A O   1 
ATOM   322  N  N   . ASP A 1 44  ? 12.455  -13.477 -1.838  1.00 31.16 ? 41  ASP A N   1 
ATOM   323  C  CA  . ASP A 1 44  ? 13.172  -12.307 -1.352  1.00 32.54 ? 41  ASP A CA  1 
ATOM   324  C  C   . ASP A 1 44  ? 12.225  -11.182 -0.882  1.00 31.85 ? 41  ASP A C   1 
ATOM   325  O  O   . ASP A 1 44  ? 12.504  -10.525 0.131   1.00 32.10 ? 41  ASP A O   1 
ATOM   326  C  CB  . ASP A 1 44  ? 14.103  -11.785 -2.452  1.00 34.34 ? 41  ASP A CB  1 
ATOM   327  C  CG  . ASP A 1 44  ? 15.346  -12.657 -2.635  1.00 36.45 ? 41  ASP A CG  1 
ATOM   328  O  OD1 . ASP A 1 44  ? 15.556  -13.603 -1.842  1.00 36.96 ? 41  ASP A OD1 1 
ATOM   329  O  OD2 . ASP A 1 44  ? 16.130  -12.377 -3.573  1.00 37.27 ? 41  ASP A OD2 1 
ATOM   330  N  N   . GLY A 1 45  ? 11.140  -10.967 -1.628  1.00 28.74 ? 42  GLY A N   1 
ATOM   331  C  CA  . GLY A 1 45  ? 10.089  -10.026 -1.261  1.00 29.50 ? 42  GLY A CA  1 
ATOM   332  C  C   . GLY A 1 45  ? 9.560   -10.283 0.146   1.00 28.90 ? 42  GLY A C   1 
ATOM   333  O  O   . GLY A 1 45  ? 9.459   -9.355  0.935   1.00 30.52 ? 42  GLY A O   1 
ATOM   334  N  N   . LEU A 1 46  ? 9.233   -11.541 0.444   1.00 25.20 ? 43  LEU A N   1 
ATOM   335  C  CA  . LEU A 1 46  ? 8.720   -11.943 1.740   1.00 27.54 ? 43  LEU A CA  1 
ATOM   336  C  C   . LEU A 1 46  ? 9.782   -11.794 2.829   1.00 28.04 ? 43  LEU A C   1 
ATOM   337  O  O   . LEU A 1 46  ? 9.527   -11.254 3.893   1.00 27.49 ? 43  LEU A O   1 
ATOM   338  C  CB  . LEU A 1 46  ? 8.224   -13.407 1.684   1.00 27.97 ? 43  LEU A CB  1 
ATOM   339  C  CG  . LEU A 1 46  ? 7.566   -14.027 2.926   1.00 28.61 ? 43  LEU A CG  1 
ATOM   340  C  CD1 . LEU A 1 46  ? 6.315   -13.258 3.413   1.00 28.55 ? 43  LEU A CD1 1 
ATOM   341  C  CD2 . LEU A 1 46  ? 7.221   -15.489 2.689   1.00 29.75 ? 43  LEU A CD2 1 
ATOM   342  N  N   . SER A 1 47  ? 10.969  -12.321 2.548   1.00 28.76 ? 44  SER A N   1 
ATOM   343  C  CA  . SER A 1 47  ? 12.100  -12.208 3.422   1.00 29.31 ? 44  SER A CA  1 
ATOM   344  C  C   . SER A 1 47  ? 12.373  -10.757 3.796   1.00 29.25 ? 44  SER A C   1 
ATOM   345  O  O   . SER A 1 47  ? 12.483  -10.439 4.982   1.00 29.79 ? 44  SER A O   1 
ATOM   346  C  CB  . SER A 1 47  ? 13.338  -12.812 2.744   1.00 30.63 ? 44  SER A CB  1 
ATOM   347  O  OG  . SER A 1 47  ? 14.367  -12.818 3.696   1.00 34.34 ? 44  SER A OG  1 
ATOM   348  N  N   . ASN A 1 48  ? 12.474  -9.883  2.795   1.00 29.45 ? 45  ASN A N   1 
ATOM   349  C  CA  . ASN A 1 48  ? 12.669  -8.447  3.032   1.00 30.35 ? 45  ASN A CA  1 
ATOM   350  C  C   . ASN A 1 48  ? 11.574  -7.827  3.907   1.00 29.73 ? 45  ASN A C   1 
ATOM   351  O  O   . ASN A 1 48  ? 11.872  -7.011  4.787   1.00 28.23 ? 45  ASN A O   1 
ATOM   352  C  CB  . ASN A 1 48  ? 12.739  -7.661  1.727   1.00 31.45 ? 45  ASN A CB  1 
ATOM   353  C  CG  . ASN A 1 48  ? 13.943  -8.011  0.876   1.00 33.45 ? 45  ASN A CG  1 
ATOM   354  O  OD1 . ASN A 1 48  ? 14.992  -8.458  1.369   1.00 33.71 ? 45  ASN A OD1 1 
ATOM   355  N  ND2 . ASN A 1 48  ? 13.808  -7.770  -0.425  1.00 34.00 ? 45  ASN A ND2 1 
ATOM   356  N  N   . THR A 1 49  ? 10.313  -8.210  3.637   1.00 28.61 ? 46  THR A N   1 
ATOM   357  C  CA  . THR A 1 49  ? 9.163   -7.778  4.413   1.00 27.72 ? 46  THR A CA  1 
ATOM   358  C  C   . THR A 1 49  ? 9.244   -8.145  5.884   1.00 27.87 ? 46  THR A C   1 
ATOM   359  O  O   . THR A 1 49  ? 9.099   -7.276  6.759   1.00 26.66 ? 46  THR A O   1 
ATOM   360  C  CB  . THR A 1 49  ? 7.869   -8.260  3.756   1.00 28.68 ? 46  THR A CB  1 
ATOM   361  O  OG1 . THR A 1 49  ? 7.791   -7.630  2.479   1.00 29.17 ? 46  THR A OG1 1 
ATOM   362  C  CG2 . THR A 1 49  ? 6.635   -7.821  4.548   1.00 28.09 ? 46  THR A CG2 1 
ATOM   363  N  N   . ILE A 1 50  ? 9.554   -9.411  6.150   1.00 27.95 ? 47  ILE A N   1 
ATOM   364  C  CA  . ILE A 1 50  ? 9.675   -9.897  7.507   1.00 27.88 ? 47  ILE A CA  1 
ATOM   365  C  C   . ILE A 1 50  ? 10.785  -9.154  8.253   1.00 27.35 ? 47  ILE A C   1 
ATOM   366  O  O   . ILE A 1 50  ? 10.562  -8.709  9.364   1.00 25.97 ? 47  ILE A O   1 
ATOM   367  C  CB  . ILE A 1 50  ? 9.910   -11.438 7.522   1.00 27.71 ? 47  ILE A CB  1 
ATOM   368  C  CG1 . ILE A 1 50  ? 8.639   -12.178 7.073   1.00 27.68 ? 47  ILE A CG1 1 
ATOM   369  C  CG2 . ILE A 1 50  ? 10.419  -11.934 8.883   1.00 27.61 ? 47  ILE A CG2 1 
ATOM   370  C  CD1 . ILE A 1 50  ? 8.814   -13.704 6.978   1.00 29.19 ? 47  ILE A CD1 1 
ATOM   371  N  N   . LYS A 1 51  ? 11.961  -9.023  7.624   1.00 27.49 ? 48  LYS A N   1 
ATOM   372  C  CA  . LYS A 1 51  ? 13.080  -8.272  8.185   1.00 28.70 ? 48  LYS A CA  1 
ATOM   373  C  C   . LYS A 1 51  ? 12.688  -6.839  8.519   1.00 28.07 ? 48  LYS A C   1 
ATOM   374  O  O   . LYS A 1 51  ? 12.947  -6.374  9.629   1.00 27.47 ? 48  LYS A O   1 
ATOM   375  C  CB  . LYS A 1 51  ? 14.272  -8.272  7.214   1.00 29.93 ? 48  LYS A CB  1 
ATOM   376  C  CG  . LYS A 1 51  ? 15.500  -7.424  7.648   1.00 31.79 ? 48  LYS A CG  1 
ATOM   377  C  CD  . LYS A 1 51  ? 16.815  -7.892  6.974   1.00 33.85 ? 48  LYS A CD  1 
ATOM   378  C  CE  . LYS A 1 51  ? 18.025  -7.081  7.492   1.00 34.98 ? 48  LYS A CE  1 
ATOM   379  N  NZ  . LYS A 1 51  ? 19.332  -7.793  7.307   1.00 37.49 ? 48  LYS A NZ  1 
ATOM   380  N  N   . ASP A 1 52  ? 12.056  -6.141  7.576   1.00 27.94 ? 49  ASP A N   1 
ATOM   381  C  CA  . ASP A 1 52  ? 11.815  -4.718  7.786   1.00 27.37 ? 49  ASP A CA  1 
ATOM   382  C  C   . ASP A 1 52  ? 10.769  -4.511  8.865   1.00 28.28 ? 49  ASP A C   1 
ATOM   383  O  O   . ASP A 1 52  ? 10.849  -3.553  9.623   1.00 28.08 ? 49  ASP A O   1 
ATOM   384  C  CB  . ASP A 1 52  ? 11.388  -3.972  6.514   1.00 27.03 ? 49  ASP A CB  1 
ATOM   385  C  CG  . ASP A 1 52  ? 11.737  -2.481  6.576   1.00 26.81 ? 49  ASP A CG  1 
ATOM   386  O  OD1 . ASP A 1 52  ? 12.949  -2.174  6.600   1.00 24.41 ? 49  ASP A OD1 1 
ATOM   387  O  OD2 . ASP A 1 52  ? 10.820  -1.618  6.603   1.00 24.67 ? 49  ASP A OD2 1 
ATOM   388  N  N   . LEU A 1 53  ? 9.789   -5.413  8.932   1.00 27.59 ? 50  LEU A N   1 
ATOM   389  C  CA  . LEU A 1 53  ? 8.731   -5.294  9.923   1.00 28.47 ? 50  LEU A CA  1 
ATOM   390  C  C   . LEU A 1 53  ? 9.342   -5.422  11.306  1.00 29.15 ? 50  LEU A C   1 
ATOM   391  O  O   . LEU A 1 53  ? 8.982   -4.682  12.233  1.00 30.17 ? 50  LEU A O   1 
ATOM   392  C  CB  . LEU A 1 53  ? 7.622   -6.336  9.691   1.00 27.56 ? 50  LEU A CB  1 
ATOM   393  C  CG  . LEU A 1 53  ? 6.436   -6.330  10.649  1.00 30.16 ? 50  LEU A CG  1 
ATOM   394  C  CD1 . LEU A 1 53  ? 5.633   -5.032  10.547  1.00 29.11 ? 50  LEU A CD1 1 
ATOM   395  C  CD2 . LEU A 1 53  ? 5.524   -7.521  10.373  1.00 29.89 ? 50  LEU A CD2 1 
ATOM   396  N  N   . HIS A 1 54  ? 10.262  -6.366  11.435  1.00 29.34 ? 51  HIS A N   1 
ATOM   397  C  CA  . HIS A 1 54  ? 11.010  -6.547  12.665  1.00 30.27 ? 51  HIS A CA  1 
ATOM   398  C  C   . HIS A 1 54  ? 11.826  -5.295  13.071  1.00 28.64 ? 51  HIS A C   1 
ATOM   399  O  O   . HIS A 1 54  ? 11.810  -4.892  14.253  1.00 27.72 ? 51  HIS A O   1 
ATOM   400  C  CB  . HIS A 1 54  ? 11.930  -7.750  12.521  1.00 31.99 ? 51  HIS A CB  1 
ATOM   401  C  CG  . HIS A 1 54  ? 12.526  -8.197  13.815  1.00 35.30 ? 51  HIS A CG  1 
ATOM   402  N  ND1 . HIS A 1 54  ? 13.625  -7.584  14.386  1.00 36.37 ? 51  HIS A ND1 1 
ATOM   403  C  CD2 . HIS A 1 54  ? 12.169  -9.192  14.659  1.00 36.00 ? 51  HIS A CD2 1 
ATOM   404  C  CE1 . HIS A 1 54  ? 13.921  -8.188  15.521  1.00 36.61 ? 51  HIS A CE1 1 
ATOM   405  N  NE2 . HIS A 1 54  ? 13.055  -9.168  15.706  1.00 37.21 ? 51  HIS A NE2 1 
ATOM   406  N  N   . GLU A 1 55  ? 12.528  -4.686  12.108  1.00 26.34 ? 52  GLU A N   1 
ATOM   407  C  CA  . GLU A 1 55  ? 13.312  -3.459  12.378  1.00 26.92 ? 52  GLU A CA  1 
ATOM   408  C  C   . GLU A 1 55  ? 12.402  -2.321  12.866  1.00 25.23 ? 52  GLU A C   1 
ATOM   409  O  O   . GLU A 1 55  ? 12.679  -1.644  13.866  1.00 23.55 ? 52  GLU A O   1 
ATOM   410  C  CB  . GLU A 1 55  ? 14.075  -3.003  11.135  1.00 28.12 ? 52  GLU A CB  1 
ATOM   411  C  CG  . GLU A 1 55  ? 15.207  -3.930  10.694  1.00 30.67 ? 52  GLU A CG  1 
ATOM   412  C  CD  . GLU A 1 55  ? 16.331  -3.998  11.718  1.00 32.22 ? 52  GLU A CD  1 
ATOM   413  O  OE1 . GLU A 1 55  ? 16.856  -2.935  12.125  1.00 32.00 ? 52  GLU A OE1 1 
ATOM   414  O  OE2 . GLU A 1 55  ? 16.671  -5.124  12.118  1.00 32.92 ? 52  GLU A OE2 1 
ATOM   415  N  N   . PHE A 1 56  ? 11.300  -2.156  12.154  1.00 24.98 ? 53  PHE A N   1 
ATOM   416  C  CA  . PHE A 1 56  ? 10.276  -1.179  12.503  1.00 25.59 ? 53  PHE A CA  1 
ATOM   417  C  C   . PHE A 1 56  ? 9.741   -1.354  13.916  1.00 26.47 ? 53  PHE A C   1 
ATOM   418  O  O   . PHE A 1 56  ? 9.598   -0.369  14.647  1.00 24.79 ? 53  PHE A O   1 
ATOM   419  C  CB  . PHE A 1 56  ? 9.118   -1.253  11.517  1.00 25.67 ? 53  PHE A CB  1 
ATOM   420  C  CG  . PHE A 1 56  ? 8.092   -0.175  11.729  1.00 26.43 ? 53  PHE A CG  1 
ATOM   421  C  CD1 . PHE A 1 56  ? 8.329   1.138   11.254  1.00 25.86 ? 53  PHE A CD1 1 
ATOM   422  C  CD2 . PHE A 1 56  ? 6.919   -0.445  12.414  1.00 25.60 ? 53  PHE A CD2 1 
ATOM   423  C  CE1 . PHE A 1 56  ? 7.402   2.162   11.467  1.00 26.24 ? 53  PHE A CE1 1 
ATOM   424  C  CE2 . PHE A 1 56  ? 5.970   0.570   12.633  1.00 25.87 ? 53  PHE A CE2 1 
ATOM   425  C  CZ  . PHE A 1 56  ? 6.211   1.883   12.163  1.00 25.17 ? 53  PHE A CZ  1 
ATOM   426  N  N   . LEU A 1 57  ? 9.448   -2.602  14.291  1.00 26.77 ? 54  LEU A N   1 
ATOM   427  C  CA  . LEU A 1 57  ? 8.831   -2.907  15.576  1.00 28.76 ? 54  LEU A CA  1 
ATOM   428  C  C   . LEU A 1 57  ? 9.836   -2.900  16.730  1.00 30.25 ? 54  LEU A C   1 
ATOM   429  O  O   . LEU A 1 57  ? 9.466   -2.651  17.888  1.00 31.39 ? 54  LEU A O   1 
ATOM   430  C  CB  . LEU A 1 57  ? 8.072   -4.236  15.515  1.00 27.74 ? 54  LEU A CB  1 
ATOM   431  C  CG  . LEU A 1 57  ? 6.750   -4.163  14.712  1.00 27.69 ? 54  LEU A CG  1 
ATOM   432  C  CD1 . LEU A 1 57  ? 6.062   -5.522  14.643  1.00 25.40 ? 54  LEU A CD1 1 
ATOM   433  C  CD2 . LEU A 1 57  ? 5.794   -3.112  15.297  1.00 26.32 ? 54  LEU A CD2 1 
ATOM   434  N  N   . ASN A 1 58  ? 11.110  -3.116  16.418  1.00 31.01 ? 55  ASN A N   1 
ATOM   435  C  CA  . ASN A 1 58  ? 12.100  -3.281  17.474  1.00 33.26 ? 55  ASN A CA  1 
ATOM   436  C  C   . ASN A 1 58  ? 13.099  -2.125  17.599  1.00 34.19 ? 55  ASN A C   1 
ATOM   437  O  O   . ASN A 1 58  ? 14.227  -2.336  18.037  1.00 34.14 ? 55  ASN A O   1 
ATOM   438  C  CB  . ASN A 1 58  ? 12.784  -4.640  17.310  1.00 34.73 ? 55  ASN A CB  1 
ATOM   439  C  CG  . ASN A 1 58  ? 11.826  -5.790  17.554  1.00 36.60 ? 55  ASN A CG  1 
ATOM   440  O  OD1 . ASN A 1 58  ? 11.579  -6.157  18.707  1.00 38.10 ? 55  ASN A OD1 1 
ATOM   441  N  ND2 . ASN A 1 58  ? 11.257  -6.352  16.478  1.00 36.82 ? 55  ASN A ND2 1 
ATOM   442  N  N   . ASP A 1 59  ? 12.683  -0.909  17.219  1.00 35.70 ? 56  ASP A N   1 
ATOM   443  C  CA  . ASP A 1 59  ? 13.562  0.278   17.262  1.00 36.92 ? 56  ASP A CA  1 
ATOM   444  C  C   . ASP A 1 59  ? 14.861  0.020   16.489  1.00 37.10 ? 56  ASP A C   1 
ATOM   445  O  O   . ASP A 1 59  ? 15.966  0.297   16.980  1.00 37.70 ? 56  ASP A O   1 
ATOM   446  C  CB  . ASP A 1 59  ? 13.849  0.693   18.734  1.00 38.62 ? 56  ASP A CB  1 
ATOM   447  C  CG  . ASP A 1 59  ? 14.709  1.976   18.849  1.00 40.20 ? 56  ASP A CG  1 
ATOM   448  O  OD1 . ASP A 1 59  ? 14.575  2.911   18.013  1.00 42.20 ? 56  ASP A OD1 1 
ATOM   449  O  OD2 . ASP A 1 59  ? 15.523  2.048   19.788  1.00 40.21 ? 56  ASP A OD2 1 
ATOM   450  N  N   . GLY A 1 60  ? 14.731  -0.551  15.297  1.00 35.98 ? 57  GLY A N   1 
ATOM   451  C  CA  . GLY A 1 60  ? 15.877  -0.816  14.446  1.00 36.36 ? 57  GLY A CA  1 
ATOM   452  C  C   . GLY A 1 60  ? 16.101  0.311   13.459  1.00 36.01 ? 57  GLY A C   1 
ATOM   453  O  O   . GLY A 1 60  ? 16.016  1.485   13.810  1.00 36.66 ? 57  GLY A O   1 
ATOM   454  N  N   . LYS A 1 61  ? 16.413  -0.047  12.222  1.00 35.64 ? 58  LYS A N   1 
ATOM   455  C  CA  . LYS A 1 61  ? 16.620  0.939   11.158  1.00 34.75 ? 58  LYS A CA  1 
ATOM   456  C  C   . LYS A 1 61  ? 15.743  0.536   10.016  1.00 31.81 ? 58  LYS A C   1 
ATOM   457  O  O   . LYS A 1 61  ? 16.228  0.109   8.973   1.00 32.24 ? 58  LYS A O   1 
ATOM   458  C  CB  . LYS A 1 61  ? 18.079  0.955   10.693  1.00 36.52 ? 58  LYS A CB  1 
ATOM   459  C  CG  . LYS A 1 61  ? 19.060  1.191   11.794  1.00 39.26 ? 58  LYS A CG  1 
ATOM   460  C  CD  . LYS A 1 61  ? 20.488  0.947   11.296  1.00 41.74 ? 58  LYS A CD  1 
ATOM   461  C  CE  . LYS A 1 61  ? 21.494  1.071   12.417  1.00 43.00 ? 58  LYS A CE  1 
ATOM   462  N  NZ  . LYS A 1 61  ? 21.357  2.395   13.097  1.00 44.90 ? 58  LYS A NZ  1 
ATOM   463  N  N   . PRO A 1 62  ? 14.424  0.666   10.197  1.00 30.44 ? 59  PRO A N   1 
ATOM   464  C  CA  . PRO A 1 62  ? 13.536  0.195   9.126   1.00 28.88 ? 59  PRO A CA  1 
ATOM   465  C  C   . PRO A 1 62  ? 13.673  1.077   7.878   1.00 28.82 ? 59  PRO A C   1 
ATOM   466  O  O   . PRO A 1 62  ? 13.997  2.251   7.996   1.00 28.09 ? 59  PRO A O   1 
ATOM   467  C  CB  . PRO A 1 62  ? 12.141  0.310   9.758   1.00 28.70 ? 59  PRO A CB  1 
ATOM   468  C  CG  . PRO A 1 62  ? 12.283  1.367   10.828  1.00 28.06 ? 59  PRO A CG  1 
ATOM   469  C  CD  . PRO A 1 62  ? 13.692  1.227   11.352  1.00 28.56 ? 59  PRO A CD  1 
ATOM   470  N  N   . TRP A 1 63  ? 13.452  0.513   6.701   1.00 28.62 ? 60  TRP A N   1 
ATOM   471  C  CA  . TRP A 1 63  ? 13.422  1.286   5.457   1.00 29.72 ? 60  TRP A CA  1 
ATOM   472  C  C   . TRP A 1 63  ? 12.044  1.916   5.206   1.00 28.12 ? 60  TRP A C   1 
ATOM   473  O  O   . TRP A 1 63  ? 11.938  2.935   4.521   1.00 28.69 ? 60  TRP A O   1 
ATOM   474  C  CB  . TRP A 1 63  ? 13.820  0.413   4.261   1.00 33.81 ? 60  TRP A CB  1 
ATOM   475  C  CG  . TRP A 1 63  ? 15.255  -0.084  4.362   1.00 39.69 ? 60  TRP A CG  1 
ATOM   476  C  CD1 . TRP A 1 63  ? 16.334  0.618   4.860   1.00 41.23 ? 60  TRP A CD1 1 
ATOM   477  C  CD2 . TRP A 1 63  ? 15.768  -1.364  3.963   1.00 42.35 ? 60  TRP A CD2 1 
ATOM   478  N  NE1 . TRP A 1 63  ? 17.471  -0.150  4.792   1.00 43.06 ? 60  TRP A NE1 1 
ATOM   479  C  CE2 . TRP A 1 63  ? 17.157  -1.368  4.249   1.00 42.90 ? 60  TRP A CE2 1 
ATOM   480  C  CE3 . TRP A 1 63  ? 15.192  -2.509  3.389   1.00 44.25 ? 60  TRP A CE3 1 
ATOM   481  C  CZ2 . TRP A 1 63  ? 17.976  -2.471  3.988   1.00 44.97 ? 60  TRP A CZ2 1 
ATOM   482  C  CZ3 . TRP A 1 63  ? 16.014  -3.606  3.120   1.00 45.39 ? 60  TRP A CZ3 1 
ATOM   483  C  CH2 . TRP A 1 63  ? 17.388  -3.580  3.427   1.00 45.44 ? 60  TRP A CH2 1 
ATOM   484  N  N   . ALA A 1 64  ? 10.997  1.308   5.742   1.00 24.49 ? 61  ALA A N   1 
ATOM   485  C  CA  . ALA A 1 64  ? 9.622   1.736   5.441   1.00 24.59 ? 61  ALA A CA  1 
ATOM   486  C  C   . ALA A 1 64  ? 8.792   1.905   6.718   1.00 24.46 ? 61  ALA A C   1 
ATOM   487  O  O   . ALA A 1 64  ? 9.254   1.560   7.793   1.00 24.02 ? 61  ALA A O   1 
ATOM   488  C  CB  . ALA A 1 64  ? 8.977   0.724   4.482   1.00 23.46 ? 61  ALA A CB  1 
ATOM   489  N  N   . THR A 1 65  ? 7.604   2.489   6.593   1.00 25.51 ? 62  THR A N   1 
ATOM   490  C  CA  . THR A 1 65  ? 6.610   2.558   7.680   1.00 26.01 ? 62  THR A CA  1 
ATOM   491  C  C   . THR A 1 65  ? 5.608   1.428   7.467   1.00 26.52 ? 62  THR A C   1 
ATOM   492  O  O   . THR A 1 65  ? 5.266   1.088   6.319   1.00 26.43 ? 62  THR A O   1 
ATOM   493  C  CB  . THR A 1 65  ? 5.870   3.912   7.663   1.00 26.89 ? 62  THR A CB  1 
ATOM   494  O  OG1 . THR A 1 65  ? 6.836   4.953   7.790   1.00 28.64 ? 62  THR A OG1 1 
ATOM   495  C  CG2 . THR A 1 65  ? 4.928   4.049   8.810   1.00 27.49 ? 62  THR A CG2 1 
ATOM   496  N  N   . HIS A 1 66  ? 5.220   0.790   8.560   1.00 25.57 ? 63  HIS A N   1 
ATOM   497  C  CA  . HIS A 1 66  ? 4.359   -0.397  8.495   1.00 25.63 ? 63  HIS A CA  1 
ATOM   498  C  C   . HIS A 1 66  ? 3.041   -0.059  9.194   1.00 25.74 ? 63  HIS A C   1 
ATOM   499  O  O   . HIS A 1 66  ? 3.056   0.463   10.321  1.00 26.45 ? 63  HIS A O   1 
ATOM   500  C  CB  . HIS A 1 66  ? 5.063   -1.581  9.146   1.00 25.12 ? 63  HIS A CB  1 
ATOM   501  C  CG  . HIS A 1 66  ? 6.291   -2.014  8.392   1.00 25.37 ? 63  HIS A CG  1 
ATOM   502  N  ND1 . HIS A 1 66  ? 6.309   -3.132  7.587   1.00 25.01 ? 63  HIS A ND1 1 
ATOM   503  C  CD2 . HIS A 1 66  ? 7.506   -1.430  8.257   1.00 25.28 ? 63  HIS A CD2 1 
ATOM   504  C  CE1 . HIS A 1 66  ? 7.505   -3.241  7.022   1.00 25.67 ? 63  HIS A CE1 1 
ATOM   505  N  NE2 . HIS A 1 66  ? 8.246   -2.219  7.410   1.00 24.86 ? 63  HIS A NE2 1 
ATOM   506  N  N   . TRP A 1 67  ? 1.939   -0.332  8.502   1.00 25.87 ? 64  TRP A N   1 
ATOM   507  C  CA  . TRP A 1 67  ? 0.604   0.077   8.914   1.00 25.19 ? 64  TRP A CA  1 
ATOM   508  C  C   . TRP A 1 67  ? -0.357  -1.104  8.946   1.00 26.35 ? 64  TRP A C   1 
ATOM   509  O  O   . TRP A 1 67  ? -0.146  -2.150  8.277   1.00 25.33 ? 64  TRP A O   1 
ATOM   510  C  CB  . TRP A 1 67  ? -0.010  1.095   7.923   1.00 24.82 ? 64  TRP A CB  1 
ATOM   511  C  CG  . TRP A 1 67  ? 0.795   2.298   7.615   1.00 25.82 ? 64  TRP A CG  1 
ATOM   512  C  CD1 . TRP A 1 67  ? 1.808   2.405   6.694   1.00 26.51 ? 64  TRP A CD1 1 
ATOM   513  C  CD2 . TRP A 1 67  ? 0.642   3.586   8.197   1.00 25.84 ? 64  TRP A CD2 1 
ATOM   514  N  NE1 . TRP A 1 67  ? 2.282   3.715   6.652   1.00 26.20 ? 64  TRP A NE1 1 
ATOM   515  C  CE2 . TRP A 1 67  ? 1.584   4.451   7.572   1.00 26.99 ? 64  TRP A CE2 1 
ATOM   516  C  CE3 . TRP A 1 67  ? -0.213  4.112   9.186   1.00 25.86 ? 64  TRP A CE3 1 
ATOM   517  C  CZ2 . TRP A 1 67  ? 1.709   5.803   7.922   1.00 27.01 ? 64  TRP A CZ2 1 
ATOM   518  C  CZ3 . TRP A 1 67  ? -0.103  5.465   9.507   1.00 25.89 ? 64  TRP A CZ3 1 
ATOM   519  C  CH2 . TRP A 1 67  ? 0.847   6.296   8.877   1.00 26.31 ? 64  TRP A CH2 1 
ATOM   520  N  N   . ILE A 1 68  ? -1.441  -0.902  9.703   1.00 25.88 ? 65  ILE A N   1 
ATOM   521  C  CA  . ILE A 1 68  ? -2.550  -1.858  9.781   1.00 25.73 ? 65  ILE A CA  1 
ATOM   522  C  C   . ILE A 1 68  ? -3.856  -1.062  9.569   1.00 26.59 ? 65  ILE A C   1 
ATOM   523  O  O   . ILE A 1 68  ? -4.001  0.049   10.094  1.00 26.84 ? 65  ILE A O   1 
ATOM   524  C  CB  . ILE A 1 68  ? -2.498  -2.696  11.121  1.00 25.32 ? 65  ILE A CB  1 
ATOM   525  C  CG1 . ILE A 1 68  ? -3.603  -3.778  11.203  1.00 27.42 ? 65  ILE A CG1 1 
ATOM   526  C  CG2 . ILE A 1 68  ? -2.507  -1.821  12.390  1.00 26.19 ? 65  ILE A CG2 1 
ATOM   527  C  CD1 . ILE A 1 68  ? -3.220  -4.881  12.249  1.00 27.35 ? 65  ILE A CD1 1 
ATOM   528  N  N   . ALA A 1 69  ? -4.780  -1.624  8.794   1.00 24.71 ? 66  ALA A N   1 
ATOM   529  C  CA  . ALA A 1 69  ? -6.102  -1.005  8.547   1.00 23.44 ? 66  ALA A CA  1 
ATOM   530  C  C   . ALA A 1 69  ? -7.136  -1.734  9.366   1.00 24.22 ? 66  ALA A C   1 
ATOM   531  O  O   . ALA A 1 69  ? -7.119  -2.981  9.410   1.00 23.68 ? 66  ALA A O   1 
ATOM   532  C  CB  . ALA A 1 69  ? -6.458  -1.117  7.070   1.00 24.87 ? 66  ALA A CB  1 
ATOM   533  N  N   . TYR A 1 70  ? -8.060  -0.973  9.967   1.00 23.90 ? 67  TYR A N   1 
ATOM   534  C  CA  . TYR A 1 70  ? -9.122  -1.510  10.807  1.00 24.95 ? 67  TYR A CA  1 
ATOM   535  C  C   . TYR A 1 70  ? -10.493 -1.158  10.230  1.00 25.82 ? 67  TYR A C   1 
ATOM   536  O  O   . TYR A 1 70  ? -10.669 -0.072  9.686   1.00 24.35 ? 67  TYR A O   1 
ATOM   537  C  CB  . TYR A 1 70  ? -9.046  -0.905  12.218  1.00 27.10 ? 67  TYR A CB  1 
ATOM   538  C  CG  . TYR A 1 70  ? -8.039  -1.599  13.090  1.00 29.99 ? 67  TYR A CG  1 
ATOM   539  C  CD1 . TYR A 1 70  ? -6.671  -1.319  12.972  1.00 31.74 ? 67  TYR A CD1 1 
ATOM   540  C  CD2 . TYR A 1 70  ? -8.445  -2.561  14.001  1.00 31.43 ? 67  TYR A CD2 1 
ATOM   541  C  CE1 . TYR A 1 70  ? -5.727  -1.983  13.775  1.00 33.10 ? 67  TYR A CE1 1 
ATOM   542  C  CE2 . TYR A 1 70  ? -7.525  -3.229  14.799  1.00 33.39 ? 67  TYR A CE2 1 
ATOM   543  C  CZ  . TYR A 1 70  ? -6.173  -2.931  14.678  1.00 34.71 ? 67  TYR A CZ  1 
ATOM   544  O  OH  . TYR A 1 70  ? -5.288  -3.610  15.486  1.00 38.51 ? 67  TYR A OH  1 
ATOM   545  N  N   . ASP A 1 71  ? -11.442 -2.085  10.371  1.00 26.78 ? 68  ASP A N   1 
ATOM   546  C  CA  . ASP A 1 71  ? -12.848 -1.809  10.115  1.00 25.86 ? 68  ASP A CA  1 
ATOM   547  C  C   . ASP A 1 71  ? -13.486 -1.931  11.508  1.00 27.40 ? 68  ASP A C   1 
ATOM   548  O  O   . ASP A 1 71  ? -13.706 -3.038  11.994  1.00 25.70 ? 68  ASP A O   1 
ATOM   549  C  CB  . ASP A 1 71  ? -13.397 -2.851  9.146   1.00 24.87 ? 68  ASP A CB  1 
ATOM   550  C  CG  . ASP A 1 71  ? -14.876 -2.671  8.861   1.00 25.51 ? 68  ASP A CG  1 
ATOM   551  O  OD1 . ASP A 1 71  ? -15.378 -1.516  8.918   1.00 26.07 ? 68  ASP A OD1 1 
ATOM   552  O  OD2 . ASP A 1 71  ? -15.520 -3.692  8.570   1.00 23.69 ? 68  ASP A OD2 1 
ATOM   553  N  N   . ASN A 1 72  ? -13.708 -0.787  12.160  1.00 28.61 ? 69  ASN A N   1 
ATOM   554  C  CA  . ASN A 1 72  ? -14.039 -0.744  13.592  1.00 31.13 ? 69  ASN A CA  1 
ATOM   555  C  C   . ASN A 1 72  ? -12.994 -1.519  14.393  1.00 31.71 ? 69  ASN A C   1 
ATOM   556  O  O   . ASN A 1 72  ? -11.790 -1.226  14.296  1.00 32.85 ? 69  ASN A O   1 
ATOM   557  C  CB  . ASN A 1 72  ? -15.458 -1.272  13.833  1.00 33.81 ? 69  ASN A CB  1 
ATOM   558  C  CG  . ASN A 1 72  ? -16.513 -0.355  13.263  1.00 37.18 ? 69  ASN A CG  1 
ATOM   559  O  OD1 . ASN A 1 72  ? -16.297 0.867   13.152  1.00 38.75 ? 69  ASN A OD1 1 
ATOM   560  N  ND2 . ASN A 1 72  ? -17.674 -0.926  12.895  1.00 37.61 ? 69  ASN A ND2 1 
ATOM   561  N  N   . GLU A 1 73  ? -13.424 -2.550  15.113  1.00 31.50 ? 70  GLU A N   1 
ATOM   562  C  CA  . GLU A 1 73  ? -12.498 -3.387  15.867  1.00 32.45 ? 70  GLU A CA  1 
ATOM   563  C  C   . GLU A 1 73  ? -11.746 -4.440  15.034  1.00 30.61 ? 70  GLU A C   1 
ATOM   564  O  O   . GLU A 1 73  ? -10.898 -5.116  15.562  1.00 29.10 ? 70  GLU A O   1 
ATOM   565  C  CB  . GLU A 1 73  ? -13.195 -4.066  17.073  1.00 33.98 ? 70  GLU A CB  1 
ATOM   566  C  CG  . GLU A 1 73  ? -14.748 -3.952  17.122  1.00 37.84 ? 70  GLU A CG  1 
ATOM   567  C  CD  . GLU A 1 73  ? -15.496 -4.783  16.058  1.00 39.69 ? 70  GLU A CD  1 
ATOM   568  O  OE1 . GLU A 1 73  ? -15.866 -4.190  15.020  1.00 39.52 ? 70  GLU A OE1 1 
ATOM   569  O  OE2 . GLU A 1 73  ? -15.743 -6.012  16.272  1.00 40.30 ? 70  GLU A OE2 1 
ATOM   570  N  N   . ILE A 1 74  ? -12.051 -4.562  13.749  1.00 28.93 ? 71  ILE A N   1 
ATOM   571  C  CA  . ILE A 1 74  ? -11.529 -5.660  12.952  1.00 27.81 ? 71  ILE A CA  1 
ATOM   572  C  C   . ILE A 1 74  ? -10.310 -5.254  12.085  1.00 27.02 ? 71  ILE A C   1 
ATOM   573  O  O   . ILE A 1 74  ? -10.466 -4.536  11.113  1.00 27.44 ? 71  ILE A O   1 
ATOM   574  C  CB  . ILE A 1 74  ? -12.683 -6.264  12.070  1.00 28.16 ? 71  ILE A CB  1 
ATOM   575  C  CG1 . ILE A 1 74  ? -13.837 -6.799  12.953  1.00 29.48 ? 71  ILE A CG1 1 
ATOM   576  C  CG2 . ILE A 1 74  ? -12.191 -7.296  11.056  1.00 26.28 ? 71  ILE A CG2 1 
ATOM   577  C  CD1 . ILE A 1 74  ? -13.449 -7.907  13.925  1.00 31.33 ? 71  ILE A CD1 1 
ATOM   578  N  N   . PRO A 1 75  ? -9.098  -5.737  12.430  1.00 26.73 ? 72  PRO A N   1 
ATOM   579  C  CA  . PRO A 1 75  ? -7.951  -5.514  11.532  1.00 27.08 ? 72  PRO A CA  1 
ATOM   580  C  C   . PRO A 1 75  ? -8.059  -6.405  10.290  1.00 26.47 ? 72  PRO A C   1 
ATOM   581  O  O   . PRO A 1 75  ? -8.496  -7.549  10.394  1.00 28.76 ? 72  PRO A O   1 
ATOM   582  C  CB  . PRO A 1 75  ? -6.746  -5.897  12.410  1.00 26.99 ? 72  PRO A CB  1 
ATOM   583  C  CG  . PRO A 1 75  ? -7.324  -7.049  13.329  1.00 26.68 ? 72  PRO A CG  1 
ATOM   584  C  CD  . PRO A 1 75  ? -8.779  -6.627  13.572  1.00 26.96 ? 72  PRO A CD  1 
ATOM   585  N  N   . PHE A 1 76  ? -7.704  -5.896  9.117   1.00 26.69 ? 73  PHE A N   1 
ATOM   586  C  CA  . PHE A 1 76  ? -7.972  -6.651  7.890   1.00 25.21 ? 73  PHE A CA  1 
ATOM   587  C  C   . PHE A 1 76  ? -6.936  -6.453  6.785   1.00 26.09 ? 73  PHE A C   1 
ATOM   588  O  O   . PHE A 1 76  ? -6.953  -7.203  5.808   1.00 25.34 ? 73  PHE A O   1 
ATOM   589  C  CB  . PHE A 1 76  ? -9.397  -6.366  7.351   1.00 25.51 ? 73  PHE A CB  1 
ATOM   590  C  CG  . PHE A 1 76  ? -9.549  -4.995  6.708   1.00 25.90 ? 73  PHE A CG  1 
ATOM   591  C  CD1 . PHE A 1 76  ? -9.316  -4.820  5.358   1.00 26.18 ? 73  PHE A CD1 1 
ATOM   592  C  CD2 . PHE A 1 76  ? -9.914  -3.887  7.468   1.00 26.21 ? 73  PHE A CD2 1 
ATOM   593  C  CE1 . PHE A 1 76  ? -9.432  -3.548  4.738   1.00 26.85 ? 73  PHE A CE1 1 
ATOM   594  C  CE2 . PHE A 1 76  ? -10.041 -2.609  6.879   1.00 25.56 ? 73  PHE A CE2 1 
ATOM   595  C  CZ  . PHE A 1 76  ? -9.781  -2.435  5.519   1.00 26.71 ? 73  PHE A CZ  1 
ATOM   596  N  N   . ALA A 1 77  ? -6.063  -5.435  6.903   1.00 24.91 ? 74  ALA A N   1 
ATOM   597  C  CA  . ALA A 1 77  ? -5.055  -5.205  5.868   1.00 24.01 ? 74  ALA A CA  1 
ATOM   598  C  C   . ALA A 1 77  ? -3.747  -4.732  6.457   1.00 24.78 ? 74  ALA A C   1 
ATOM   599  O  O   . ALA A 1 77  ? -3.707  -4.183  7.567   1.00 23.63 ? 74  ALA A O   1 
ATOM   600  C  CB  . ALA A 1 77  ? -5.566  -4.153  4.817   1.00 22.83 ? 74  ALA A CB  1 
ATOM   601  N  N   . TYR A 1 78  ? -2.690  -4.894  5.670   1.00 24.27 ? 75  TYR A N   1 
ATOM   602  C  CA  . TYR A 1 78  ? -1.339  -4.521  6.060   1.00 25.33 ? 75  TYR A CA  1 
ATOM   603  C  C   . TYR A 1 78  ? -0.768  -3.689  4.905   1.00 24.60 ? 75  TYR A C   1 
ATOM   604  O  O   . TYR A 1 78  ? -0.871  -4.078  3.739   1.00 24.83 ? 75  TYR A O   1 
ATOM   605  C  CB  . TYR A 1 78  ? -0.527  -5.786  6.297   1.00 25.03 ? 75  TYR A CB  1 
ATOM   606  C  CG  . TYR A 1 78  ? 0.995   -5.665  6.423   1.00 26.73 ? 75  TYR A CG  1 
ATOM   607  C  CD1 . TYR A 1 78  ? 1.581   -4.778  7.323   1.00 27.33 ? 75  TYR A CD1 1 
ATOM   608  C  CD2 . TYR A 1 78  ? 1.842   -6.516  5.685   1.00 26.16 ? 75  TYR A CD2 1 
ATOM   609  C  CE1 . TYR A 1 78  ? 3.004   -4.689  7.449   1.00 26.19 ? 75  TYR A CE1 1 
ATOM   610  C  CE2 . TYR A 1 78  ? 3.259   -6.453  5.823   1.00 25.55 ? 75  TYR A CE2 1 
ATOM   611  C  CZ  . TYR A 1 78  ? 3.819   -5.536  6.699   1.00 26.87 ? 75  TYR A CZ  1 
ATOM   612  O  OH  . TYR A 1 78  ? 5.191   -5.457  6.829   1.00 26.35 ? 75  TYR A OH  1 
ATOM   613  N  N   . LEU A 1 79  ? -0.222  -2.524  5.255   1.00 23.63 ? 76  LEU A N   1 
ATOM   614  C  CA  . LEU A 1 79  ? 0.278   -1.568  4.267   1.00 25.32 ? 76  LEU A CA  1 
ATOM   615  C  C   . LEU A 1 79  ? 1.679   -1.144  4.677   1.00 25.99 ? 76  LEU A C   1 
ATOM   616  O  O   . LEU A 1 79  ? 2.032   -1.095  5.883   1.00 25.67 ? 76  LEU A O   1 
ATOM   617  C  CB  . LEU A 1 79  ? -0.653  -0.348  4.100   1.00 25.58 ? 76  LEU A CB  1 
ATOM   618  C  CG  . LEU A 1 79  ? -2.178  -0.574  3.987   1.00 27.47 ? 76  LEU A CG  1 
ATOM   619  C  CD1 . LEU A 1 79  ? -2.831  -0.729  5.392   1.00 29.04 ? 76  LEU A CD1 1 
ATOM   620  C  CD2 . LEU A 1 79  ? -2.878  0.562   3.228   1.00 27.64 ? 76  LEU A CD2 1 
ATOM   621  N  N   . ILE A 1 80  ? 2.473   -0.835  3.659   1.00 25.90 ? 77  ILE A N   1 
ATOM   622  C  CA  . ILE A 1 80  ? 3.885   -0.488  3.801   1.00 26.39 ? 77  ILE A CA  1 
ATOM   623  C  C   . ILE A 1 80  ? 4.139   0.747   2.930   1.00 27.83 ? 77  ILE A C   1 
ATOM   624  O  O   . ILE A 1 80  ? 3.818   0.737   1.737   1.00 27.65 ? 77  ILE A O   1 
ATOM   625  C  CB  . ILE A 1 80  ? 4.810   -1.632  3.328   1.00 27.38 ? 77  ILE A CB  1 
ATOM   626  C  CG1 . ILE A 1 80  ? 4.466   -2.963  4.040   1.00 27.62 ? 77  ILE A CG1 1 
ATOM   627  C  CG2 . ILE A 1 80  ? 6.338   -1.248  3.562   1.00 26.40 ? 77  ILE A CG2 1 
ATOM   628  C  CD1 . ILE A 1 80  ? 5.364   -4.169  3.627   1.00 29.09 ? 77  ILE A CD1 1 
ATOM   629  N  N   . THR A 1 81  ? 4.651   1.823   3.535   1.00 26.50 ? 78  THR A N   1 
ATOM   630  C  CA  . THR A 1 81  ? 4.939   3.043   2.779   1.00 27.13 ? 78  THR A CA  1 
ATOM   631  C  C   . THR A 1 81  ? 6.400   3.473   2.943   1.00 29.20 ? 78  THR A C   1 
ATOM   632  O  O   . THR A 1 81  ? 6.998   3.279   3.996   1.00 27.99 ? 78  THR A O   1 
ATOM   633  C  CB  . THR A 1 81  ? 4.015   4.211   3.181   1.00 26.17 ? 78  THR A CB  1 
ATOM   634  O  OG1 . THR A 1 81  ? 4.201   4.521   4.565   1.00 26.50 ? 78  THR A OG1 1 
ATOM   635  C  CG2 . THR A 1 81  ? 2.502   3.828   2.966   1.00 24.91 ? 78  THR A CG2 1 
ATOM   636  N  N   . SER A 1 82  ? 6.965   4.076   1.906   1.00 31.85 ? 79  SER A N   1 
ATOM   637  C  CA  . SER A 1 82  ? 8.251   4.725   2.070   1.00 34.85 ? 79  SER A CA  1 
ATOM   638  C  C   . SER A 1 82  ? 8.295   5.948   1.212   1.00 37.61 ? 79  SER A C   1 
ATOM   639  O  O   . SER A 1 82  ? 7.674   5.996   0.133   1.00 36.38 ? 79  SER A O   1 
ATOM   640  C  CB  . SER A 1 82  ? 9.382   3.785   1.702   1.00 36.56 ? 79  SER A CB  1 
ATOM   641  O  OG  . SER A 1 82  ? 9.185   3.270   0.394   1.00 37.52 ? 79  SER A OG  1 
ATOM   642  N  N   . GLU A 1 83  ? 9.044   6.939   1.682   1.00 40.77 ? 80  GLU A N   1 
ATOM   643  C  CA  . GLU A 1 83  ? 9.074   8.233   1.023   1.00 45.19 ? 80  GLU A CA  1 
ATOM   644  C  C   . GLU A 1 83  ? 10.228  8.352   0.060   1.00 47.42 ? 80  GLU A C   1 
ATOM   645  O  O   . GLU A 1 83  ? 11.278  7.723   0.220   1.00 47.02 ? 80  GLU A O   1 
ATOM   646  C  CB  . GLU A 1 83  ? 9.081   9.386   2.031   1.00 47.20 ? 80  GLU A CB  1 
ATOM   647  C  CG  . GLU A 1 83  ? 10.264  9.386   2.981   1.00 50.42 ? 80  GLU A CG  1 
ATOM   648  C  CD  . GLU A 1 83  ? 9.945   9.968   4.372   1.00 52.38 ? 80  GLU A CD  1 
ATOM   649  O  OE1 . GLU A 1 83  ? 10.870  9.969   5.219   1.00 53.05 ? 80  GLU A OE1 1 
ATOM   650  O  OE2 . GLU A 1 83  ? 8.787   10.397  4.628   1.00 53.44 ? 80  GLU A OE2 1 
ATOM   651  N  N   . ILE A 1 84  ? 9.992   9.153   -0.964  1.00 49.83 ? 81  ILE A N   1 
ATOM   652  C  CA  . ILE A 1 84  ? 10.985  9.456   -1.977  1.00 52.83 ? 81  ILE A CA  1 
ATOM   653  C  C   . ILE A 1 84  ? 11.245  10.940  -1.849  1.00 53.33 ? 81  ILE A C   1 
ATOM   654  O  O   . ILE A 1 84  ? 10.305  11.729  -1.768  1.00 52.10 ? 81  ILE A O   1 
ATOM   655  C  CB  . ILE A 1 84  ? 10.437  9.102   -3.383  1.00 53.71 ? 81  ILE A CB  1 
ATOM   656  C  CG1 . ILE A 1 84  ? 10.232  7.585   -3.484  1.00 54.35 ? 81  ILE A CG1 1 
ATOM   657  C  CG2 . ILE A 1 84  ? 11.345  9.634   -4.496  1.00 53.93 ? 81  ILE A CG2 1 
ATOM   658  C  CD1 . ILE A 1 84  ? 9.046   7.201   -4.293  1.00 54.19 ? 81  ILE A CD1 1 
ATOM   659  N  N   . GLU A 1 85  ? 12.519  11.313  -1.804  1.00 55.95 ? 82  GLU A N   1 
ATOM   660  C  CA  . GLU A 1 85  ? 12.893  12.716  -1.671  1.00 58.53 ? 82  GLU A CA  1 
ATOM   661  C  C   . GLU A 1 85  ? 12.572  13.521  -2.928  1.00 59.34 ? 82  GLU A C   1 
ATOM   662  O  O   . GLU A 1 85  ? 12.569  12.980  -4.043  1.00 59.10 ? 82  GLU A O   1 
ATOM   663  C  CB  . GLU A 1 85  ? 14.378  12.877  -1.304  1.00 59.92 ? 82  GLU A CB  1 
ATOM   664  C  CG  . GLU A 1 85  ? 15.362  12.099  -2.174  1.00 61.16 ? 82  GLU A CG  1 
ATOM   665  C  CD  . GLU A 1 85  ? 15.730  10.753  -1.573  1.00 62.04 ? 82  GLU A CD  1 
ATOM   666  O  OE1 . GLU A 1 85  ? 14.846  9.866   -1.486  1.00 62.49 ? 82  GLU A OE1 1 
ATOM   667  O  OE2 . GLU A 1 85  ? 16.911  10.587  -1.185  1.00 62.60 ? 82  GLU A OE2 1 
ATOM   668  N  N   . LYS A 1 86  ? 12.292  14.810  -2.717  1.00 60.29 ? 83  LYS A N   1 
ATOM   669  C  CA  . LYS A 1 86  ? 12.173  15.794  -3.787  1.00 61.22 ? 83  LYS A CA  1 
ATOM   670  C  C   . LYS A 1 86  ? 13.371  15.637  -4.696  1.00 61.80 ? 83  LYS A C   1 
ATOM   671  O  O   . LYS A 1 86  ? 14.488  15.483  -4.200  1.00 62.34 ? 83  LYS A O   1 
ATOM   672  C  CB  . LYS A 1 86  ? 12.181  17.213  -3.207  1.00 61.22 ? 83  LYS A CB  1 
ATOM   673  C  CG  . LYS A 1 86  ? 11.227  17.436  -2.036  1.00 61.52 ? 83  LYS A CG  1 
ATOM   674  C  CD  . LYS A 1 86  ? 10.838  18.897  -1.922  1.00 61.35 ? 83  LYS A CD  1 
ATOM   675  C  CE  . LYS A 1 86  ? 9.462   19.045  -1.300  1.00 61.47 ? 83  LYS A CE  1 
ATOM   676  N  NZ  . LYS A 1 86  ? 8.901   20.391  -1.563  1.00 61.24 ? 83  LYS A NZ  1 
ATOM   677  N  N   . SER A 1 87  ? 13.142  15.647  -6.012  1.00 62.38 ? 84  SER A N   1 
ATOM   678  C  CA  . SER A 1 87  ? 14.219  15.568  -7.023  1.00 62.40 ? 84  SER A CA  1 
ATOM   679  C  C   . SER A 1 87  ? 13.688  15.216  -8.410  1.00 62.31 ? 84  SER A C   1 
ATOM   680  O  O   . SER A 1 87  ? 12.579  15.606  -8.763  1.00 62.21 ? 84  SER A O   1 
ATOM   681  C  CB  . SER A 1 87  ? 15.326  14.576  -6.603  1.00 62.47 ? 84  SER A CB  1 
ATOM   682  O  OG  . SER A 1 87  ? 14.793  13.401  -6.012  1.00 62.09 ? 84  SER A OG  1 
ATOM   683  N  N   . GLU A 1 88  ? 14.521  14.519  -9.189  1.00 62.28 ? 85  GLU A N   1 
ATOM   684  C  CA  . GLU A 1 88  ? 14.159  13.843  -10.446 1.00 62.23 ? 85  GLU A CA  1 
ATOM   685  C  C   . GLU A 1 88  ? 12.831  14.251  -11.075 1.00 61.67 ? 85  GLU A C   1 
ATOM   686  O  O   . GLU A 1 88  ? 12.580  15.438  -11.316 1.00 61.63 ? 85  GLU A O   1 
ATOM   687  C  CB  . GLU A 1 88  ? 14.193  12.313  -10.256 1.00 62.94 ? 85  GLU A CB  1 
ATOM   688  C  CG  . GLU A 1 88  ? 15.471  11.612  -10.763 1.00 63.81 ? 85  GLU A CG  1 
ATOM   689  C  CD  . GLU A 1 88  ? 16.613  11.577  -9.740  1.00 64.35 ? 85  GLU A CD  1 
ATOM   690  O  OE1 . GLU A 1 88  ? 17.235  12.638  -9.485  1.00 64.42 ? 85  GLU A OE1 1 
ATOM   691  O  OE2 . GLU A 1 88  ? 16.902  10.479  -9.203  1.00 64.44 ? 85  GLU A OE2 1 
ATOM   692  N  N   . GLU A 1 89  ? 11.996  13.250  -11.353 1.00 60.73 ? 86  GLU A N   1 
ATOM   693  C  CA  . GLU A 1 89  ? 10.658  13.459  -11.904 1.00 59.78 ? 86  GLU A CA  1 
ATOM   694  C  C   . GLU A 1 89  ? 9.679   13.776  -10.788 1.00 58.33 ? 86  GLU A C   1 
ATOM   695  O  O   . GLU A 1 89  ? 8.513   14.097  -11.043 1.00 57.68 ? 86  GLU A O   1 
ATOM   696  C  CB  . GLU A 1 89  ? 10.195  12.217  -12.667 1.00 60.29 ? 86  GLU A CB  1 
ATOM   697  C  CG  . GLU A 1 89  ? 10.547  10.928  -11.954 1.00 61.51 ? 86  GLU A CG  1 
ATOM   698  C  CD  . GLU A 1 89  ? 10.284  9.679   -12.774 1.00 62.20 ? 86  GLU A CD  1 
ATOM   699  O  OE1 . GLU A 1 89  ? 9.231   9.604   -13.453 1.00 62.39 ? 86  GLU A OE1 1 
ATOM   700  O  OE2 . GLU A 1 89  ? 11.134  8.758   -12.717 1.00 62.58 ? 86  GLU A OE2 1 
ATOM   701  N  N   . TYR A 1 90  ? 10.167  13.680  -9.551  1.00 56.62 ? 87  TYR A N   1 
ATOM   702  C  CA  . TYR A 1 90  ? 9.343   13.935  -8.386  1.00 55.22 ? 87  TYR A CA  1 
ATOM   703  C  C   . TYR A 1 90  ? 9.907   15.097  -7.610  1.00 54.10 ? 87  TYR A C   1 
ATOM   704  O  O   . TYR A 1 90  ? 10.639  14.901  -6.646  1.00 54.05 ? 87  TYR A O   1 
ATOM   705  C  CB  . TYR A 1 90  ? 9.222   12.678  -7.526  1.00 54.96 ? 87  TYR A CB  1 
ATOM   706  C  CG  . TYR A 1 90  ? 8.689   11.518  -8.316  1.00 54.46 ? 87  TYR A CG  1 
ATOM   707  C  CD1 . TYR A 1 90  ? 7.429   11.585  -8.909  1.00 54.26 ? 87  TYR A CD1 1 
ATOM   708  C  CD2 . TYR A 1 90  ? 9.450   10.367  -8.496  1.00 54.52 ? 87  TYR A CD2 1 
ATOM   709  C  CE1 . TYR A 1 90  ? 6.938   10.539  -9.651  1.00 54.09 ? 87  TYR A CE1 1 
ATOM   710  C  CE2 . TYR A 1 90  ? 8.968   9.305   -9.238  1.00 54.39 ? 87  TYR A CE2 1 
ATOM   711  C  CZ  . TYR A 1 90  ? 7.715   9.403   -9.819  1.00 54.43 ? 87  TYR A CZ  1 
ATOM   712  O  OH  . TYR A 1 90  ? 7.224   8.356   -10.558 1.00 55.11 ? 87  TYR A OH  1 
ATOM   713  N  N   . PRO A 1 91  ? 9.566   16.325  -8.040  1.00 53.42 ? 88  PRO A N   1 
ATOM   714  C  CA  . PRO A 1 91  ? 10.140  17.524  -7.444  1.00 52.75 ? 88  PRO A CA  1 
ATOM   715  C  C   . PRO A 1 91  ? 9.503   17.839  -6.097  1.00 51.74 ? 88  PRO A C   1 
ATOM   716  O  O   . PRO A 1 91  ? 10.081  18.550  -5.285  1.00 51.60 ? 88  PRO A O   1 
ATOM   717  C  CB  . PRO A 1 91  ? 9.821   18.614  -8.468  1.00 53.14 ? 88  PRO A CB  1 
ATOM   718  C  CG  . PRO A 1 91  ? 8.649   18.110  -9.240  1.00 53.42 ? 88  PRO A CG  1 
ATOM   719  C  CD  . PRO A 1 91  ? 8.500   16.639  -9.008  1.00 53.06 ? 88  PRO A CD  1 
ATOM   720  N  N   . ASP A 1 92  ? 8.313   17.302  -5.873  1.00 50.59 ? 89  ASP A N   1 
ATOM   721  C  CA  . ASP A 1 92  ? 7.642   17.442  -4.597  1.00 49.28 ? 89  ASP A CA  1 
ATOM   722  C  C   . ASP A 1 92  ? 7.773   16.123  -3.841  1.00 47.91 ? 89  ASP A C   1 
ATOM   723  O  O   . ASP A 1 92  ? 7.226   15.959  -2.748  1.00 48.35 ? 89  ASP A O   1 
ATOM   724  C  CB  . ASP A 1 92  ? 6.177   17.826  -4.816  1.00 49.95 ? 89  ASP A CB  1 
ATOM   725  C  CG  . ASP A 1 92  ? 6.023   18.984  -5.791  1.00 50.06 ? 89  ASP A CG  1 
ATOM   726  O  OD1 . ASP A 1 92  ? 5.706   20.097  -5.330  1.00 50.52 ? 89  ASP A OD1 1 
ATOM   727  O  OD2 . ASP A 1 92  ? 6.243   18.786  -7.009  1.00 49.65 ? 89  ASP A OD2 1 
ATOM   728  N  N   . GLY A 1 93  ? 8.528   15.198  -4.428  1.00 45.45 ? 90  GLY A N   1 
ATOM   729  C  CA  . GLY A 1 93  ? 8.730   13.879  -3.849  1.00 43.02 ? 90  GLY A CA  1 
ATOM   730  C  C   . GLY A 1 93  ? 7.596   12.919  -4.193  1.00 40.54 ? 90  GLY A C   1 
ATOM   731  O  O   . GLY A 1 93  ? 6.815   13.148  -5.134  1.00 40.16 ? 90  GLY A O   1 
ATOM   732  N  N   . ALA A 1 94  ? 7.502   11.840  -3.429  1.00 37.97 ? 91  ALA A N   1 
ATOM   733  C  CA  . ALA A 1 94  ? 6.476   10.830  -3.664  1.00 35.65 ? 91  ALA A CA  1 
ATOM   734  C  C   . ALA A 1 94  ? 6.479   9.785   -2.549  1.00 34.03 ? 91  ALA A C   1 
ATOM   735  O  O   . ALA A 1 94  ? 7.506   9.561   -1.897  1.00 34.17 ? 91  ALA A O   1 
ATOM   736  C  CB  . ALA A 1 94  ? 6.695   10.167  -5.014  1.00 35.34 ? 91  ALA A CB  1 
ATOM   737  N  N   . VAL A 1 95  ? 5.330   9.153   -2.326  1.00 32.21 ? 92  VAL A N   1 
ATOM   738  C  CA  . VAL A 1 95  ? 5.250   8.014   -1.399  1.00 30.22 ? 92  VAL A CA  1 
ATOM   739  C  C   . VAL A 1 95  ? 5.001   6.736   -2.197  1.00 29.88 ? 92  VAL A C   1 
ATOM   740  O  O   . VAL A 1 95  ? 4.169   6.714   -3.104  1.00 29.00 ? 92  VAL A O   1 
ATOM   741  C  CB  . VAL A 1 95  ? 4.166   8.210   -0.288  1.00 30.88 ? 92  VAL A CB  1 
ATOM   742  C  CG1 . VAL A 1 95  ? 2.776   8.320   -0.875  1.00 31.44 ? 92  VAL A CG1 1 
ATOM   743  C  CG2 . VAL A 1 95  ? 4.201   7.075   0.723   1.00 30.39 ? 92  VAL A CG2 1 
ATOM   744  N  N   . THR A 1 96  ? 5.731   5.683   -1.869  1.00 28.40 ? 93  THR A N   1 
ATOM   745  C  CA  . THR A 1 96  ? 5.532   4.388   -2.513  1.00 29.90 ? 93  THR A CA  1 
ATOM   746  C  C   . THR A 1 96  ? 4.731   3.531   -1.536  1.00 30.78 ? 93  THR A C   1 
ATOM   747  O  O   . THR A 1 96  ? 5.066   3.481   -0.350  1.00 31.08 ? 93  THR A O   1 
ATOM   748  C  CB  . THR A 1 96  ? 6.874   3.695   -2.855  1.00 31.61 ? 93  THR A CB  1 
ATOM   749  O  OG1 . THR A 1 96  ? 7.646   4.557   -3.703  1.00 32.30 ? 93  THR A OG1 1 
ATOM   750  C  CG2 . THR A 1 96  ? 6.638   2.331   -3.570  1.00 31.57 ? 93  THR A CG2 1 
ATOM   751  N  N   . LEU A 1 97  ? 3.682   2.887   -2.054  1.00 29.16 ? 94  LEU A N   1 
ATOM   752  C  CA  . LEU A 1 97  ? 2.746   2.091   -1.278  1.00 29.27 ? 94  LEU A CA  1 
ATOM   753  C  C   . LEU A 1 97  ? 2.817   0.610   -1.663  1.00 30.89 ? 94  LEU A C   1 
ATOM   754  O  O   . LEU A 1 97  ? 2.877   0.252   -2.848  1.00 30.03 ? 94  LEU A O   1 
ATOM   755  C  CB  . LEU A 1 97  ? 1.311   2.610   -1.496  1.00 27.72 ? 94  LEU A CB  1 
ATOM   756  C  CG  . LEU A 1 97  ? 0.146   1.943   -0.780  1.00 27.46 ? 94  LEU A CG  1 
ATOM   757  C  CD1 . LEU A 1 97  ? 0.314   2.057   0.778   1.00 26.39 ? 94  LEU A CD1 1 
ATOM   758  C  CD2 . LEU A 1 97  ? -1.149  2.611   -1.283  1.00 28.24 ? 94  LEU A CD2 1 
ATOM   759  N  N   . ASP A 1 98  ? 2.824   -0.243  -0.643  1.00 31.12 ? 95  ASP A N   1 
ATOM   760  C  CA  . ASP A 1 98  ? 2.570   -1.667  -0.815  1.00 33.89 ? 95  ASP A CA  1 
ATOM   761  C  C   . ASP A 1 98  ? 1.406   -2.004  0.068   1.00 33.47 ? 95  ASP A C   1 
ATOM   762  O  O   . ASP A 1 98  ? 1.369   -1.564  1.230   1.00 31.07 ? 95  ASP A O   1 
ATOM   763  C  CB  . ASP A 1 98  ? 3.716   -2.467  -0.273  1.00 38.47 ? 95  ASP A CB  1 
ATOM   764  C  CG  . ASP A 1 98  ? 4.690   -2.854  -1.315  1.00 43.67 ? 95  ASP A CG  1 
ATOM   765  O  OD1 . ASP A 1 98  ? 4.582   -4.018  -1.785  1.00 45.02 ? 95  ASP A OD1 1 
ATOM   766  O  OD2 . ASP A 1 98  ? 5.572   -2.019  -1.630  1.00 45.29 ? 95  ASP A OD2 1 
ATOM   767  N  N   . LEU A 1 99  ? 0.482   -2.819  -0.435  1.00 31.62 ? 96  LEU A N   1 
ATOM   768  C  CA  . LEU A 1 99  ? -0.651  -3.198  0.404   1.00 32.33 ? 96  LEU A CA  1 
ATOM   769  C  C   . LEU A 1 99  ? -1.070  -4.646  0.221   1.00 31.93 ? 96  LEU A C   1 
ATOM   770  O  O   . LEU A 1 99  ? -0.915  -5.225  -0.873  1.00 31.79 ? 96  LEU A O   1 
ATOM   771  C  CB  . LEU A 1 99  ? -1.825  -2.238  0.204   1.00 31.96 ? 96  LEU A CB  1 
ATOM   772  C  CG  . LEU A 1 99  ? -2.501  -2.241  -1.156  1.00 33.83 ? 96  LEU A CG  1 
ATOM   773  C  CD1 . LEU A 1 99  ? -3.773  -3.088  -1.082  1.00 34.05 ? 96  LEU A CD1 1 
ATOM   774  C  CD2 . LEU A 1 99  ? -2.860  -0.823  -1.632  1.00 32.90 ? 96  LEU A CD2 1 
ATOM   775  N  N   . PHE A 1 100 ? -1.631  -5.190  1.294   1.00 29.29 ? 97  PHE A N   1 
ATOM   776  C  CA  . PHE A 1 100 ? -2.011  -6.571  1.386   1.00 29.10 ? 97  PHE A CA  1 
ATOM   777  C  C   . PHE A 1 100 ? -3.344  -6.651  2.106   1.00 29.58 ? 97  PHE A C   1 
ATOM   778  O  O   . PHE A 1 100 ? -3.438  -6.337  3.316   1.00 28.39 ? 97  PHE A O   1 
ATOM   779  C  CB  . PHE A 1 100 ? -0.929  -7.351  2.161   1.00 29.64 ? 97  PHE A CB  1 
ATOM   780  C  CG  . PHE A 1 100 ? 0.469   -7.150  1.612   1.00 29.82 ? 97  PHE A CG  1 
ATOM   781  C  CD1 . PHE A 1 100 ? 0.949   -7.966  0.574   1.00 31.13 ? 97  PHE A CD1 1 
ATOM   782  C  CD2 . PHE A 1 100 ? 1.294   -6.153  2.118   1.00 29.82 ? 97  PHE A CD2 1 
ATOM   783  C  CE1 . PHE A 1 100 ? 2.224   -7.782  0.038   1.00 30.77 ? 97  PHE A CE1 1 
ATOM   784  C  CE2 . PHE A 1 100 ? 2.589   -5.954  1.589   1.00 30.66 ? 97  PHE A CE2 1 
ATOM   785  C  CZ  . PHE A 1 100 ? 3.052   -6.792  0.543   1.00 32.38 ? 97  PHE A CZ  1 
ATOM   786  N  N   . ILE A 1 101 ? -4.390  -7.036  1.375   1.00 28.19 ? 98  ILE A N   1 
ATOM   787  C  CA  . ILE A 1 101 ? -5.670  -7.274  2.018   1.00 29.01 ? 98  ILE A CA  1 
ATOM   788  C  C   . ILE A 1 101 ? -5.633  -8.722  2.513   1.00 29.05 ? 98  ILE A C   1 
ATOM   789  O  O   . ILE A 1 101 ? -5.715  -9.654  1.713   1.00 29.49 ? 98  ILE A O   1 
ATOM   790  C  CB  . ILE A 1 101 ? -6.922  -7.096  1.070   1.00 30.68 ? 98  ILE A CB  1 
ATOM   791  C  CG1 . ILE A 1 101 ? -6.882  -5.803  0.268   1.00 31.15 ? 98  ILE A CG1 1 
ATOM   792  C  CG2 . ILE A 1 101 ? -8.249  -7.265  1.878   1.00 27.53 ? 98  ILE A CG2 1 
ATOM   793  C  CD1 . ILE A 1 101 ? -6.721  -4.563  1.066   1.00 33.75 ? 98  ILE A CD1 1 
ATOM   794  N  N   . CYS A 1 102 ? -5.563  -8.888  3.824   1.00 27.54 ? 99  CYS A N   1 
ATOM   795  C  CA  . CYS A 1 102 ? -5.224  -10.162 4.417   1.00 29.73 ? 99  CYS A CA  1 
ATOM   796  C  C   . CYS A 1 102 ? -6.397  -10.994 4.909   1.00 30.29 ? 99  CYS A C   1 
ATOM   797  O  O   . CYS A 1 102 ? -6.213  -12.176 5.202   1.00 30.90 ? 99  CYS A O   1 
ATOM   798  C  CB  . CYS A 1 102 ? -4.242  -9.923  5.565   1.00 28.80 ? 99  CYS A CB  1 
ATOM   799  S  SG  . CYS A 1 102 ? -2.701  -9.170  4.930   1.00 31.15 ? 99  CYS A SG  1 
ATOM   800  N  N   . ARG A 1 103 ? -7.577  -10.382 5.018   1.00 29.37 ? 100 ARG A N   1 
ATOM   801  C  CA  . ARG A 1 103 ? -8.808  -11.131 5.328   1.00 30.39 ? 100 ARG A CA  1 
ATOM   802  C  C   . ARG A 1 103 ? -9.572  -11.359 4.034   1.00 29.70 ? 100 ARG A C   1 
ATOM   803  O  O   . ARG A 1 103 ? -9.842  -10.398 3.304   1.00 29.05 ? 100 ARG A O   1 
ATOM   804  C  CB  . ARG A 1 103 ? -9.700  -10.349 6.306   1.00 30.54 ? 100 ARG A CB  1 
ATOM   805  C  CG  . ARG A 1 103 ? -9.275  -10.380 7.765   1.00 30.84 ? 100 ARG A CG  1 
ATOM   806  C  CD  . ARG A 1 103 ? -10.353 -9.699  8.627   1.00 30.86 ? 100 ARG A CD  1 
ATOM   807  N  NE  . ARG A 1 103 ? -11.654 -10.399 8.572   1.00 31.12 ? 100 ARG A NE  1 
ATOM   808  C  CZ  . ARG A 1 103 ? -12.201 -11.042 9.595   1.00 31.43 ? 100 ARG A CZ  1 
ATOM   809  N  NH1 . ARG A 1 103 ? -11.569 -11.089 10.756  1.00 31.05 ? 100 ARG A NH1 1 
ATOM   810  N  NH2 . ARG A 1 103 ? -13.382 -11.627 9.470   1.00 31.41 ? 100 ARG A NH2 1 
ATOM   811  N  N   . LEU A 1 104 ? -9.927  -12.617 3.744   1.00 30.18 ? 101 LEU A N   1 
ATOM   812  C  CA  . LEU A 1 104 ? -10.638 -12.915 2.495   1.00 31.72 ? 101 LEU A CA  1 
ATOM   813  C  C   . LEU A 1 104 ? -11.984 -12.202 2.365   1.00 30.70 ? 101 LEU A C   1 
ATOM   814  O  O   . LEU A 1 104 ? -12.414 -11.896 1.261   1.00 31.52 ? 101 LEU A O   1 
ATOM   815  C  CB  . LEU A 1 104 ? -10.835 -14.432 2.276   1.00 33.39 ? 101 LEU A CB  1 
ATOM   816  C  CG  . LEU A 1 104 ? -9.574  -15.222 1.909   1.00 34.71 ? 101 LEU A CG  1 
ATOM   817  C  CD1 . LEU A 1 104 ? -9.886  -16.715 1.894   1.00 35.91 ? 101 LEU A CD1 1 
ATOM   818  C  CD2 . LEU A 1 104 ? -9.018  -14.779 0.571   1.00 35.62 ? 101 LEU A CD2 1 
ATOM   819  N  N   . ASP A 1 105 ? -12.631 -11.912 3.492   1.00 29.41 ? 102 ASP A N   1 
ATOM   820  C  CA  . ASP A 1 105 ? -13.934 -11.251 3.461   1.00 29.14 ? 102 ASP A CA  1 
ATOM   821  C  C   . ASP A 1 105 ? -13.780 -9.760  3.199   1.00 29.32 ? 102 ASP A C   1 
ATOM   822  O  O   . ASP A 1 105 ? -14.773 -9.025  3.115   1.00 29.18 ? 102 ASP A O   1 
ATOM   823  C  CB  . ASP A 1 105 ? -14.766 -11.571 4.733   1.00 30.29 ? 102 ASP A CB  1 
ATOM   824  C  CG  . ASP A 1 105 ? -13.967 -11.416 6.050   1.00 30.64 ? 102 ASP A CG  1 
ATOM   825  O  OD1 . ASP A 1 105 ? -12.726 -11.361 6.044   1.00 29.68 ? 102 ASP A OD1 1 
ATOM   826  O  OD2 . ASP A 1 105 ? -14.611 -11.385 7.125   1.00 30.99 ? 102 ASP A OD2 1 
ATOM   827  N  N   . TYR A 1 106 ? -12.542 -9.308  2.992   1.00 27.79 ? 103 TYR A N   1 
ATOM   828  C  CA  . TYR A 1 106 ? -12.321 -7.882  2.725   1.00 28.54 ? 103 TYR A CA  1 
ATOM   829  C  C   . TYR A 1 106 ? -11.782 -7.562  1.345   1.00 28.81 ? 103 TYR A C   1 
ATOM   830  O  O   . TYR A 1 106 ? -11.388 -6.433  1.086   1.00 29.34 ? 103 TYR A O   1 
ATOM   831  C  CB  . TYR A 1 106 ? -11.433 -7.254  3.823   1.00 27.22 ? 103 TYR A CB  1 
ATOM   832  C  CG  . TYR A 1 106 ? -12.226 -6.951  5.080   1.00 27.22 ? 103 TYR A CG  1 
ATOM   833  C  CD1 . TYR A 1 106 ? -12.516 -7.949  6.004   1.00 25.84 ? 103 TYR A CD1 1 
ATOM   834  C  CD2 . TYR A 1 106 ? -12.722 -5.660  5.314   1.00 26.70 ? 103 TYR A CD2 1 
ATOM   835  C  CE1 . TYR A 1 106 ? -13.273 -7.669  7.161   1.00 26.82 ? 103 TYR A CE1 1 
ATOM   836  C  CE2 . TYR A 1 106 ? -13.492 -5.370  6.443   1.00 26.84 ? 103 TYR A CE2 1 
ATOM   837  C  CZ  . TYR A 1 106 ? -13.750 -6.370  7.362   1.00 26.44 ? 103 TYR A CZ  1 
ATOM   838  O  OH  . TYR A 1 106 ? -14.472 -6.053  8.473   1.00 24.75 ? 103 TYR A OH  1 
ATOM   839  N  N   . ILE A 1 107 ? -11.787 -8.549  0.453   1.00 29.31 ? 104 ILE A N   1 
ATOM   840  C  CA  . ILE A 1 107 ? -11.048 -8.473  -0.818  1.00 31.29 ? 104 ILE A CA  1 
ATOM   841  C  C   . ILE A 1 107 ? -11.793 -7.792  -1.992  1.00 31.15 ? 104 ILE A C   1 
ATOM   842  O  O   . ILE A 1 107 ? -11.232 -7.620  -3.098  1.00 31.52 ? 104 ILE A O   1 
ATOM   843  C  CB  . ILE A 1 107 ? -10.603 -9.909  -1.199  1.00 34.16 ? 104 ILE A CB  1 
ATOM   844  C  CG1 . ILE A 1 107 ? -9.098  -9.978  -1.351  1.00 35.56 ? 104 ILE A CG1 1 
ATOM   845  C  CG2 . ILE A 1 107 ? -11.469 -10.553 -2.303  1.00 32.46 ? 104 ILE A CG2 1 
ATOM   846  C  CD1 . ILE A 1 107 ? -8.470  -10.492 -0.119  1.00 36.67 ? 104 ILE A CD1 1 
ATOM   847  N  N   . GLY A 1 108 ? -13.026 -7.371  -1.727  1.00 28.96 ? 105 GLY A N   1 
ATOM   848  C  CA  . GLY A 1 108 ? -13.882 -6.766  -2.739  1.00 29.11 ? 105 GLY A CA  1 
ATOM   849  C  C   . GLY A 1 108 ? -13.147 -5.641  -3.438  1.00 29.35 ? 105 GLY A C   1 
ATOM   850  O  O   . GLY A 1 108 ? -12.437 -4.882  -2.802  1.00 26.95 ? 105 GLY A O   1 
ATOM   851  N  N   . LYS A 1 109 ? -13.335 -5.521  -4.749  1.00 28.05 ? 106 LYS A N   1 
ATOM   852  C  CA  . LYS A 1 109 ? -12.624 -4.493  -5.498  1.00 28.82 ? 106 LYS A CA  1 
ATOM   853  C  C   . LYS A 1 109 ? -13.068 -3.109  -5.037  1.00 28.89 ? 106 LYS A C   1 
ATOM   854  O  O   . LYS A 1 109 ? -12.235 -2.237  -4.806  1.00 28.90 ? 106 LYS A O   1 
ATOM   855  C  CB  . LYS A 1 109 ? -12.849 -4.671  -7.003  1.00 29.36 ? 106 LYS A CB  1 
ATOM   856  C  CG  . LYS A 1 109 ? -12.242 -5.956  -7.560  1.00 31.10 ? 106 LYS A CG  1 
ATOM   857  C  CD  . LYS A 1 109 ? -12.477 -6.037  -9.067  1.00 33.22 ? 106 LYS A CD  1 
ATOM   858  C  CE  . LYS A 1 109 ? -13.478 -7.080  -9.469  1.00 33.62 ? 106 LYS A CE  1 
ATOM   859  N  NZ  . LYS A 1 109 ? -14.728 -7.018  -8.674  1.00 36.64 ? 106 LYS A NZ  1 
ATOM   860  N  N   . GLY A 1 110 ? -14.376 -2.910  -4.883  1.00 27.97 ? 107 GLY A N   1 
ATOM   861  C  CA  . GLY A 1 110 ? -14.898 -1.603  -4.463  1.00 27.03 ? 107 GLY A CA  1 
ATOM   862  C  C   . GLY A 1 110 ? -14.432 -1.251  -3.051  1.00 26.95 ? 107 GLY A C   1 
ATOM   863  O  O   . GLY A 1 110 ? -14.066 -0.104  -2.769  1.00 26.27 ? 107 GLY A O   1 
ATOM   864  N  N   . LEU A 1 111 ? -14.430 -2.240  -2.170  1.00 25.70 ? 108 LEU A N   1 
ATOM   865  C  CA  . LEU A 1 111 ? -13.874 -2.059  -0.829  1.00 27.34 ? 108 LEU A CA  1 
ATOM   866  C  C   . LEU A 1 111 ? -12.370 -1.702  -0.839  1.00 27.32 ? 108 LEU A C   1 
ATOM   867  O  O   . LEU A 1 111 ? -11.918 -0.873  -0.036  1.00 26.30 ? 108 LEU A O   1 
ATOM   868  C  CB  . LEU A 1 111 ? -14.075 -3.327  -0.004  1.00 28.71 ? 108 LEU A CB  1 
ATOM   869  C  CG  . LEU A 1 111 ? -13.762 -3.187  1.491   1.00 30.54 ? 108 LEU A CG  1 
ATOM   870  C  CD1 . LEU A 1 111 ? -14.612 -4.152  2.338   1.00 31.24 ? 108 LEU A CD1 1 
ATOM   871  C  CD2 . LEU A 1 111 ? -12.258 -3.417  1.757   1.00 30.77 ? 108 LEU A CD2 1 
ATOM   872  N  N   . SER A 1 112 ? -11.600 -2.368  -1.699  1.00 25.97 ? 109 SER A N   1 
ATOM   873  C  CA  . SER A 1 112 ? -10.155 -2.101  -1.785  1.00 27.04 ? 109 SER A CA  1 
ATOM   874  C  C   . SER A 1 112 ? -9.896  -0.668  -2.258  1.00 26.84 ? 109 SER A C   1 
ATOM   875  O  O   . SER A 1 112 ? -9.018  -0.001  -1.738  1.00 26.18 ? 109 SER A O   1 
ATOM   876  C  CB  . SER A 1 112 ? -9.472  -3.082  -2.730  1.00 28.86 ? 109 SER A CB  1 
ATOM   877  O  OG  . SER A 1 112 ? -9.585  -4.398  -2.211  1.00 34.82 ? 109 SER A OG  1 
ATOM   878  N  N   . VAL A 1 113 ? -10.690 -0.197  -3.225  1.00 25.57 ? 110 VAL A N   1 
ATOM   879  C  CA  . VAL A 1 113 ? -10.555 1.149   -3.736  1.00 25.59 ? 110 VAL A CA  1 
ATOM   880  C  C   . VAL A 1 113 ? -10.877 2.133   -2.606  1.00 25.80 ? 110 VAL A C   1 
ATOM   881  O  O   . VAL A 1 113 ? -10.166 3.123   -2.391  1.00 25.02 ? 110 VAL A O   1 
ATOM   882  C  CB  . VAL A 1 113 ? -11.449 1.388   -4.995  1.00 26.07 ? 110 VAL A CB  1 
ATOM   883  C  CG1 . VAL A 1 113 ? -11.464 2.873   -5.371  1.00 26.15 ? 110 VAL A CG1 1 
ATOM   884  C  CG2 . VAL A 1 113 ? -10.925 0.550   -6.180  1.00 27.17 ? 110 VAL A CG2 1 
ATOM   885  N  N   . GLN A 1 114 ? -11.936 1.853   -1.864  1.00 25.39 ? 111 GLN A N   1 
ATOM   886  C  CA  . GLN A 1 114 ? -12.308 2.747   -0.796  1.00 24.45 ? 111 GLN A CA  1 
ATOM   887  C  C   . GLN A 1 114 ? -11.181 2.773   0.238   1.00 25.44 ? 111 GLN A C   1 
ATOM   888  O  O   . GLN A 1 114 ? -10.831 3.816   0.748   1.00 25.31 ? 111 GLN A O   1 
ATOM   889  C  CB  . GLN A 1 114 ? -13.615 2.308   -0.143  1.00 26.92 ? 111 GLN A CB  1 
ATOM   890  C  CG  . GLN A 1 114 ? -14.078 3.265   0.979   1.00 28.67 ? 111 GLN A CG  1 
ATOM   891  C  CD  . GLN A 1 114 ? -15.396 2.848   1.600   1.00 31.39 ? 111 GLN A CD  1 
ATOM   892  O  OE1 . GLN A 1 114 ? -16.134 2.054   1.017   1.00 30.91 ? 111 GLN A OE1 1 
ATOM   893  N  NE2 . GLN A 1 114 ? -15.706 3.388   2.789   1.00 29.79 ? 111 GLN A NE2 1 
HETATM 894  N  N   . MSE A 1 115 ? -10.642 1.619   0.570   1.00 24.16 ? 112 MSE A N   1 
HETATM 895  C  CA  . MSE A 1 115 ? -9.559  1.586   1.575   1.00 26.32 ? 112 MSE A CA  1 
HETATM 896  C  C   . MSE A 1 115 ? -8.334  2.366   1.104   1.00 26.86 ? 112 MSE A C   1 
HETATM 897  O  O   . MSE A 1 115 ? -7.723  3.128   1.892   1.00 24.17 ? 112 MSE A O   1 
HETATM 898  C  CB  . MSE A 1 115 ? -9.165  0.157   1.935   1.00 25.84 ? 112 MSE A CB  1 
HETATM 899  C  CG  . MSE A 1 115 ? -8.250  0.077   3.187   1.00 29.52 ? 112 MSE A CG  1 
HETATM 900  SE SE  . MSE A 1 115 ? -6.965  -1.379  2.986   0.80 30.74 ? 112 MSE A SE  1 
HETATM 901  C  CE  . MSE A 1 115 ? -6.034  -0.654  1.481   1.00 32.26 ? 112 MSE A CE  1 
ATOM   902  N  N   . ILE A 1 116 ? -7.966  2.158   -0.166  1.00 24.34 ? 113 ILE A N   1 
ATOM   903  C  CA  . ILE A 1 116 ? -6.849  2.894   -0.744  1.00 26.09 ? 113 ILE A CA  1 
ATOM   904  C  C   . ILE A 1 116 ? -7.093  4.400   -0.613  1.00 25.90 ? 113 ILE A C   1 
ATOM   905  O  O   . ILE A 1 116 ? -6.229  5.133   -0.103  1.00 25.81 ? 113 ILE A O   1 
ATOM   906  C  CB  . ILE A 1 116 ? -6.608  2.503   -2.244  1.00 25.74 ? 113 ILE A CB  1 
ATOM   907  C  CG1 . ILE A 1 116 ? -6.043  1.073   -2.353  1.00 25.96 ? 113 ILE A CG1 1 
ATOM   908  C  CG2 . ILE A 1 116 ? -5.731  3.567   -2.941  1.00 26.79 ? 113 ILE A CG2 1 
ATOM   909  C  CD1 . ILE A 1 116 ? -6.110  0.464   -3.748  1.00 24.37 ? 113 ILE A CD1 1 
ATOM   910  N  N   . HIS A 1 117 ? -8.267  4.859   -1.050  1.00 25.66 ? 114 HIS A N   1 
ATOM   911  C  CA  . HIS A 1 117 ? -8.574  6.288   -0.995  1.00 26.38 ? 114 HIS A CA  1 
ATOM   912  C  C   . HIS A 1 117 ? -8.590  6.833   0.426   1.00 26.60 ? 114 HIS A C   1 
ATOM   913  O  O   . HIS A 1 117 ? -8.018  7.903   0.701   1.00 24.50 ? 114 HIS A O   1 
ATOM   914  C  CB  . HIS A 1 117 ? -9.880  6.631   -1.687  1.00 27.68 ? 114 HIS A CB  1 
ATOM   915  C  CG  . HIS A 1 117 ? -9.831  6.458   -3.176  1.00 28.21 ? 114 HIS A CG  1 
ATOM   916  N  ND1 . HIS A 1 117 ? -10.955 6.545   -3.961  1.00 27.53 ? 114 HIS A ND1 1 
ATOM   917  C  CD2 . HIS A 1 117 ? -8.804  6.167   -4.011  1.00 27.80 ? 114 HIS A CD2 1 
ATOM   918  C  CE1 . HIS A 1 117 ? -10.623 6.333   -5.224  1.00 28.26 ? 114 HIS A CE1 1 
ATOM   919  N  NE2 . HIS A 1 117 ? -9.321  6.115   -5.283  1.00 29.40 ? 114 HIS A NE2 1 
ATOM   920  N  N   . GLU A 1 118 ? -9.212  6.095   1.333   1.00 22.26 ? 115 GLU A N   1 
ATOM   921  C  CA  . GLU A 1 118 ? -9.229  6.560   2.732   1.00 22.73 ? 115 GLU A CA  1 
ATOM   922  C  C   . GLU A 1 118 ? -7.839  6.574   3.370   1.00 22.91 ? 115 GLU A C   1 
ATOM   923  O  O   . GLU A 1 118 ? -7.521  7.444   4.179   1.00 24.43 ? 115 GLU A O   1 
ATOM   924  C  CB  . GLU A 1 118 ? -10.190 5.707   3.556   1.00 23.73 ? 115 GLU A CB  1 
ATOM   925  C  CG  . GLU A 1 118 ? -11.675 5.939   3.189   1.00 23.55 ? 115 GLU A CG  1 
ATOM   926  C  CD  . GLU A 1 118 ? -12.610 5.185   4.134   1.00 25.16 ? 115 GLU A CD  1 
ATOM   927  O  OE1 . GLU A 1 118 ? -12.075 4.514   5.031   1.00 25.92 ? 115 GLU A OE1 1 
ATOM   928  O  OE2 . GLU A 1 118 ? -13.863 5.249   3.985   1.00 23.62 ? 115 GLU A OE2 1 
ATOM   929  N  N   . PHE A 1 119 ? -7.001  5.606   3.032   1.00 22.78 ? 116 PHE A N   1 
ATOM   930  C  CA  . PHE A 1 119 ? -5.631  5.600   3.568   1.00 23.60 ? 116 PHE A CA  1 
ATOM   931  C  C   . PHE A 1 119 ? -4.834  6.822   3.102   1.00 24.25 ? 116 PHE A C   1 
ATOM   932  O  O   . PHE A 1 119 ? -4.209  7.533   3.919   1.00 22.09 ? 116 PHE A O   1 
ATOM   933  C  CB  . PHE A 1 119 ? -4.933  4.313   3.188   1.00 25.16 ? 116 PHE A CB  1 
ATOM   934  C  CG  . PHE A 1 119 ? -3.495  4.224   3.646   1.00 27.14 ? 116 PHE A CG  1 
ATOM   935  C  CD1 . PHE A 1 119 ? -3.170  4.145   5.008   1.00 26.86 ? 116 PHE A CD1 1 
ATOM   936  C  CD2 . PHE A 1 119 ? -2.469  4.203   2.711   1.00 28.74 ? 116 PHE A CD2 1 
ATOM   937  C  CE1 . PHE A 1 119 ? -1.825  4.052   5.426   1.00 28.77 ? 116 PHE A CE1 1 
ATOM   938  C  CE2 . PHE A 1 119 ? -1.112  4.107   3.123   1.00 29.29 ? 116 PHE A CE2 1 
ATOM   939  C  CZ  . PHE A 1 119 ? -0.799  4.030   4.474   1.00 28.61 ? 116 PHE A CZ  1 
ATOM   940  N  N   . ILE A 1 120 ? -4.871  7.074   1.792   1.00 23.83 ? 117 ILE A N   1 
ATOM   941  C  CA  . ILE A 1 120 ? -4.154  8.222   1.231   1.00 24.36 ? 117 ILE A CA  1 
ATOM   942  C  C   . ILE A 1 120 ? -4.648  9.535   1.819   1.00 23.85 ? 117 ILE A C   1 
ATOM   943  O  O   . ILE A 1 120 ? -3.829  10.370  2.212   1.00 22.61 ? 117 ILE A O   1 
ATOM   944  C  CB  . ILE A 1 120 ? -4.248  8.279   -0.319  1.00 24.12 ? 117 ILE A CB  1 
ATOM   945  C  CG1 . ILE A 1 120 ? -3.511  7.077   -0.892  1.00 25.90 ? 117 ILE A CG1 1 
ATOM   946  C  CG2 . ILE A 1 120 ? -3.621  9.612   -0.853  1.00 26.03 ? 117 ILE A CG2 1 
ATOM   947  C  CD1 . ILE A 1 120 ? -3.893  6.734   -2.342  1.00 26.33 ? 117 ILE A CD1 1 
ATOM   948  N  N   . LEU A 1 121 ? -5.973  9.728   1.876   1.00 23.73 ? 118 LEU A N   1 
ATOM   949  C  CA  . LEU A 1 121 ? -6.521  10.932  2.453   1.00 23.82 ? 118 LEU A CA  1 
ATOM   950  C  C   . LEU A 1 121 ? -6.328  11.089  3.961   1.00 24.77 ? 118 LEU A C   1 
ATOM   951  O  O   . LEU A 1 121 ? -6.214  12.220  4.448   1.00 26.01 ? 118 LEU A O   1 
ATOM   952  C  CB  . LEU A 1 121 ? -8.008  11.136  2.070   1.00 25.44 ? 118 LEU A CB  1 
ATOM   953  C  CG  . LEU A 1 121 ? -8.280  11.152  0.561   1.00 27.39 ? 118 LEU A CG  1 
ATOM   954  C  CD1 . LEU A 1 121 ? -9.755  11.130  0.280   1.00 28.85 ? 118 LEU A CD1 1 
ATOM   955  C  CD2 . LEU A 1 121 ? -7.608  12.378  -0.124  1.00 28.20 ? 118 LEU A CD2 1 
ATOM   956  N  N   . SER A 1 122 ? -6.313  9.980   4.692   1.00 24.66 ? 119 SER A N   1 
ATOM   957  C  CA  . SER A 1 122 ? -6.131  10.004  6.152   1.00 24.97 ? 119 SER A CA  1 
ATOM   958  C  C   . SER A 1 122 ? -4.668  10.196  6.584   1.00 25.66 ? 119 SER A C   1 
ATOM   959  O  O   . SER A 1 122 ? -4.413  10.790  7.629   1.00 23.19 ? 119 SER A O   1 
ATOM   960  C  CB  . SER A 1 122 ? -6.613  8.669   6.784   1.00 24.81 ? 119 SER A CB  1 
ATOM   961  O  OG  . SER A 1 122 ? -8.019  8.511   6.596   1.00 28.96 ? 119 SER A OG  1 
ATOM   962  N  N   . GLN A 1 123 ? -3.734  9.656   5.796   1.00 25.47 ? 120 GLN A N   1 
ATOM   963  C  CA  . GLN A 1 123 ? -2.305  9.618   6.182   1.00 26.93 ? 120 GLN A CA  1 
ATOM   964  C  C   . GLN A 1 123 ? -1.367  10.406  5.245   1.00 27.62 ? 120 GLN A C   1 
ATOM   965  O  O   . GLN A 1 123 ? -0.214  10.698  5.591   1.00 25.36 ? 120 GLN A O   1 
ATOM   966  C  CB  . GLN A 1 123 ? -1.824  8.157   6.316   1.00 27.70 ? 120 GLN A CB  1 
ATOM   967  C  CG  . GLN A 1 123 ? -2.582  7.296   7.382   1.00 29.44 ? 120 GLN A CG  1 
ATOM   968  C  CD  . GLN A 1 123 ? -2.512  7.874   8.784   1.00 30.16 ? 120 GLN A CD  1 
ATOM   969  O  OE1 . GLN A 1 123 ? -1.607  8.636   9.110   1.00 30.79 ? 120 GLN A OE1 1 
ATOM   970  N  NE2 . GLN A 1 123 ? -3.501  7.566   9.601   1.00 32.68 ? 120 GLN A NE2 1 
ATOM   971  N  N   . PHE A 1 124 ? -1.841  10.756  4.055   1.00 27.06 ? 121 PHE A N   1 
ATOM   972  C  CA  . PHE A 1 124 ? -0.931  11.387  3.096   1.00 27.65 ? 121 PHE A CA  1 
ATOM   973  C  C   . PHE A 1 124 ? -1.612  12.486  2.320   1.00 28.54 ? 121 PHE A C   1 
ATOM   974  O  O   . PHE A 1 124 ? -1.278  12.729  1.172   1.00 27.66 ? 121 PHE A O   1 
ATOM   975  C  CB  . PHE A 1 124 ? -0.337  10.318  2.162   1.00 27.70 ? 121 PHE A CB  1 
ATOM   976  C  CG  . PHE A 1 124 ? 0.541   9.326   2.887   1.00 27.93 ? 121 PHE A CG  1 
ATOM   977  C  CD1 . PHE A 1 124 ? 1.860   9.659   3.193   1.00 29.62 ? 121 PHE A CD1 1 
ATOM   978  C  CD2 . PHE A 1 124 ? 0.041   8.093   3.301   1.00 28.44 ? 121 PHE A CD2 1 
ATOM   979  C  CE1 . PHE A 1 124 ? 2.694   8.760   3.880   1.00 30.04 ? 121 PHE A CE1 1 
ATOM   980  C  CE2 . PHE A 1 124 ? 0.851   7.185   4.013   1.00 28.91 ? 121 PHE A CE2 1 
ATOM   981  C  CZ  . PHE A 1 124 ? 2.185   7.523   4.304   1.00 29.45 ? 121 PHE A CZ  1 
ATOM   982  N  N   . SER A 1 125 ? -2.560  13.160  2.962   1.00 28.86 ? 122 SER A N   1 
ATOM   983  C  CA  . SER A 1 125 ? -3.326  14.211  2.309   1.00 31.61 ? 122 SER A CA  1 
ATOM   984  C  C   . SER A 1 125 ? -2.461  15.383  1.812   1.00 32.87 ? 122 SER A C   1 
ATOM   985  O  O   . SER A 1 125 ? -2.849  16.108  0.896   1.00 33.51 ? 122 SER A O   1 
ATOM   986  C  CB  . SER A 1 125 ? -4.411  14.722  3.260   1.00 32.95 ? 122 SER A CB  1 
ATOM   987  O  OG  . SER A 1 125 ? -3.808  15.479  4.295   1.00 35.83 ? 122 SER A OG  1 
ATOM   988  N  N   . ASP A 1 126 ? -1.315  15.552  2.456   1.00 34.37 ? 123 ASP A N   1 
ATOM   989  C  CA  . ASP A 1 126 ? -0.291  16.571  2.194   1.00 37.24 ? 123 ASP A CA  1 
ATOM   990  C  C   . ASP A 1 126 ? 0.732   16.129  1.124   1.00 36.80 ? 123 ASP A C   1 
ATOM   991  O  O   . ASP A 1 126 ? 1.601   16.896  0.710   1.00 37.01 ? 123 ASP A O   1 
ATOM   992  C  CB  . ASP A 1 126 ? 0.469   16.727  3.506   1.00 40.10 ? 123 ASP A CB  1 
ATOM   993  C  CG  . ASP A 1 126 ? 0.650   15.369  4.217   1.00 42.74 ? 123 ASP A CG  1 
ATOM   994  O  OD1 . ASP A 1 126 ? 0.947   14.346  3.535   1.00 43.65 ? 123 ASP A OD1 1 
ATOM   995  O  OD2 . ASP A 1 126 ? 0.466   15.314  5.446   1.00 45.01 ? 123 ASP A OD2 1 
ATOM   996  N  N   . THR A 1 127 ? 0.653   14.874  0.712   1.00 35.73 ? 124 THR A N   1 
ATOM   997  C  CA  . THR A 1 127 ? 1.571   14.323  -0.270  1.00 34.96 ? 124 THR A CA  1 
ATOM   998  C  C   . THR A 1 127 ? 1.047   14.586  -1.693  1.00 34.27 ? 124 THR A C   1 
ATOM   999  O  O   . THR A 1 127 ? -0.164  14.681  -1.904  1.00 34.80 ? 124 THR A O   1 
ATOM   1000 C  CB  . THR A 1 127 ? 1.754   12.820  0.041   1.00 34.79 ? 124 THR A CB  1 
ATOM   1001 O  OG1 . THR A 1 127 ? 2.387   12.699  1.315   1.00 34.88 ? 124 THR A OG1 1 
ATOM   1002 C  CG2 . THR A 1 127 ? 2.583   12.105  -1.012  1.00 35.22 ? 124 THR A CG2 1 
ATOM   1003 N  N   . LYS A 1 128 ? 1.943   14.728  -2.661  1.00 32.70 ? 125 LYS A N   1 
ATOM   1004 C  CA  . LYS A 1 128 ? 1.518   15.013  -4.041  1.00 32.47 ? 125 LYS A CA  1 
ATOM   1005 C  C   . LYS A 1 128 ? 1.203   13.768  -4.860  1.00 30.22 ? 125 LYS A C   1 
ATOM   1006 O  O   . LYS A 1 128 ? 0.248   13.735  -5.614  1.00 30.43 ? 125 LYS A O   1 
ATOM   1007 C  CB  . LYS A 1 128 ? 2.579   15.850  -4.769  1.00 33.93 ? 125 LYS A CB  1 
ATOM   1008 C  CG  . LYS A 1 128 ? 2.328   17.347  -4.741  1.00 37.61 ? 125 LYS A CG  1 
ATOM   1009 C  CD  . LYS A 1 128 ? 2.260   17.900  -3.316  1.00 39.04 ? 125 LYS A CD  1 
ATOM   1010 C  CE  . LYS A 1 128 ? 1.125   18.911  -3.179  1.00 40.44 ? 125 LYS A CE  1 
ATOM   1011 N  NZ  . LYS A 1 128 ? -0.207  18.216  -3.242  1.00 41.43 ? 125 LYS A NZ  1 
ATOM   1012 N  N   . ILE A 1 129 ? 2.016   12.736  -4.695  1.00 29.51 ? 126 ILE A N   1 
ATOM   1013 C  CA  . ILE A 1 129 ? 2.067   11.605  -5.628  1.00 29.17 ? 126 ILE A CA  1 
ATOM   1014 C  C   . ILE A 1 129 ? 2.200   10.328  -4.823  1.00 27.55 ? 126 ILE A C   1 
ATOM   1015 O  O   . ILE A 1 129 ? 3.002   10.286  -3.891  1.00 27.03 ? 126 ILE A O   1 
ATOM   1016 C  CB  . ILE A 1 129 ? 3.322   11.756  -6.570  1.00 29.92 ? 126 ILE A CB  1 
ATOM   1017 C  CG1 . ILE A 1 129 ? 3.275   13.090  -7.329  1.00 30.75 ? 126 ILE A CG1 1 
ATOM   1018 C  CG2 . ILE A 1 129 ? 3.493   10.538  -7.525  1.00 28.75 ? 126 ILE A CG2 1 
ATOM   1019 C  CD1 . ILE A 1 129 ? 2.123   13.184  -8.317  1.00 31.45 ? 126 ILE A CD1 1 
ATOM   1020 N  N   . VAL A 1 130 ? 1.380   9.321   -5.152  1.00 25.97 ? 127 VAL A N   1 
ATOM   1021 C  CA  . VAL A 1 130 ? 1.534   7.964   -4.619  1.00 25.79 ? 127 VAL A CA  1 
ATOM   1022 C  C   . VAL A 1 130 ? 1.953   7.039   -5.758  1.00 25.41 ? 127 VAL A C   1 
ATOM   1023 O  O   . VAL A 1 130 ? 1.418   7.120   -6.863  1.00 25.71 ? 127 VAL A O   1 
ATOM   1024 C  CB  . VAL A 1 130 ? 0.219   7.384   -3.960  1.00 25.63 ? 127 VAL A CB  1 
ATOM   1025 C  CG1 . VAL A 1 130 ? 0.459   5.942   -3.438  1.00 25.89 ? 127 VAL A CG1 1 
ATOM   1026 C  CG2 . VAL A 1 130 ? -0.261  8.291   -2.834  1.00 26.06 ? 127 VAL A CG2 1 
ATOM   1027 N  N   . LEU A 1 131 ? 2.907   6.159   -5.476  1.00 26.02 ? 128 LEU A N   1 
ATOM   1028 C  CA  . LEU A 1 131 ? 3.343   5.164   -6.446  1.00 26.30 ? 128 LEU A CA  1 
ATOM   1029 C  C   . LEU A 1 131 ? 3.029   3.785   -5.920  1.00 26.35 ? 128 LEU A C   1 
ATOM   1030 O  O   . LEU A 1 131 ? 3.209   3.514   -4.731  1.00 27.42 ? 128 LEU A O   1 
ATOM   1031 C  CB  . LEU A 1 131 ? 4.844   5.280   -6.709  1.00 25.91 ? 128 LEU A CB  1 
ATOM   1032 C  CG  . LEU A 1 131 ? 5.338   6.642   -7.203  1.00 25.82 ? 128 LEU A CG  1 
ATOM   1033 C  CD1 . LEU A 1 131 ? 6.861   6.689   -7.134  1.00 27.07 ? 128 LEU A CD1 1 
ATOM   1034 C  CD2 . LEU A 1 131 ? 4.832   6.930   -8.618  1.00 27.03 ? 128 LEU A CD2 1 
ATOM   1035 N  N   . ILE A 1 132 ? 2.561   2.920   -6.823  1.00 25.97 ? 129 ILE A N   1 
ATOM   1036 C  CA  . ILE A 1 132 ? 2.362   1.496   -6.541  1.00 24.68 ? 129 ILE A CA  1 
ATOM   1037 C  C   . ILE A 1 132 ? 2.912   0.635   -7.676  1.00 26.76 ? 129 ILE A C   1 
ATOM   1038 O  O   . ILE A 1 132 ? 2.882   1.044   -8.847  1.00 26.49 ? 129 ILE A O   1 
ATOM   1039 C  CB  . ILE A 1 132 ? 0.877   1.184   -6.207  1.00 24.14 ? 129 ILE A CB  1 
ATOM   1040 C  CG1 . ILE A 1 132 ? 0.766   -0.117  -5.421  1.00 24.29 ? 129 ILE A CG1 1 
ATOM   1041 C  CG2 . ILE A 1 132 ? -0.016  1.225   -7.446  1.00 23.08 ? 129 ILE A CG2 1 
ATOM   1042 C  CD1 . ILE A 1 132 ? -0.509  -0.157  -4.474  1.00 28.07 ? 129 ILE A CD1 1 
ATOM   1043 N  N   . ASN A 1 133 ? 3.418   -0.551  -7.328  1.00 25.48 ? 130 ASN A N   1 
ATOM   1044 C  CA  . ASN A 1 133 ? 4.278   -1.300  -8.261  1.00 28.14 ? 130 ASN A CA  1 
ATOM   1045 C  C   . ASN A 1 133 ? 3.916   -2.784  -8.419  1.00 26.96 ? 130 ASN A C   1 
ATOM   1046 O  O   . ASN A 1 133 ? 4.719   -3.637  -8.067  1.00 28.15 ? 130 ASN A O   1 
ATOM   1047 C  CB  . ASN A 1 133 ? 5.732   -1.177  -7.794  1.00 28.53 ? 130 ASN A CB  1 
ATOM   1048 C  CG  . ASN A 1 133 ? 6.256   0.249   -7.911  1.00 31.24 ? 130 ASN A CG  1 
ATOM   1049 O  OD1 . ASN A 1 133 ? 6.554   0.712   -9.003  1.00 30.44 ? 130 ASN A OD1 1 
ATOM   1050 N  ND2 . ASN A 1 133 ? 6.343   0.954   -6.782  1.00 30.94 ? 130 ASN A ND2 1 
ATOM   1051 N  N   . PRO A 1 134 ? 2.705   -3.103  -8.932  1.00 26.23 ? 131 PRO A N   1 
ATOM   1052 C  CA  . PRO A 1 134 ? 2.361   -4.530  -8.960  1.00 26.14 ? 131 PRO A CA  1 
ATOM   1053 C  C   . PRO A 1 134 ? 3.029   -5.296  -10.088 1.00 25.66 ? 131 PRO A C   1 
ATOM   1054 O  O   . PRO A 1 134 ? 3.428   -4.702  -11.102 1.00 25.77 ? 131 PRO A O   1 
ATOM   1055 C  CB  . PRO A 1 134 ? 0.847   -4.510  -9.177  1.00 25.87 ? 131 PRO A CB  1 
ATOM   1056 C  CG  . PRO A 1 134 ? 0.663   -3.296  -10.068 1.00 25.65 ? 131 PRO A CG  1 
ATOM   1057 C  CD  . PRO A 1 134 ? 1.579   -2.275  -9.415  1.00 25.19 ? 131 PRO A CD  1 
ATOM   1058 N  N   . GLU A 1 135 ? 3.188   -6.604  -9.874  1.00 26.46 ? 132 GLU A N   1 
ATOM   1059 C  CA  . GLU A 1 135 ? 3.594   -7.547  -10.920 1.00 27.74 ? 132 GLU A CA  1 
ATOM   1060 C  C   . GLU A 1 135 ? 2.531   -7.529  -12.026 1.00 27.75 ? 132 GLU A C   1 
ATOM   1061 O  O   . GLU A 1 135 ? 1.335   -7.571  -11.733 1.00 29.31 ? 132 GLU A O   1 
ATOM   1062 C  CB  . GLU A 1 135 ? 3.672   -8.941  -10.294 1.00 28.59 ? 132 GLU A CB  1 
ATOM   1063 C  CG  . GLU A 1 135 ? 4.191   -10.009 -11.215 1.00 28.26 ? 132 GLU A CG  1 
ATOM   1064 C  CD  . GLU A 1 135 ? 4.341   -11.346 -10.520 1.00 28.77 ? 132 GLU A CD  1 
ATOM   1065 O  OE1 . GLU A 1 135 ? 4.216   -11.427 -9.287  1.00 28.59 ? 132 GLU A OE1 1 
ATOM   1066 O  OE2 . GLU A 1 135 ? 4.626   -12.325 -11.226 1.00 28.70 ? 132 GLU A OE2 1 
ATOM   1067 N  N   . ILE A 1 136 ? 2.949   -7.462  -13.281 1.00 27.95 ? 133 ILE A N   1 
ATOM   1068 C  CA  . ILE A 1 136 ? 1.996   -7.299  -14.372 1.00 27.50 ? 133 ILE A CA  1 
ATOM   1069 C  C   . ILE A 1 136 ? 1.001   -8.482  -14.386 1.00 28.12 ? 133 ILE A C   1 
ATOM   1070 O  O   . ILE A 1 136 ? -0.209  -8.290  -14.620 1.00 26.19 ? 133 ILE A O   1 
ATOM   1071 C  CB  . ILE A 1 136 ? 2.698   -7.057  -15.764 1.00 27.46 ? 133 ILE A CB  1 
ATOM   1072 C  CG1 . ILE A 1 136 ? 3.482   -5.736  -15.767 1.00 26.87 ? 133 ILE A CG1 1 
ATOM   1073 C  CG2 . ILE A 1 136 ? 1.681   -7.084  -16.912 1.00 27.54 ? 133 ILE A CG2 1 
ATOM   1074 C  CD1 . ILE A 1 136 ? 4.088   -5.370  -17.115 1.00 26.93 ? 133 ILE A CD1 1 
ATOM   1075 N  N   . SER A 1 137 ? 1.513   -9.677  -14.073 1.00 28.82 ? 134 SER A N   1 
ATOM   1076 C  CA  A SER A 1 137 ? 0.720   -10.910 -13.985 0.50 28.81 ? 134 SER A CA  1 
ATOM   1077 C  CA  B SER A 1 137 ? 0.673   -10.876 -14.039 0.50 29.18 ? 134 SER A CA  1 
ATOM   1078 C  C   . SER A 1 137 ? -0.363  -10.891 -12.911 1.00 29.49 ? 134 SER A C   1 
ATOM   1079 O  O   . SER A 1 137 ? -1.291  -11.696 -12.957 1.00 28.46 ? 134 SER A O   1 
ATOM   1080 C  CB  A SER A 1 137 ? 1.628   -12.116 -13.722 0.50 28.52 ? 134 SER A CB  1 
ATOM   1081 C  CB  B SER A 1 137 ? 1.529   -12.138 -13.968 0.50 29.44 ? 134 SER A CB  1 
ATOM   1082 O  OG  A SER A 1 137 ? 2.251   -12.576 -14.909 0.50 27.90 ? 134 SER A OG  1 
ATOM   1083 O  OG  B SER A 1 137 ? 2.135   -12.244 -12.699 0.50 29.98 ? 134 SER A OG  1 
ATOM   1084 N  N   . ASN A 1 138 ? -0.217  -10.000 -11.919 1.00 28.79 ? 135 ASN A N   1 
ATOM   1085 C  CA  . ASN A 1 138 ? -1.192  -9.834  -10.848 1.00 29.05 ? 135 ASN A CA  1 
ATOM   1086 C  C   . ASN A 1 138 ? -2.336  -8.979  -11.401 1.00 28.72 ? 135 ASN A C   1 
ATOM   1087 O  O   . ASN A 1 138 ? -2.458  -7.802  -11.078 1.00 26.01 ? 135 ASN A O   1 
ATOM   1088 C  CB  . ASN A 1 138 ? -0.517  -9.191  -9.607  1.00 28.97 ? 135 ASN A CB  1 
ATOM   1089 C  CG  . ASN A 1 138 ? -1.407  -9.164  -8.372  1.00 30.47 ? 135 ASN A CG  1 
ATOM   1090 O  OD1 . ASN A 1 138 ? -2.596  -9.480  -8.424  1.00 30.47 ? 135 ASN A OD1 1 
ATOM   1091 N  ND2 . ASN A 1 138 ? -0.821  -8.777  -7.251  1.00 30.44 ? 135 ASN A ND2 1 
ATOM   1092 N  N   . GLU A 1 139 ? -3.136  -9.575  -12.291 1.00 29.15 ? 136 GLU A N   1 
ATOM   1093 C  CA  . GLU A 1 139 ? -4.170  -8.854  -13.025 1.00 29.25 ? 136 GLU A CA  1 
ATOM   1094 C  C   . GLU A 1 139 ? -5.236  -8.191  -12.148 1.00 30.27 ? 136 GLU A C   1 
ATOM   1095 O  O   . GLU A 1 139 ? -5.703  -7.087  -12.452 1.00 30.79 ? 136 GLU A O   1 
ATOM   1096 C  CB  . GLU A 1 139 ? -4.802  -9.780  -14.091 1.00 32.30 ? 136 GLU A CB  1 
ATOM   1097 C  CG  . GLU A 1 139 ? -3.738  -10.421 -15.014 1.00 34.50 ? 136 GLU A CG  1 
ATOM   1098 C  CD  . GLU A 1 139 ? -4.300  -11.257 -16.164 1.00 37.26 ? 136 GLU A CD  1 
ATOM   1099 O  OE1 . GLU A 1 139 ? -5.529  -11.281 -16.398 1.00 37.71 ? 136 GLU A OE1 1 
ATOM   1100 O  OE2 . GLU A 1 139 ? -3.482  -11.904 -16.851 1.00 39.90 ? 136 GLU A OE2 1 
ATOM   1101 N  N   . ARG A 1 140 ? -5.619  -8.834  -11.048 1.00 30.39 ? 137 ARG A N   1 
ATOM   1102 C  CA  . ARG A 1 140 ? -6.616  -8.237  -10.151 1.00 30.27 ? 137 ARG A CA  1 
ATOM   1103 C  C   . ARG A 1 140 ? -6.132  -6.959  -9.465  1.00 30.38 ? 137 ARG A C   1 
ATOM   1104 O  O   . ARG A 1 140 ? -6.892  -5.985  -9.337  1.00 28.51 ? 137 ARG A O   1 
ATOM   1105 C  CB  . ARG A 1 140 ? -7.041  -9.231  -9.083  1.00 32.06 ? 137 ARG A CB  1 
ATOM   1106 C  CG  . ARG A 1 140 ? -8.362  -8.874  -8.421  1.00 33.90 ? 137 ARG A CG  1 
ATOM   1107 C  CD  . ARG A 1 140 ? -8.732  -9.942  -7.405  1.00 34.51 ? 137 ARG A CD  1 
ATOM   1108 N  NE  . ARG A 1 140 ? -10.090 -9.776  -6.866  1.00 35.04 ? 137 ARG A NE  1 
ATOM   1109 C  CZ  . ARG A 1 140 ? -10.376 -9.005  -5.819  1.00 35.26 ? 137 ARG A CZ  1 
ATOM   1110 N  NH1 . ARG A 1 140 ? -11.636 -8.915  -5.378  1.00 32.07 ? 137 ARG A NH1 1 
ATOM   1111 N  NH2 . ARG A 1 140 ? -9.386  -8.332  -5.211  1.00 34.03 ? 137 ARG A NH2 1 
ATOM   1112 N  N   . ALA A 1 141 ? -4.892  -6.986  -8.974  1.00 28.77 ? 138 ALA A N   1 
ATOM   1113 C  CA  . ALA A 1 141 ? -4.288  -5.797  -8.356  1.00 28.28 ? 138 ALA A CA  1 
ATOM   1114 C  C   . ALA A 1 141 ? -4.218  -4.629  -9.349  1.00 27.51 ? 138 ALA A C   1 
ATOM   1115 O  O   . ALA A 1 141 ? -4.629  -3.508  -9.034  1.00 26.79 ? 138 ALA A O   1 
ATOM   1116 C  CB  . ALA A 1 141 ? -2.895  -6.139  -7.814  1.00 29.06 ? 138 ALA A CB  1 
ATOM   1117 N  N   . VAL A 1 142 ? -3.742  -4.912  -10.572 1.00 26.36 ? 139 VAL A N   1 
ATOM   1118 C  CA  . VAL A 1 142 ? -3.617  -3.884  -11.602 1.00 25.65 ? 139 VAL A CA  1 
ATOM   1119 C  C   . VAL A 1 142 ? -4.994  -3.251  -11.823 1.00 26.57 ? 139 VAL A C   1 
ATOM   1120 O  O   . VAL A 1 142 ? -5.131  -2.022  -11.941 1.00 25.70 ? 139 VAL A O   1 
ATOM   1121 C  CB  . VAL A 1 142 ? -3.088  -4.506  -12.950 1.00 25.25 ? 139 VAL A CB  1 
ATOM   1122 C  CG1 . VAL A 1 142 ? -3.298  -3.580  -14.144 1.00 24.89 ? 139 VAL A CG1 1 
ATOM   1123 C  CG2 . VAL A 1 142 ? -1.619  -4.943  -12.827 1.00 23.24 ? 139 VAL A CG2 1 
ATOM   1124 N  N   . HIS A 1 143 ? -6.007  -4.112  -11.908 1.00 27.78 ? 140 HIS A N   1 
ATOM   1125 C  CA  . HIS A 1 143 ? -7.383  -3.678  -12.134 1.00 28.03 ? 140 HIS A CA  1 
ATOM   1126 C  C   . HIS A 1 143 ? -7.925  -2.798  -10.988 1.00 26.56 ? 140 HIS A C   1 
ATOM   1127 O  O   . HIS A 1 143 ? -8.485  -1.713  -11.208 1.00 24.53 ? 140 HIS A O   1 
ATOM   1128 C  CB  . HIS A 1 143 ? -8.292  -4.895  -12.336 1.00 28.56 ? 140 HIS A CB  1 
ATOM   1129 C  CG  . HIS A 1 143 ? -9.722  -4.525  -12.551 1.00 31.39 ? 140 HIS A CG  1 
ATOM   1130 N  ND1 . HIS A 1 143 ? -10.219 -4.184  -13.790 1.00 31.47 ? 140 HIS A ND1 1 
ATOM   1131 C  CD2 . HIS A 1 143 ? -10.748 -4.381  -11.680 1.00 31.62 ? 140 HIS A CD2 1 
ATOM   1132 C  CE1 . HIS A 1 143 ? -11.500 -3.884  -13.679 1.00 32.20 ? 140 HIS A CE1 1 
ATOM   1133 N  NE2 . HIS A 1 143 ? -11.844 -3.992  -12.411 1.00 32.93 ? 140 HIS A NE2 1 
ATOM   1134 N  N   . VAL A 1 144 ? -7.771  -3.279  -9.767  1.00 25.40 ? 141 VAL A N   1 
ATOM   1135 C  CA  . VAL A 1 144 ? -8.142  -2.460  -8.591  1.00 26.81 ? 141 VAL A CA  1 
ATOM   1136 C  C   . VAL A 1 144 ? -7.393  -1.128  -8.568  1.00 25.67 ? 141 VAL A C   1 
ATOM   1137 O  O   . VAL A 1 144 ? -7.987  -0.083  -8.342  1.00 26.04 ? 141 VAL A O   1 
ATOM   1138 C  CB  . VAL A 1 144 ? -7.883  -3.243  -7.288  1.00 27.32 ? 141 VAL A CB  1 
ATOM   1139 C  CG1 . VAL A 1 144 ? -7.934  -2.336  -6.084  1.00 28.65 ? 141 VAL A CG1 1 
ATOM   1140 C  CG2 . VAL A 1 144 ? -8.846  -4.450  -7.186  1.00 25.94 ? 141 VAL A CG2 1 
ATOM   1141 N  N   . TYR A 1 145 ? -6.088  -1.133  -8.805  1.00 26.31 ? 142 TYR A N   1 
ATOM   1142 C  CA  . TYR A 1 145 ? -5.366  0.149   -8.709  1.00 26.44 ? 142 TYR A CA  1 
ATOM   1143 C  C   . TYR A 1 145 ? -5.840  1.089   -9.804  1.00 26.74 ? 142 TYR A C   1 
ATOM   1144 O  O   . TYR A 1 145 ? -6.009  2.281   -9.565  1.00 27.68 ? 142 TYR A O   1 
ATOM   1145 C  CB  . TYR A 1 145 ? -3.842  -0.038  -8.771  1.00 27.29 ? 142 TYR A CB  1 
ATOM   1146 C  CG  . TYR A 1 145 ? -3.327  -0.979  -7.711  1.00 28.56 ? 142 TYR A CG  1 
ATOM   1147 C  CD1 . TYR A 1 145 ? -4.045  -1.184  -6.531  1.00 27.98 ? 142 TYR A CD1 1 
ATOM   1148 C  CD2 . TYR A 1 145 ? -2.141  -1.669  -7.889  1.00 28.59 ? 142 TYR A CD2 1 
ATOM   1149 C  CE1 . TYR A 1 145 ? -3.595  -2.043  -5.557  1.00 28.48 ? 142 TYR A CE1 1 
ATOM   1150 C  CE2 . TYR A 1 145 ? -1.671  -2.534  -6.902  1.00 29.79 ? 142 TYR A CE2 1 
ATOM   1151 C  CZ  . TYR A 1 145 ? -2.410  -2.714  -5.753  1.00 29.72 ? 142 TYR A CZ  1 
ATOM   1152 O  OH  . TYR A 1 145 ? -1.976  -3.554  -4.778  1.00 31.54 ? 142 TYR A OH  1 
ATOM   1153 N  N   . LYS A 1 146 ? -6.075  0.564   -11.014 1.00 27.51 ? 143 LYS A N   1 
ATOM   1154 C  CA  . LYS A 1 146 ? -6.640  1.408   -12.071 1.00 26.92 ? 143 LYS A CA  1 
ATOM   1155 C  C   . LYS A 1 146 ? -7.998  1.996   -11.646 1.00 26.98 ? 143 LYS A C   1 
ATOM   1156 O  O   . LYS A 1 146 ? -8.274  3.173   -11.909 1.00 26.79 ? 143 LYS A O   1 
ATOM   1157 C  CB  . LYS A 1 146 ? -6.790  0.660   -13.411 1.00 29.64 ? 143 LYS A CB  1 
ATOM   1158 C  CG  . LYS A 1 146 ? -5.476  0.496   -14.184 1.00 31.68 ? 143 LYS A CG  1 
ATOM   1159 C  CD  . LYS A 1 146 ? -5.711  0.217   -15.663 1.00 35.37 ? 143 LYS A CD  1 
ATOM   1160 C  CE  . LYS A 1 146 ? -5.736  -1.252  -15.925 1.00 37.16 ? 143 LYS A CE  1 
ATOM   1161 N  NZ  . LYS A 1 146 ? -5.769  -1.483  -17.387 1.00 38.83 ? 143 LYS A NZ  1 
ATOM   1162 N  N   . LYS A 1 147 ? -8.844  1.172   -11.032 1.00 26.78 ? 144 LYS A N   1 
ATOM   1163 C  CA  . LYS A 1 147 ? -10.143 1.613   -10.496 1.00 28.48 ? 144 LYS A CA  1 
ATOM   1164 C  C   . LYS A 1 147 ? -9.989  2.750   -9.484  1.00 27.25 ? 144 LYS A C   1 
ATOM   1165 O  O   . LYS A 1 147 ? -10.834 3.625   -9.420  1.00 25.76 ? 144 LYS A O   1 
ATOM   1166 C  CB  . LYS A 1 147 ? -10.855 0.456   -9.784  1.00 31.28 ? 144 LYS A CB  1 
ATOM   1167 C  CG  . LYS A 1 147 ? -12.121 -0.050  -10.430 1.00 35.48 ? 144 LYS A CG  1 
ATOM   1168 C  CD  . LYS A 1 147 ? -12.795 -1.150  -9.571  1.00 36.99 ? 144 LYS A CD  1 
ATOM   1169 C  CE  . LYS A 1 147 ? -14.028 -0.674  -8.784  1.00 38.92 ? 144 LYS A CE  1 
ATOM   1170 N  NZ  . LYS A 1 147 ? -15.204 -0.357  -9.673  1.00 39.79 ? 144 LYS A NZ  1 
ATOM   1171 N  N   . ALA A 1 148 ? -8.913  2.692   -8.693  1.00 26.12 ? 145 ALA A N   1 
ATOM   1172 C  CA  . ALA A 1 148 ? -8.604  3.686   -7.677  1.00 26.76 ? 145 ALA A CA  1 
ATOM   1173 C  C   . ALA A 1 148 ? -8.053  4.963   -8.289  1.00 27.48 ? 145 ALA A C   1 
ATOM   1174 O  O   . ALA A 1 148 ? -7.953  5.982   -7.609  1.00 28.31 ? 145 ALA A O   1 
ATOM   1175 C  CB  . ALA A 1 148 ? -7.622  3.106   -6.623  1.00 27.55 ? 145 ALA A CB  1 
ATOM   1176 N  N   . GLY A 1 149 ? -7.744  4.936   -9.580  1.00 26.92 ? 146 GLY A N   1 
ATOM   1177 C  CA  . GLY A 1 149 ? -7.226  6.139   -10.235 1.00 28.17 ? 146 GLY A CA  1 
ATOM   1178 C  C   . GLY A 1 149 ? -5.741  6.125   -10.535 1.00 28.75 ? 146 GLY A C   1 
ATOM   1179 O  O   . GLY A 1 149 ? -5.218  7.110   -11.068 1.00 29.05 ? 146 GLY A O   1 
ATOM   1180 N  N   . PHE A 1 150 ? -5.049  5.030   -10.197 1.00 28.49 ? 147 PHE A N   1 
ATOM   1181 C  CA  . PHE A 1 150 ? -3.626  4.895   -10.561 1.00 28.11 ? 147 PHE A CA  1 
ATOM   1182 C  C   . PHE A 1 150 ? -3.463  4.712   -12.071 1.00 29.26 ? 147 PHE A C   1 
ATOM   1183 O  O   . PHE A 1 150 ? -4.237  3.994   -12.705 1.00 27.60 ? 147 PHE A O   1 
ATOM   1184 C  CB  . PHE A 1 150 ? -2.964  3.706   -9.856  1.00 27.54 ? 147 PHE A CB  1 
ATOM   1185 C  CG  . PHE A 1 150 ? -2.622  3.952   -8.400  1.00 28.41 ? 147 PHE A CG  1 
ATOM   1186 C  CD1 . PHE A 1 150 ? -1.363  4.426   -8.036  1.00 27.87 ? 147 PHE A CD1 1 
ATOM   1187 C  CD2 . PHE A 1 150 ? -3.553  3.661   -7.398  1.00 29.13 ? 147 PHE A CD2 1 
ATOM   1188 C  CE1 . PHE A 1 150 ? -1.019  4.643   -6.715  1.00 28.68 ? 147 PHE A CE1 1 
ATOM   1189 C  CE2 . PHE A 1 150 ? -3.242  3.870   -6.042  1.00 29.88 ? 147 PHE A CE2 1 
ATOM   1190 C  CZ  . PHE A 1 150 ? -1.961  4.363   -5.690  1.00 30.54 ? 147 PHE A CZ  1 
ATOM   1191 N  N   . GLU A 1 151 ? -2.440  5.335   -12.641 1.00 29.22 ? 148 GLU A N   1 
ATOM   1192 C  CA  . GLU A 1 151 ? -2.163  5.184   -14.065 1.00 30.72 ? 148 GLU A CA  1 
ATOM   1193 C  C   . GLU A 1 151 ? -0.791  4.541   -14.293 1.00 29.44 ? 148 GLU A C   1 
ATOM   1194 O  O   . GLU A 1 151 ? 0.157   4.866   -13.593 1.00 29.44 ? 148 GLU A O   1 
ATOM   1195 C  CB  . GLU A 1 151 ? -2.232  6.553   -14.760 1.00 34.67 ? 148 GLU A CB  1 
ATOM   1196 C  CG  . GLU A 1 151 ? -3.668  7.048   -14.946 1.00 37.95 ? 148 GLU A CG  1 
ATOM   1197 C  CD  . GLU A 1 151 ? -3.758  8.345   -15.742 1.00 41.27 ? 148 GLU A CD  1 
ATOM   1198 O  OE1 . GLU A 1 151 ? -2.848  9.211   -15.621 1.00 42.92 ? 148 GLU A OE1 1 
ATOM   1199 O  OE2 . GLU A 1 151 ? -4.752  8.502   -16.489 1.00 42.60 ? 148 GLU A OE2 1 
ATOM   1200 N  N   . ILE A 1 152 ? -0.704  3.616   -15.247 1.00 28.48 ? 149 ILE A N   1 
ATOM   1201 C  CA  . ILE A 1 152 ? 0.569   2.954   -15.593 1.00 28.51 ? 149 ILE A CA  1 
ATOM   1202 C  C   . ILE A 1 152 ? 1.502   3.976   -16.202 1.00 28.33 ? 149 ILE A C   1 
ATOM   1203 O  O   . ILE A 1 152 ? 1.162   4.637   -17.191 1.00 25.65 ? 149 ILE A O   1 
ATOM   1204 C  CB  . ILE A 1 152 ? 0.355   1.762   -16.543 1.00 28.73 ? 149 ILE A CB  1 
ATOM   1205 C  CG1 . ILE A 1 152 ? -0.491  0.674   -15.864 1.00 28.68 ? 149 ILE A CG1 1 
ATOM   1206 C  CG2 . ILE A 1 152 ? 1.698   1.171   -17.023 1.00 30.32 ? 149 ILE A CG2 1 
ATOM   1207 C  CD1 . ILE A 1 152 ? -1.106  -0.361  -16.877 1.00 27.33 ? 149 ILE A CD1 1 
ATOM   1208 N  N   . ILE A 1 153 ? 2.659   4.170   -15.591 1.00 27.60 ? 150 ILE A N   1 
ATOM   1209 C  CA  . ILE A 1 153 ? 3.587   5.131   -16.180 1.00 29.15 ? 150 ILE A CA  1 
ATOM   1210 C  C   . ILE A 1 153 ? 4.851   4.471   -16.735 1.00 29.32 ? 150 ILE A C   1 
ATOM   1211 O  O   . ILE A 1 153 ? 5.683   5.136   -17.355 1.00 30.24 ? 150 ILE A O   1 
ATOM   1212 C  CB  . ILE A 1 153 ? 3.953   6.286   -15.214 1.00 29.99 ? 150 ILE A CB  1 
ATOM   1213 C  CG1 . ILE A 1 153 ? 4.531   5.755   -13.910 1.00 28.32 ? 150 ILE A CG1 1 
ATOM   1214 C  CG2 . ILE A 1 153 ? 2.715   7.193   -14.946 1.00 30.68 ? 150 ILE A CG2 1 
ATOM   1215 C  CD1 . ILE A 1 153 ? 5.433   6.749   -13.167 1.00 29.94 ? 150 ILE A CD1 1 
ATOM   1216 N  N   . GLY A 1 154 ? 4.988   3.170   -16.530 1.00 28.98 ? 151 GLY A N   1 
ATOM   1217 C  CA  . GLY A 1 154 ? 6.143   2.464   -17.074 1.00 28.63 ? 151 GLY A CA  1 
ATOM   1218 C  C   . GLY A 1 154 ? 6.145   1.020   -16.659 1.00 27.60 ? 151 GLY A C   1 
ATOM   1219 O  O   . GLY A 1 154 ? 5.259   0.575   -15.909 1.00 27.78 ? 151 GLY A O   1 
ATOM   1220 N  N   . GLU A 1 155 ? 7.100   0.267   -17.195 1.00 26.39 ? 152 GLU A N   1 
ATOM   1221 C  CA  . GLU A 1 155 ? 7.302   -1.117  -16.755 1.00 27.28 ? 152 GLU A CA  1 
ATOM   1222 C  C   . GLU A 1 155 ? 8.731   -1.288  -16.286 1.00 25.78 ? 152 GLU A C   1 
ATOM   1223 O  O   . GLU A 1 155 ? 9.610   -0.537  -16.682 1.00 22.88 ? 152 GLU A O   1 
ATOM   1224 C  CB  . GLU A 1 155 ? 7.072   -2.105  -17.899 1.00 29.74 ? 152 GLU A CB  1 
ATOM   1225 C  CG  . GLU A 1 155 ? 5.667   -2.135  -18.449 1.00 32.06 ? 152 GLU A CG  1 
ATOM   1226 C  CD  . GLU A 1 155 ? 5.497   -3.126  -19.599 1.00 33.83 ? 152 GLU A CD  1 
ATOM   1227 O  OE1 . GLU A 1 155 ? 6.350   -4.032  -19.794 1.00 32.60 ? 152 GLU A OE1 1 
ATOM   1228 O  OE2 . GLU A 1 155 ? 4.473   -2.991  -20.297 1.00 36.43 ? 152 GLU A OE2 1 
ATOM   1229 N  N   . PHE A 1 156 ? 8.960   -2.309  -15.476 1.00 25.75 ? 153 PHE A N   1 
ATOM   1230 C  CA  . PHE A 1 156 ? 10.305  -2.601  -15.006 1.00 26.00 ? 153 PHE A CA  1 
ATOM   1231 C  C   . PHE A 1 156 ? 10.405  -4.050  -14.566 1.00 25.76 ? 153 PHE A C   1 
ATOM   1232 O  O   . PHE A 1 156 ? 9.379   -4.755  -14.432 1.00 23.90 ? 153 PHE A O   1 
ATOM   1233 C  CB  . PHE A 1 156 ? 10.711  -1.648  -13.868 1.00 25.47 ? 153 PHE A CB  1 
ATOM   1234 C  CG  . PHE A 1 156 ? 9.955   -1.851  -12.582 1.00 26.96 ? 153 PHE A CG  1 
ATOM   1235 C  CD1 . PHE A 1 156 ? 10.485  -2.654  -11.560 1.00 25.99 ? 153 PHE A CD1 1 
ATOM   1236 C  CD2 . PHE A 1 156 ? 8.723   -1.237  -12.375 1.00 27.57 ? 153 PHE A CD2 1 
ATOM   1237 C  CE1 . PHE A 1 156 ? 9.808   -2.839  -10.349 1.00 27.56 ? 153 PHE A CE1 1 
ATOM   1238 C  CE2 . PHE A 1 156 ? 8.030   -1.423  -11.151 1.00 27.92 ? 153 PHE A CE2 1 
ATOM   1239 C  CZ  . PHE A 1 156 ? 8.574   -2.209  -10.141 1.00 27.73 ? 153 PHE A CZ  1 
ATOM   1240 N  N   . ILE A 1 157 ? 11.648  -4.478  -14.356 1.00 24.75 ? 154 ILE A N   1 
ATOM   1241 C  CA  . ILE A 1 157 ? 11.965  -5.817  -13.893 1.00 24.01 ? 154 ILE A CA  1 
ATOM   1242 C  C   . ILE A 1 157 ? 12.465  -5.628  -12.461 1.00 25.34 ? 154 ILE A C   1 
ATOM   1243 O  O   . ILE A 1 157 ? 13.490  -4.971  -12.233 1.00 24.98 ? 154 ILE A O   1 
ATOM   1244 C  CB  . ILE A 1 157 ? 13.048  -6.491  -14.781 1.00 24.51 ? 154 ILE A CB  1 
ATOM   1245 C  CG1 . ILE A 1 157 ? 12.607  -6.611  -16.265 1.00 26.56 ? 154 ILE A CG1 1 
ATOM   1246 C  CG2 . ILE A 1 157 ? 13.418  -7.865  -14.265 1.00 22.97 ? 154 ILE A CG2 1 
ATOM   1247 C  CD1 . ILE A 1 157 ? 11.361  -7.593  -16.512 1.00 26.68 ? 154 ILE A CD1 1 
ATOM   1248 N  N   . ALA A 1 158 ? 11.737  -6.195  -11.503 1.00 25.46 ? 155 ALA A N   1 
ATOM   1249 C  CA  . ALA A 1 158 ? 11.990  -5.916  -10.075 1.00 26.56 ? 155 ALA A CA  1 
ATOM   1250 C  C   . ALA A 1 158 ? 13.210  -6.676  -9.587  1.00 26.99 ? 155 ALA A C   1 
ATOM   1251 O  O   . ALA A 1 158 ? 13.335  -7.855  -9.892  1.00 25.48 ? 155 ALA A O   1 
ATOM   1252 C  CB  . ALA A 1 158 ? 10.771  -6.304  -9.246  1.00 27.65 ? 155 ALA A CB  1 
ATOM   1253 N  N   . SER A 1 159 ? 14.085  -6.017  -8.807  1.00 26.86 ? 156 SER A N   1 
ATOM   1254 C  CA  . SER A 1 159 ? 15.305  -6.659  -8.336  1.00 28.96 ? 156 SER A CA  1 
ATOM   1255 C  C   . SER A 1 159 ? 14.999  -7.882  -7.468  1.00 29.37 ? 156 SER A C   1 
ATOM   1256 O  O   . SER A 1 159 ? 15.724  -8.866  -7.524  1.00 28.96 ? 156 SER A O   1 
ATOM   1257 C  CB  . SER A 1 159 ? 16.226  -5.682  -7.588  1.00 30.00 ? 156 SER A CB  1 
ATOM   1258 O  OG  . SER A 1 159 ? 15.528  -5.064  -6.529  1.00 31.34 ? 156 SER A OG  1 
ATOM   1259 N  N   . TRP A 1 160 ? 13.900  -7.827  -6.723  1.00 30.64 ? 157 TRP A N   1 
ATOM   1260 C  CA  . TRP A 1 160 ? 13.577  -8.851  -5.728  1.00 33.80 ? 157 TRP A CA  1 
ATOM   1261 C  C   . TRP A 1 160 ? 12.804  -10.021 -6.359  1.00 34.02 ? 157 TRP A C   1 
ATOM   1262 O  O   . TRP A 1 160 ? 12.694  -11.097 -5.765  1.00 35.75 ? 157 TRP A O   1 
ATOM   1263 C  CB  . TRP A 1 160 ? 12.784  -8.217  -4.542  1.00 34.47 ? 157 TRP A CB  1 
ATOM   1264 C  CG  . TRP A 1 160 ? 11.428  -7.713  -4.941  1.00 35.13 ? 157 TRP A CG  1 
ATOM   1265 C  CD1 . TRP A 1 160 ? 10.254  -8.412  -4.900  1.00 34.96 ? 157 TRP A CD1 1 
ATOM   1266 C  CD2 . TRP A 1 160 ? 11.100  -6.415  -5.472  1.00 36.08 ? 157 TRP A CD2 1 
ATOM   1267 N  NE1 . TRP A 1 160 ? 9.227   -7.644  -5.382  1.00 36.04 ? 157 TRP A NE1 1 
ATOM   1268 C  CE2 . TRP A 1 160 ? 9.715   -6.413  -5.739  1.00 36.17 ? 157 TRP A CE2 1 
ATOM   1269 C  CE3 . TRP A 1 160 ? 11.844  -5.259  -5.748  1.00 36.88 ? 157 TRP A CE3 1 
ATOM   1270 C  CZ2 . TRP A 1 160 ? 9.045   -5.288  -6.250  1.00 37.25 ? 157 TRP A CZ2 1 
ATOM   1271 C  CZ3 . TRP A 1 160 ? 11.183  -4.141  -6.267  1.00 37.01 ? 157 TRP A CZ3 1 
ATOM   1272 C  CH2 . TRP A 1 160 ? 9.799   -4.167  -6.513  1.00 37.55 ? 157 TRP A CH2 1 
ATOM   1273 N  N   . HIS A 1 161 ? 12.269  -9.794  -7.559  1.00 32.02 ? 158 HIS A N   1 
ATOM   1274 C  CA  . HIS A 1 161 ? 11.409  -10.753 -8.249  1.00 30.60 ? 158 HIS A CA  1 
ATOM   1275 C  C   . HIS A 1 161 ? 11.444  -10.377 -9.734  1.00 29.71 ? 158 HIS A C   1 
ATOM   1276 O  O   . HIS A 1 161 ? 10.554  -9.646  -10.197 1.00 29.53 ? 158 HIS A O   1 
ATOM   1277 C  CB  . HIS A 1 161 ? 9.961   -10.703 -7.681  1.00 29.21 ? 158 HIS A CB  1 
ATOM   1278 C  CG  . HIS A 1 161 ? 9.019   -11.686 -8.318  1.00 29.62 ? 158 HIS A CG  1 
ATOM   1279 N  ND1 . HIS A 1 161 ? 9.449   -12.866 -8.891  1.00 30.70 ? 158 HIS A ND1 1 
ATOM   1280 C  CD2 . HIS A 1 161 ? 7.669   -11.671 -8.462  1.00 29.16 ? 158 HIS A CD2 1 
ATOM   1281 C  CE1 . HIS A 1 161 ? 8.407   -13.529 -9.372  1.00 31.10 ? 158 HIS A CE1 1 
ATOM   1282 N  NE2 . HIS A 1 161 ? 7.317   -12.821 -9.132  1.00 30.76 ? 158 HIS A NE2 1 
ATOM   1283 N  N   . PRO A 1 162 ? 12.501  -10.823 -10.464 1.00 27.95 ? 159 PRO A N   1 
ATOM   1284 C  CA  . PRO A 1 162 ? 12.812  -10.274 -11.798 1.00 27.12 ? 159 PRO A CA  1 
ATOM   1285 C  C   . PRO A 1 162 ? 11.875  -10.718 -12.932 1.00 26.56 ? 159 PRO A C   1 
ATOM   1286 O  O   . PRO A 1 162 ? 12.305  -11.371 -13.881 1.00 25.75 ? 159 PRO A O   1 
ATOM   1287 C  CB  . PRO A 1 162 ? 14.266  -10.732 -12.064 1.00 27.11 ? 159 PRO A CB  1 
ATOM   1288 C  CG  . PRO A 1 162 ? 14.502  -11.880 -11.143 1.00 27.93 ? 159 PRO A CG  1 
ATOM   1289 C  CD  . PRO A 1 162 ? 13.568  -11.726 -9.963  1.00 28.45 ? 159 PRO A CD  1 
ATOM   1290 N  N   . VAL A 1 163 ? 10.616  -10.337 -12.791 1.00 25.82 ? 160 VAL A N   1 
ATOM   1291 C  CA  . VAL A 1 163 ? 9.582   -10.513 -13.787 1.00 26.54 ? 160 VAL A CA  1 
ATOM   1292 C  C   . VAL A 1 163 ? 9.014   -9.112  -14.084 1.00 26.56 ? 160 VAL A C   1 
ATOM   1293 O  O   . VAL A 1 163 ? 9.291   -8.151  -13.348 1.00 26.76 ? 160 VAL A O   1 
ATOM   1294 C  CB  . VAL A 1 163 ? 8.458   -11.451 -13.251 1.00 26.91 ? 160 VAL A CB  1 
ATOM   1295 C  CG1 . VAL A 1 163 ? 9.046   -12.845 -12.949 1.00 28.38 ? 160 VAL A CG1 1 
ATOM   1296 C  CG2 . VAL A 1 163 ? 7.819   -10.875 -12.010 1.00 27.26 ? 160 VAL A CG2 1 
ATOM   1297 N  N   . PRO A 1 164 ? 8.226   -8.975  -15.165 1.00 26.25 ? 161 PRO A N   1 
ATOM   1298 C  CA  . PRO A 1 164 ? 7.692   -7.635  -15.422 1.00 25.65 ? 161 PRO A CA  1 
ATOM   1299 C  C   . PRO A 1 164 ? 6.715   -7.114  -14.369 1.00 24.92 ? 161 PRO A C   1 
ATOM   1300 O  O   . PRO A 1 164 ? 5.868   -7.873  -13.853 1.00 24.78 ? 161 PRO A O   1 
ATOM   1301 C  CB  . PRO A 1 164 ? 7.036   -7.779  -16.811 1.00 25.45 ? 161 PRO A CB  1 
ATOM   1302 C  CG  . PRO A 1 164 ? 7.802   -8.929  -17.451 1.00 26.14 ? 161 PRO A CG  1 
ATOM   1303 C  CD  . PRO A 1 164 ? 7.950   -9.889  -16.285 1.00 25.67 ? 161 PRO A CD  1 
ATOM   1304 N  N   . HIS A 1 165 ? 6.853   -5.821  -14.055 1.00 23.23 ? 162 HIS A N   1 
ATOM   1305 C  CA  . HIS A 1 165 ? 5.996   -5.098  -13.119 1.00 24.30 ? 162 HIS A CA  1 
ATOM   1306 C  C   . HIS A 1 165 ? 5.627   -3.757  -13.764 1.00 25.20 ? 162 HIS A C   1 
ATOM   1307 O  O   . HIS A 1 165 ? 6.343   -3.265  -14.641 1.00 26.70 ? 162 HIS A O   1 
ATOM   1308 C  CB  . HIS A 1 165 ? 6.720   -4.793  -11.787 1.00 23.68 ? 162 HIS A CB  1 
ATOM   1309 C  CG  . HIS A 1 165 ? 7.052   -5.996  -10.972 1.00 24.65 ? 162 HIS A CG  1 
ATOM   1310 N  ND1 . HIS A 1 165 ? 6.547   -6.204  -9.700  1.00 26.46 ? 162 HIS A ND1 1 
ATOM   1311 C  CD2 . HIS A 1 165 ? 7.859   -7.048  -11.232 1.00 22.90 ? 162 HIS A CD2 1 
ATOM   1312 C  CE1 . HIS A 1 165 ? 7.026   -7.340  -9.220  1.00 24.36 ? 162 HIS A CE1 1 
ATOM   1313 N  NE2 . HIS A 1 165 ? 7.831   -7.862  -10.128 1.00 27.33 ? 162 HIS A NE2 1 
ATOM   1314 N  N   . TYR A 1 166 ? 4.522   -3.169  -13.336 1.00 26.33 ? 163 TYR A N   1 
ATOM   1315 C  CA  . TYR A 1 166 ? 4.156   -1.826  -13.760 1.00 27.12 ? 163 TYR A CA  1 
ATOM   1316 C  C   . TYR A 1 166 ? 4.609   -0.836  -12.689 1.00 27.94 ? 163 TYR A C   1 
ATOM   1317 O  O   . TYR A 1 166 ? 4.592   -1.156  -11.521 1.00 28.23 ? 163 TYR A O   1 
ATOM   1318 C  CB  . TYR A 1 166 ? 2.638   -1.691  -13.862 1.00 28.10 ? 163 TYR A CB  1 
ATOM   1319 C  CG  . TYR A 1 166 ? 2.005   -2.323  -15.096 1.00 28.53 ? 163 TYR A CG  1 
ATOM   1320 C  CD1 . TYR A 1 166 ? 2.507   -2.063  -16.369 1.00 29.25 ? 163 TYR A CD1 1 
ATOM   1321 C  CD2 . TYR A 1 166 ? 0.875   -3.143  -14.977 1.00 29.88 ? 163 TYR A CD2 1 
ATOM   1322 C  CE1 . TYR A 1 166 ? 1.909   -2.622  -17.523 1.00 29.29 ? 163 TYR A CE1 1 
ATOM   1323 C  CE2 . TYR A 1 166 ? 0.247   -3.721  -16.123 1.00 29.85 ? 163 TYR A CE2 1 
ATOM   1324 C  CZ  . TYR A 1 166 ? 0.777   -3.445  -17.377 1.00 29.23 ? 163 TYR A CZ  1 
ATOM   1325 O  OH  . TYR A 1 166 ? 0.205   -3.986  -18.478 1.00 30.09 ? 163 TYR A OH  1 
ATOM   1326 N  N   . LYS A 1 167 ? 4.980   0.366   -13.106 1.00 28.17 ? 164 LYS A N   1 
ATOM   1327 C  CA  . LYS A 1 167 ? 5.082   1.483   -12.202 1.00 29.41 ? 164 LYS A CA  1 
ATOM   1328 C  C   . LYS A 1 167 ? 3.785   2.259   -12.413 1.00 29.33 ? 164 LYS A C   1 
ATOM   1329 O  O   . LYS A 1 167 ? 3.444   2.588   -13.559 1.00 29.15 ? 164 LYS A O   1 
ATOM   1330 C  CB  . LYS A 1 167 ? 6.290   2.330   -12.575 1.00 31.53 ? 164 LYS A CB  1 
ATOM   1331 C  CG  . LYS A 1 167 ? 7.061   2.841   -11.376 1.00 37.03 ? 164 LYS A CG  1 
ATOM   1332 C  CD  . LYS A 1 167 ? 8.117   3.883   -11.749 1.00 38.22 ? 164 LYS A CD  1 
ATOM   1333 C  CE  . LYS A 1 167 ? 8.570   4.630   -10.507 1.00 40.88 ? 164 LYS A CE  1 
ATOM   1334 N  NZ  . LYS A 1 167 ? 8.725   6.099   -10.818 1.00 42.36 ? 164 LYS A NZ  1 
HETATM 1335 N  N   . MSE A 1 168 ? 3.042   2.518   -11.332 1.00 28.21 ? 165 MSE A N   1 
HETATM 1336 C  CA  . MSE A 1 168 ? 1.737   3.189   -11.439 1.00 26.95 ? 165 MSE A CA  1 
HETATM 1337 C  C   . MSE A 1 168 ? 1.730   4.391   -10.520 1.00 27.12 ? 165 MSE A C   1 
HETATM 1338 O  O   . MSE A 1 168 ? 2.360   4.358   -9.470  1.00 26.95 ? 165 MSE A O   1 
HETATM 1339 C  CB  . MSE A 1 168 ? 0.599   2.231   -11.073 1.00 26.13 ? 165 MSE A CB  1 
HETATM 1340 C  CG  . MSE A 1 168 ? 0.605   0.957   -11.923 1.00 25.57 ? 165 MSE A CG  1 
HETATM 1341 SE SE  . MSE A 1 168 ? -0.828  -0.287  -11.595 0.70 23.77 ? 165 MSE A SE  1 
HETATM 1342 C  CE  . MSE A 1 168 ? -2.258  0.756   -12.308 1.00 25.91 ? 165 MSE A CE  1 
ATOM   1343 N  N   . LYS A 1 169 ? 1.013   5.439   -10.909 1.00 26.60 ? 166 LYS A N   1 
ATOM   1344 C  CA  . LYS A 1 169 ? 1.093   6.712   -10.214 1.00 28.76 ? 166 LYS A CA  1 
ATOM   1345 C  C   . LYS A 1 169 ? -0.311  7.280   -10.009 1.00 29.36 ? 166 LYS A C   1 
ATOM   1346 O  O   . LYS A 1 169 ? -1.184  7.165   -10.906 1.00 29.33 ? 166 LYS A O   1 
ATOM   1347 C  CB  . LYS A 1 169 ? 1.979   7.681   -11.023 1.00 28.83 ? 166 LYS A CB  1 
ATOM   1348 C  CG  . LYS A 1 169 ? 2.019   9.123   -10.523 1.00 31.58 ? 166 LYS A CG  1 
ATOM   1349 C  CD  . LYS A 1 169 ? 2.714   10.078  -11.521 1.00 33.42 ? 166 LYS A CD  1 
ATOM   1350 C  CE  . LYS A 1 169 ? 1.749   10.588  -12.578 1.00 35.38 ? 166 LYS A CE  1 
ATOM   1351 N  NZ  . LYS A 1 169 ? 2.365   11.416  -13.713 1.00 36.63 ? 166 LYS A NZ  1 
ATOM   1352 N  N   . LEU A 1 170 ? -0.528  7.856   -8.824  1.00 29.34 ? 167 LEU A N   1 
ATOM   1353 C  CA  A LEU A 1 170 ? -1.787  8.535   -8.499  0.50 29.79 ? 167 LEU A CA  1 
ATOM   1354 C  CA  B LEU A 1 170 ? -1.785  8.547   -8.516  0.50 29.55 ? 167 LEU A CA  1 
ATOM   1355 C  C   . LEU A 1 170 ? -1.526  9.962   -8.035  1.00 29.61 ? 167 LEU A C   1 
ATOM   1356 O  O   . LEU A 1 170 ? -0.658  10.188  -7.197  1.00 28.77 ? 167 LEU A O   1 
ATOM   1357 C  CB  A LEU A 1 170 ? -2.555  7.757   -7.425  0.50 29.45 ? 167 LEU A CB  1 
ATOM   1358 C  CB  B LEU A 1 170 ? -2.617  7.777   -7.481  0.50 28.80 ? 167 LEU A CB  1 
ATOM   1359 C  CG  A LEU A 1 170 ? -3.858  8.342   -6.865  0.50 29.88 ? 167 LEU A CG  1 
ATOM   1360 C  CG  B LEU A 1 170 ? -3.916  8.450   -6.997  0.50 28.79 ? 167 LEU A CG  1 
ATOM   1361 C  CD1 A LEU A 1 170 ? -4.867  8.585   -7.966  0.50 30.05 ? 167 LEU A CD1 1 
ATOM   1362 C  CD1 B LEU A 1 170 ? -5.061  7.455   -6.999  0.50 28.79 ? 167 LEU A CD1 1 
ATOM   1363 C  CD2 A LEU A 1 170 ? -4.427  7.397   -5.829  0.50 29.74 ? 167 LEU A CD2 1 
ATOM   1364 C  CD2 B LEU A 1 170 ? -3.746  9.105   -5.622  0.50 28.37 ? 167 LEU A CD2 1 
ATOM   1365 N  N   . CYS A 1 171 ? -2.291  10.906  -8.580  1.00 29.85 ? 168 CYS A N   1 
ATOM   1366 C  CA  A CYS A 1 171 ? -2.204  12.300  -8.163  0.50 30.18 ? 168 CYS A CA  1 
ATOM   1367 C  CA  B CYS A 1 171 ? -2.211  12.299  -8.146  0.50 31.57 ? 168 CYS A CA  1 
ATOM   1368 C  C   . CYS A 1 171 ? -3.175  12.592  -7.016  1.00 30.83 ? 168 CYS A C   1 
ATOM   1369 O  O   . CYS A 1 171 ? -4.392  12.575  -7.204  1.00 30.93 ? 168 CYS A O   1 
ATOM   1370 C  CB  A CYS A 1 171 ? -2.456  13.230  -9.348  0.50 29.76 ? 168 CYS A CB  1 
ATOM   1371 C  CB  B CYS A 1 171 ? -2.431  13.258  -9.306  0.50 32.90 ? 168 CYS A CB  1 
ATOM   1372 S  SG  A CYS A 1 171 ? -2.655  14.942  -8.881  0.50 29.22 ? 168 CYS A SG  1 
ATOM   1373 S  SG  B CYS A 1 171 ? -0.891  13.776  -10.016 0.50 36.97 ? 168 CYS A SG  1 
ATOM   1374 N  N   . ILE A 1 172 ? -2.624  12.870  -5.838  1.00 30.31 ? 169 ILE A N   1 
ATOM   1375 C  CA  . ILE A 1 172 ? -3.451  13.097  -4.645  1.00 30.67 ? 169 ILE A CA  1 
ATOM   1376 C  C   . ILE A 1 172 ? -4.436  14.259  -4.840  1.00 31.99 ? 169 ILE A C   1 
ATOM   1377 O  O   . ILE A 1 172 ? -5.589  14.173  -4.417  1.00 31.10 ? 169 ILE A O   1 
ATOM   1378 C  CB  . ILE A 1 172 ? -2.572  13.208  -3.374  1.00 30.76 ? 169 ILE A CB  1 
ATOM   1379 C  CG1 . ILE A 1 172 ? -1.774  11.890  -3.213  1.00 30.56 ? 169 ILE A CG1 1 
ATOM   1380 C  CG2 . ILE A 1 172 ? -3.379  13.604  -2.119  1.00 31.32 ? 169 ILE A CG2 1 
ATOM   1381 C  CD1 . ILE A 1 172 ? -1.014  11.731  -1.894  1.00 29.87 ? 169 ILE A CD1 1 
ATOM   1382 N  N   . GLU A 1 173 ? -4.011  15.313  -5.534  1.00 32.43 ? 170 GLU A N   1 
ATOM   1383 C  CA  . GLU A 1 173 ? -4.893  16.460  -5.730  1.00 34.84 ? 170 GLU A CA  1 
ATOM   1384 C  C   . GLU A 1 173 ? -6.040  16.171  -6.707  1.00 35.32 ? 170 GLU A C   1 
ATOM   1385 O  O   . GLU A 1 173 ? -7.148  16.659  -6.506  1.00 35.82 ? 170 GLU A O   1 
ATOM   1386 C  CB  . GLU A 1 173 ? -4.107  17.722  -6.084  1.00 36.02 ? 170 GLU A CB  1 
ATOM   1387 C  CG  . GLU A 1 173 ? -3.278  18.306  -4.904  1.00 37.36 ? 170 GLU A CG  1 
ATOM   1388 C  CD  . GLU A 1 173 ? -4.101  18.714  -3.651  1.00 38.94 ? 170 GLU A CD  1 
ATOM   1389 O  OE1 . GLU A 1 173 ? -5.119  19.430  -3.771  1.00 38.82 ? 170 GLU A OE1 1 
ATOM   1390 O  OE2 . GLU A 1 173 ? -3.705  18.333  -2.522  1.00 40.29 ? 170 GLU A OE2 1 
ATOM   1391 N  N   . ASP A 1 174 ? -5.796  15.340  -7.719  1.00 35.39 ? 171 ASP A N   1 
ATOM   1392 C  CA  . ASP A 1 174 ? -6.884  14.803  -8.537  1.00 36.25 ? 171 ASP A CA  1 
ATOM   1393 C  C   . ASP A 1 174 ? -7.836  13.978  -7.698  1.00 36.15 ? 171 ASP A C   1 
ATOM   1394 O  O   . ASP A 1 174 ? -9.051  14.116  -7.829  1.00 35.75 ? 171 ASP A O   1 
ATOM   1395 C  CB  . ASP A 1 174 ? -6.362  13.915  -9.656  1.00 37.97 ? 171 ASP A CB  1 
ATOM   1396 C  CG  . ASP A 1 174 ? -5.780  14.697  -10.796 1.00 40.17 ? 171 ASP A CG  1 
ATOM   1397 O  OD1 . ASP A 1 174 ? -6.180  15.863  -11.001 1.00 41.38 ? 171 ASP A OD1 1 
ATOM   1398 O  OD2 . ASP A 1 174 ? -4.905  14.147  -11.499 1.00 42.59 ? 171 ASP A OD2 1 
ATOM   1399 N  N   . LEU A 1 175 ? -7.280  13.113  -6.851  1.00 35.98 ? 172 LEU A N   1 
ATOM   1400 C  CA  . LEU A 1 175 ? -8.093  12.294  -5.958  1.00 36.39 ? 172 LEU A CA  1 
ATOM   1401 C  C   . LEU A 1 175 ? -9.063  13.166  -5.163  1.00 37.61 ? 172 LEU A C   1 
ATOM   1402 O  O   . LEU A 1 175 ? -10.256 12.888  -5.134  1.00 36.15 ? 172 LEU A O   1 
ATOM   1403 C  CB  . LEU A 1 175 ? -7.235  11.444  -5.011  1.00 35.96 ? 172 LEU A CB  1 
ATOM   1404 C  CG  . LEU A 1 175 ? -8.004  10.720  -3.881  1.00 36.04 ? 172 LEU A CG  1 
ATOM   1405 C  CD1 . LEU A 1 175 ? -9.142  9.853   -4.435  1.00 36.49 ? 172 LEU A CD1 1 
ATOM   1406 C  CD2 . LEU A 1 175 ? -7.092  9.879   -2.960  1.00 34.39 ? 172 LEU A CD2 1 
ATOM   1407 N  N   . LYS A 1 176 ? -8.545  14.217  -4.528  1.00 38.93 ? 173 LYS A N   1 
ATOM   1408 C  CA  . LYS A 1 176 ? -9.380  15.138  -3.748  1.00 40.51 ? 173 LYS A CA  1 
ATOM   1409 C  C   . LYS A 1 176 ? -10.468 15.823  -4.583  1.00 43.55 ? 173 LYS A C   1 
ATOM   1410 O  O   . LYS A 1 176 ? -11.645 15.823  -4.215  1.00 44.31 ? 173 LYS A O   1 
ATOM   1411 C  CB  . LYS A 1 176 ? -8.509  16.195  -3.061  1.00 38.80 ? 173 LYS A CB  1 
ATOM   1412 C  CG  . LYS A 1 176 ? -7.535  15.615  -2.029  1.00 35.54 ? 173 LYS A CG  1 
ATOM   1413 C  CD  . LYS A 1 176 ? -6.796  16.735  -1.328  1.00 34.15 ? 173 LYS A CD  1 
ATOM   1414 C  CE  . LYS A 1 176 ? -5.674  16.206  -0.462  1.00 32.16 ? 173 LYS A CE  1 
ATOM   1415 N  NZ  . LYS A 1 176 ? -4.914  17.333  0.163   1.00 30.01 ? 173 LYS A NZ  1 
ATOM   1416 N  N   . LYS A 1 177 ? -10.077 16.397  -5.709  1.00 46.53 ? 174 LYS A N   1 
ATOM   1417 C  CA  . LYS A 1 177 ? -11.025 17.115  -6.546  1.00 49.79 ? 174 LYS A CA  1 
ATOM   1418 C  C   . LYS A 1 177 ? -12.123 16.184  -7.065  1.00 52.24 ? 174 LYS A C   1 
ATOM   1419 O  O   . LYS A 1 177 ? -13.263 16.608  -7.258  1.00 52.84 ? 174 LYS A O   1 
ATOM   1420 C  CB  . LYS A 1 177 ? -10.311 17.838  -7.688  1.00 49.59 ? 174 LYS A CB  1 
ATOM   1421 C  CG  . LYS A 1 177 ? -9.638  19.133  -7.258  1.00 50.26 ? 174 LYS A CG  1 
ATOM   1422 C  CD  . LYS A 1 177 ? -8.685  19.656  -8.320  1.00 50.06 ? 174 LYS A CD  1 
ATOM   1423 C  CE  . LYS A 1 177 ? -7.949  20.906  -7.838  1.00 49.93 ? 174 LYS A CE  1 
ATOM   1424 N  NZ  . LYS A 1 177 ? -6.763  21.216  -8.701  1.00 49.56 ? 174 LYS A NZ  1 
ATOM   1425 N  N   . GLN A 1 178 ? -11.775 14.913  -7.254  1.00 55.08 ? 175 GLN A N   1 
ATOM   1426 C  CA  . GLN A 1 178 ? -12.716 13.908  -7.741  1.00 56.85 ? 175 GLN A CA  1 
ATOM   1427 C  C   . GLN A 1 178 ? -13.411 13.171  -6.600  1.00 57.42 ? 175 GLN A C   1 
ATOM   1428 O  O   . GLN A 1 178 ? -14.328 12.378  -6.831  1.00 58.01 ? 175 GLN A O   1 
ATOM   1429 C  CB  . GLN A 1 178 ? -12.003 12.921  -8.666  1.00 58.07 ? 175 GLN A CB  1 
ATOM   1430 C  CG  . GLN A 1 178 ? -11.564 13.547  -9.990  1.00 59.66 ? 175 GLN A CG  1 
ATOM   1431 C  CD  . GLN A 1 178 ? -11.351 12.523  -11.098 1.00 60.55 ? 175 GLN A CD  1 
ATOM   1432 O  OE1 . GLN A 1 178 ? -10.498 11.634  -10.993 1.00 61.47 ? 175 GLN A OE1 1 
ATOM   1433 N  NE2 . GLN A 1 178 ? -12.119 12.659  -12.178 1.00 60.90 ? 175 GLN A NE2 1 
ATOM   1434 N  N   . ARG A 1 179 ? -12.972 13.447  -5.373  1.00 57.86 ? 176 ARG A N   1 
ATOM   1435 C  CA  . ARG A 1 179 ? -13.512 12.817  -4.161  1.00 57.86 ? 176 ARG A CA  1 
ATOM   1436 C  C   . ARG A 1 179 ? -14.693 13.622  -3.615  1.00 58.12 ? 176 ARG A C   1 
ATOM   1437 O  O   . ARG A 1 179 ? -15.174 14.560  -4.264  1.00 58.49 ? 176 ARG A O   1 
ATOM   1438 C  CB  . ARG A 1 179 ? -12.399 12.687  -3.115  1.00 58.11 ? 176 ARG A CB  1 
ATOM   1439 C  CG  . ARG A 1 179 ? -12.810 12.199  -1.741  1.00 58.58 ? 176 ARG A CG  1 
ATOM   1440 C  CD  . ARG A 1 179 ? -12.833 10.683  -1.621  1.00 58.58 ? 176 ARG A CD  1 
ATOM   1441 N  NE  . ARG A 1 179 ? -13.444 10.315  -0.345  1.00 58.73 ? 176 ARG A NE  1 
ATOM   1442 C  CZ  . ARG A 1 179 ? -13.687 9.075   0.078   1.00 59.07 ? 176 ARG A CZ  1 
ATOM   1443 N  NH1 . ARG A 1 179 ? -13.372 8.014   -0.661  1.00 58.79 ? 176 ARG A NH1 1 
ATOM   1444 N  NH2 . ARG A 1 179 ? -14.255 8.899   1.263   1.00 59.07 ? 176 ARG A NH2 1 
HETATM 1445 P  P   . PO4 B 2 .   ? -20.476 -4.376  3.818   1.00 39.37 ? 180 PO4 A P   1 
HETATM 1446 O  O1  . PO4 B 2 .   ? -20.514 -5.638  4.691   1.00 35.92 ? 180 PO4 A O1  1 
HETATM 1447 O  O2  . PO4 B 2 .   ? -20.896 -3.217  4.697   1.00 38.52 ? 180 PO4 A O2  1 
HETATM 1448 O  O3  . PO4 B 2 .   ? -19.041 -4.174  3.362   1.00 39.31 ? 180 PO4 A O3  1 
HETATM 1449 O  O4  . PO4 B 2 .   ? -21.366 -4.432  2.604   1.00 37.61 ? 180 PO4 A O4  1 
HETATM 1450 C  C   . ACT C 3 .   ? -17.559 -6.839  5.347   1.00 42.49 ? 181 ACT A C   1 
HETATM 1451 O  O   . ACT C 3 .   ? -18.152 -6.020  6.109   1.00 39.59 ? 181 ACT A O   1 
HETATM 1452 O  OXT . ACT C 3 .   ? -17.528 -8.029  5.775   1.00 43.64 ? 181 ACT A OXT 1 
HETATM 1453 C  CH3 . ACT C 3 .   ? -16.992 -6.447  3.994   1.00 39.81 ? 181 ACT A CH3 1 
HETATM 1454 C  C1  . CHX D 4 .   ? 1.815   -6.804  -4.146  1.00 51.46 ? 182 CHX A C1  1 
HETATM 1455 C  C2  . CHX D 4 .   ? 1.150   -6.142  -2.936  1.00 49.97 ? 182 CHX A C2  1 
HETATM 1456 C  C3  . CHX D 4 .   ? 1.568   -4.673  -2.797  1.00 50.23 ? 182 CHX A C3  1 
HETATM 1457 C  C4  . CHX D 4 .   ? 1.060   -3.834  -3.976  1.00 50.70 ? 182 CHX A C4  1 
HETATM 1458 C  C5  . CHX D 4 .   ? 0.994   -4.630  -5.293  1.00 50.10 ? 182 CHX A C5  1 
HETATM 1459 C  C6  . CHX D 4 .   ? 1.941   -5.845  -5.346  1.00 50.60 ? 182 CHX A C6  1 
HETATM 1460 C  C   . FMT E 5 .   ? 11.691  -14.320 -5.191  1.00 51.11 ? 183 FMT A C   1 
HETATM 1461 O  O1  . FMT E 5 .   ? 12.726  -14.250 -4.505  1.00 49.36 ? 183 FMT A O1  1 
HETATM 1462 O  O2  . FMT E 5 .   ? 10.839  -15.232 -5.147  1.00 51.41 ? 183 FMT A O2  1 
HETATM 1463 C  C   . FMT F 5 .   ? -13.796 7.407   11.149  1.00 64.34 ? 184 FMT A C   1 
HETATM 1464 O  O1  . FMT F 5 .   ? -13.057 6.663   10.505  1.00 64.39 ? 184 FMT A O1  1 
HETATM 1465 O  O2  . FMT F 5 .   ? -14.433 8.329   10.630  1.00 64.66 ? 184 FMT A O2  1 
HETATM 1466 C  C   . FMT G 5 .   ? -1.215  -18.472 9.340   1.00 58.63 ? 185 FMT A C   1 
HETATM 1467 O  O1  . FMT G 5 .   ? -0.651  -18.236 8.263   1.00 56.31 ? 185 FMT A O1  1 
HETATM 1468 O  O2  . FMT G 5 .   ? -0.732  -19.102 10.299  1.00 58.63 ? 185 FMT A O2  1 
HETATM 1469 C  C   . FMT H 5 .   ? -18.142 -1.595  -2.590  1.00 71.38 ? 186 FMT A C   1 
HETATM 1470 O  O1  . FMT H 5 .   ? -17.693 -0.593  -2.038  1.00 71.14 ? 186 FMT A O1  1 
HETATM 1471 O  O2  . FMT H 5 .   ? -18.627 -2.551  -1.988  1.00 71.29 ? 186 FMT A O2  1 
HETATM 1472 C  C1  . EDO I 6 .   ? -5.811  -6.386  -5.431  1.00 47.56 ? 187 EDO A C1  1 
HETATM 1473 O  O1  . EDO I 6 .   ? -6.424  -7.686  -5.586  1.00 45.53 ? 187 EDO A O1  1 
HETATM 1474 C  C2  . EDO I 6 .   ? -5.355  -6.175  -3.989  1.00 48.79 ? 187 EDO A C2  1 
HETATM 1475 O  O2  . EDO I 6 .   ? -4.016  -5.649  -3.921  1.00 49.43 ? 187 EDO A O2  1 
HETATM 1476 O  O   . HOH J 7 .   ? -8.726  -10.017 11.590  1.00 24.34 ? 188 HOH A O   1 
HETATM 1477 O  O   . HOH J 7 .   ? -16.267 -4.212  -2.606  1.00 27.74 ? 189 HOH A O   1 
HETATM 1478 O  O   . HOH J 7 .   ? 4.475   -10.008 -14.649 1.00 25.84 ? 190 HOH A O   1 
HETATM 1479 O  O   . HOH J 7 .   ? -13.055 1.896   11.425  1.00 26.82 ? 191 HOH A O   1 
HETATM 1480 O  O   . HOH J 7 .   ? -17.751 -3.732  12.110  1.00 57.83 ? 192 HOH A O   1 
HETATM 1481 O  O   . HOH J 7 .   ? 4.592   -0.834  -4.570  1.00 33.89 ? 193 HOH A O   1 
HETATM 1482 O  O   . HOH J 7 .   ? 4.222   -13.853 -8.039  1.00 24.62 ? 194 HOH A O   1 
HETATM 1483 O  O   . HOH J 7 .   ? 2.782   -15.069 20.917  1.00 37.92 ? 195 HOH A O   1 
HETATM 1484 O  O   . HOH J 7 .   ? 0.627   -15.637 13.269  1.00 22.36 ? 196 HOH A O   1 
HETATM 1485 O  O   . HOH J 7 .   ? 2.105   -8.067  -7.450  1.00 31.76 ? 197 HOH A O   1 
HETATM 1486 O  O   . HOH J 7 .   ? -5.494  6.060   14.006  1.00 30.33 ? 198 HOH A O   1 
HETATM 1487 O  O   . HOH J 7 .   ? -4.392  -11.153 -9.810  1.00 33.63 ? 199 HOH A O   1 
HETATM 1488 O  O   . HOH J 7 .   ? -2.870  -13.962 11.320  1.00 25.02 ? 200 HOH A O   1 
HETATM 1489 O  O   . HOH J 7 .   ? 14.415  3.080   14.698  1.00 28.58 ? 201 HOH A O   1 
HETATM 1490 O  O   . HOH J 7 .   ? 9.963   -11.972 -4.269  1.00 37.07 ? 202 HOH A O   1 
HETATM 1491 O  O   . HOH J 7 .   ? 3.992   -10.337 -17.367 1.00 30.12 ? 203 HOH A O   1 
HETATM 1492 O  O   . HOH J 7 .   ? 6.054   6.424   4.938   1.00 31.97 ? 204 HOH A O   1 
HETATM 1493 O  O   . HOH J 7 .   ? -13.447 6.153   -2.700  1.00 44.74 ? 205 HOH A O   1 
HETATM 1494 O  O   . HOH J 7 .   ? -0.574  -10.279 16.896  1.00 36.03 ? 206 HOH A O   1 
HETATM 1495 O  O   . HOH J 7 .   ? 10.346  0.489   17.204  1.00 37.64 ? 207 HOH A O   1 
HETATM 1496 O  O   . HOH J 7 .   ? 4.104   -9.950  -7.003  1.00 30.02 ? 208 HOH A O   1 
HETATM 1497 O  O   . HOH J 7 .   ? -3.067  3.260   -16.710 1.00 35.65 ? 209 HOH A O   1 
HETATM 1498 O  O   . HOH J 7 .   ? 5.007   -5.663  -6.024  1.00 40.95 ? 210 HOH A O   1 
HETATM 1499 O  O   . HOH J 7 .   ? 7.258   -11.287 -3.920  1.00 31.37 ? 211 HOH A O   1 
HETATM 1500 O  O   . HOH J 7 .   ? 4.791   -12.575 -13.712 1.00 25.26 ? 212 HOH A O   1 
HETATM 1501 O  O   . HOH J 7 .   ? -1.338  15.860  -6.274  1.00 31.38 ? 213 HOH A O   1 
HETATM 1502 O  O   . HOH J 7 .   ? -1.909  -15.731 13.341  1.00 29.51 ? 214 HOH A O   1 
HETATM 1503 O  O   . HOH J 7 .   ? -2.047  -8.439  -4.642  1.00 37.31 ? 215 HOH A O   1 
HETATM 1504 O  O   . HOH J 7 .   ? -6.511  20.468  -1.392  1.00 31.47 ? 216 HOH A O   1 
HETATM 1505 O  O   . HOH J 7 .   ? -8.171  -6.265  -3.483  1.00 41.78 ? 217 HOH A O   1 
HETATM 1506 O  O   . HOH J 7 .   ? 9.062   -9.782  11.449  1.00 25.01 ? 218 HOH A O   1 
HETATM 1507 O  O   . HOH J 7 .   ? -3.376  -11.186 -2.332  1.00 44.53 ? 219 HOH A O   1 
HETATM 1508 O  O   . HOH J 7 .   ? 2.096   12.354  5.720   1.00 40.40 ? 220 HOH A O   1 
HETATM 1509 O  O   . HOH J 7 .   ? 8.405   5.992   5.815   1.00 39.09 ? 221 HOH A O   1 
HETATM 1510 O  O   . HOH J 7 .   ? -1.941  -6.510  -15.931 1.00 37.89 ? 222 HOH A O   1 
HETATM 1511 O  O   . HOH J 7 .   ? 14.969  -3.848  6.593   1.00 29.20 ? 223 HOH A O   1 
HETATM 1512 O  O   . HOH J 7 .   ? -7.441  -11.918 10.638  1.00 35.17 ? 224 HOH A O   1 
HETATM 1513 O  O   . HOH J 7 .   ? -4.004  -7.778  -1.374  1.00 39.91 ? 225 HOH A O   1 
HETATM 1514 O  O   . HOH J 7 .   ? -14.828 6.834   2.075   1.00 36.23 ? 226 HOH A O   1 
HETATM 1515 O  O   . HOH J 7 .   ? 9.961   -11.649 12.892  1.00 40.47 ? 227 HOH A O   1 
HETATM 1516 O  O   . HOH J 7 .   ? -16.879 -5.737  -0.494  1.00 33.90 ? 228 HOH A O   1 
HETATM 1517 O  O   . HOH J 7 .   ? -7.970  -3.985  -16.026 1.00 51.44 ? 229 HOH A O   1 
HETATM 1518 O  O   . HOH J 7 .   ? -22.006 -2.480  1.271   1.00 38.71 ? 230 HOH A O   1 
HETATM 1519 O  O   . HOH J 7 .   ? 1.413   -19.802 1.693   1.00 31.22 ? 231 HOH A O   1 
HETATM 1520 O  O   . HOH J 7 .   ? 6.244   -8.066  -6.682  1.00 33.44 ? 232 HOH A O   1 
HETATM 1521 O  O   . HOH J 7 .   ? -15.017 -7.453  0.520   1.00 32.20 ? 233 HOH A O   1 
HETATM 1522 O  O   . HOH J 7 .   ? -5.108  -17.805 1.706   1.00 38.28 ? 234 HOH A O   1 
HETATM 1523 O  O   . HOH J 7 .   ? 4.380   -18.491 -4.329  1.00 36.60 ? 235 HOH A O   1 
HETATM 1524 O  O   . HOH J 7 .   ? 8.846   1.757   -19.074 1.00 41.16 ? 236 HOH A O   1 
HETATM 1525 O  O   . HOH J 7 .   ? -16.448 2.186   10.451  1.00 30.91 ? 237 HOH A O   1 
HETATM 1526 O  O   . HOH J 7 .   ? 0.318   -10.512 -1.776  1.00 37.94 ? 238 HOH A O   1 
HETATM 1527 O  O   . HOH J 7 .   ? -3.920  -12.995 -11.782 1.00 42.91 ? 239 HOH A O   1 
HETATM 1528 O  O   . HOH J 7 .   ? 5.698   0.371   16.435  1.00 38.16 ? 240 HOH A O   1 
HETATM 1529 O  O   . HOH J 7 .   ? 5.169   -1.511  19.788  1.00 32.04 ? 241 HOH A O   1 
HETATM 1530 O  O   . HOH J 7 .   ? -18.288 3.147   3.879   1.00 34.91 ? 242 HOH A O   1 
HETATM 1531 O  O   . HOH J 7 .   ? 1.863   -20.682 -0.845  1.00 40.58 ? 243 HOH A O   1 
HETATM 1532 O  O   . HOH J 7 .   ? 2.593   -10.210 18.173  1.00 40.10 ? 244 HOH A O   1 
HETATM 1533 O  O   . HOH J 7 .   ? -5.752  -13.954 11.794  1.00 34.77 ? 245 HOH A O   1 
HETATM 1534 O  O   . HOH J 7 .   ? -18.916 -1.655  0.608   1.00 56.49 ? 246 HOH A O   1 
HETATM 1535 O  O   . HOH J 7 .   ? 4.515   -10.037 19.925  1.00 46.08 ? 247 HOH A O   1 
HETATM 1536 O  O   . HOH J 7 .   ? -0.434  9.014   -16.705 1.00 45.51 ? 248 HOH A O   1 
HETATM 1537 O  O   . HOH J 7 .   ? 1.029   -21.546 3.796   1.00 52.65 ? 249 HOH A O   1 
HETATM 1538 O  O   . HOH J 7 .   ? 10.627  5.489   4.233   1.00 48.40 ? 250 HOH A O   1 
HETATM 1539 O  O   . HOH J 7 .   ? 11.634  -11.399 -16.723 1.00 33.65 ? 251 HOH A O   1 
HETATM 1540 O  O   . HOH J 7 .   ? 14.346  -5.559  4.582   1.00 35.09 ? 252 HOH A O   1 
HETATM 1541 O  O   . HOH J 7 .   ? -4.406  -9.333  -6.495  1.00 36.87 ? 253 HOH A O   1 
HETATM 1542 O  O   . HOH J 7 .   ? 8.040   3.340   -6.379  1.00 35.63 ? 254 HOH A O   1 
HETATM 1543 O  O   . HOH J 7 .   ? -9.538  -14.619 5.533   1.00 39.21 ? 255 HOH A O   1 
HETATM 1544 O  O   . HOH J 7 .   ? 16.566  -2.952  19.323  1.00 48.15 ? 256 HOH A O   1 
HETATM 1545 O  O   . HOH J 7 .   ? -3.801  -14.601 -4.556  1.00 37.68 ? 257 HOH A O   1 
HETATM 1546 O  O   . HOH J 7 .   ? -1.846  16.686  -1.666  1.00 32.83 ? 258 HOH A O   1 
HETATM 1547 O  O   . HOH J 7 .   ? -11.771 -13.737 6.808   1.00 46.09 ? 259 HOH A O   1 
HETATM 1548 O  O   . HOH J 7 .   ? 13.575  -13.848 -14.459 1.00 34.40 ? 260 HOH A O   1 
HETATM 1549 O  O   . HOH J 7 .   ? 11.267  -15.828 1.886   1.00 34.66 ? 261 HOH A O   1 
HETATM 1550 O  O   . HOH J 7 .   ? -1.968  -13.889 -13.969 1.00 42.71 ? 262 HOH A O   1 
HETATM 1551 O  O   . HOH J 7 .   ? -19.356 -6.388  8.541   1.00 47.51 ? 263 HOH A O   1 
HETATM 1552 O  O   . HOH J 7 .   ? 7.234   -0.765  18.329  1.00 39.95 ? 264 HOH A O   1 
HETATM 1553 O  O   . HOH J 7 .   ? -14.941 2.002   -3.928  1.00 31.27 ? 265 HOH A O   1 
HETATM 1554 O  O   . HOH J 7 .   ? 14.925  -13.545 -16.976 1.00 29.20 ? 266 HOH A O   1 
HETATM 1555 O  O   . HOH J 7 .   ? -15.103 -3.357  -12.145 1.00 55.12 ? 267 HOH A O   1 
HETATM 1556 O  O   . HOH J 7 .   ? -2.413  -8.927  21.104  1.00 55.99 ? 268 HOH A O   1 
HETATM 1557 O  O   . HOH J 7 .   ? 11.603  -6.467  -1.763  1.00 48.24 ? 269 HOH A O   1 
HETATM 1558 O  O   . HOH J 7 .   ? -0.316  -15.102 17.937  1.00 42.59 ? 270 HOH A O   1 
HETATM 1559 O  O   . HOH J 7 .   ? -17.940 0.254   2.443   1.00 33.68 ? 271 HOH A O   1 
HETATM 1560 O  O   . HOH J 7 .   ? 13.669  -12.065 6.783   1.00 42.40 ? 272 HOH A O   1 
HETATM 1561 O  O   . HOH J 7 .   ? -5.593  -12.910 -7.957  1.00 39.65 ? 273 HOH A O   1 
HETATM 1562 O  O   . HOH J 7 .   ? -3.475  -15.290 9.079   1.00 36.42 ? 274 HOH A O   1 
HETATM 1563 O  O   . HOH J 7 .   ? 10.904  -15.420 4.594   1.00 29.87 ? 275 HOH A O   1 
HETATM 1564 O  O   . HOH J 7 .   ? 12.841  -14.825 6.122   1.00 28.94 ? 276 HOH A O   1 
HETATM 1565 O  O   . HOH J 7 .   ? -3.939  10.523  -10.643 1.00 38.87 ? 277 HOH A O   1 
# 
